data_2WC0
#
_entry.id   2WC0
#
_cell.length_a   263.169
_cell.length_b   263.169
_cell.length_c   90.875
_cell.angle_alpha   90.00
_cell.angle_beta   90.00
_cell.angle_gamma   120.00
#
_symmetry.space_group_name_H-M   'P 65'
#
loop_
_entity.id
_entity.type
_entity.pdbx_description
1 polymer 'INSULIN-DEGRADING ENZYME'
2 polymer 'INSULIN A CHAIN'
3 polymer 'INSULIN B CHAIN'
4 non-polymer 'ZINC ION'
5 non-polymer '1,4-DIETHYLENE DIOXIDE'
6 water water
#
loop_
_entity_poly.entity_id
_entity_poly.type
_entity_poly.pdbx_seq_one_letter_code
_entity_poly.pdbx_strand_id
1 'polypeptide(L)'
;MHHHHHHAAGIPMNNPAIKRIGNHITKSPEDKREYRGLELANGIKVLLISDPTTDKSSAALDVHIGSLSDPPNIAGLSHF
LQHMLFLGTKKYPKENEYSQFLSEHAGSSNAFTSGEHTNYYFDVSHEHLEGALDRFAQFFLSPLFDESAKDREVNAVDSE
HEKNVMNDAWRLFQLEKATGNPKHPFSKFGTGNKYTLETRPNQEGIDVRQELLKFHSAYYSSNLMAVVVLGRESLDDLTN
LVVKLFSEVENKNVPLPEFPEHPFQEEHLKQLYKIVPIKDIRNLYVTFPIPDLQKYYKSNPGHYLGHLIGHEGPGSLLSE
LKSKGWVNTLVGGQKEGARGFMFFIINVDLTEEGLLHVEDIILHMFQYIQKLRAEGPQEWVFQELKDLNAVAFRFKDKER
PRGYTSKIAGILHYYPLEEVLTAEYLLEEFRPDLIEMVLDKLRPENVRVAIVSKSFEGKTDRTEEWYGTQYKQEAIPDEV
IKKWQNADLNGKFKLPTKNEFIPTNFEILPLEKEATPYPALIKDTAMSKLWFKQDDKFFLPKANLNFEFFSPFAYVDPLH
SNMAYLYLELLKDSLNEYAYAAELAGLSYDLQNTIYGMYLSVKGYNDKQPILLKKIIEKMATFEIDEKRFEIIKEAYMRS
LNNFRAEQPHQHAMYYLRLLMTEVAWTKDELKEALDDVTLPRLKAFIPQLLSRLHIEALLHGNITKQAALGIMQMVEDTL
IEHAHTKPLLPSQLVRYREVQLPDRGWFVYQQRNEVHNNSGIEIYYQTDMQSTSENMFLELFAQIISEPAFNTLRTKEQL
GYIVFSGPRRANGIQGLRFIIQSEKPPHYLESRVEAFLITMEKSIEDMTEEAFQKHIQALAIRRLDKPKKLSAESAKYWG
EIISQQYNFDRDNTEVAYLKTLTKEDIIKFYKEMLAVDAPRRHKVSVHVLAREMDSNPVVGEFPAQNDINLSQAPALPQP
EVIQNMTEFKRGLPLFPLVKPHINFMAAKL
;
A,B
2 'polypeptide(L)' GIVEQCCTSICSLYQLENYCN C,E
3 'polypeptide(L)' FVNQHLCGSHLVEALYLVCGERGFFYTPKT D,F
#
loop_
_chem_comp.id
_chem_comp.type
_chem_comp.name
_chem_comp.formula
DIO non-polymer '1,4-DIETHYLENE DIOXIDE' 'C4 H8 O2'
ZN non-polymer 'ZINC ION' 'Zn 2'
#
# COMPACT_ATOMS: atom_id res chain seq x y z
N ASN A 14 3.62 -38.84 12.32
CA ASN A 14 3.64 -38.43 10.88
C ASN A 14 2.95 -37.06 10.51
N ASN A 15 3.31 -36.52 9.32
CA ASN A 15 2.75 -35.27 8.71
C ASN A 15 2.43 -35.50 7.23
N PRO A 16 1.17 -35.29 6.81
CA PRO A 16 0.88 -35.56 5.37
C PRO A 16 1.60 -34.68 4.39
N ALA A 17 1.92 -33.46 4.78
CA ALA A 17 2.49 -32.45 3.85
C ALA A 17 3.98 -32.69 3.47
N ILE A 18 4.66 -33.43 4.33
CA ILE A 18 6.04 -33.64 4.18
C ILE A 18 6.31 -35.06 3.63
N LYS A 19 6.93 -35.25 2.48
CA LYS A 19 7.37 -36.61 2.12
C LYS A 19 8.46 -37.19 3.02
N ARG A 20 9.23 -36.42 3.75
CA ARG A 20 10.39 -36.90 4.56
C ARG A 20 10.94 -35.64 5.28
N ILE A 21 11.94 -35.83 6.17
CA ILE A 21 12.98 -34.92 6.68
C ILE A 21 14.27 -35.61 6.36
N GLY A 22 15.32 -34.89 6.01
CA GLY A 22 16.52 -35.60 5.65
C GLY A 22 17.26 -35.82 6.94
N ASN A 23 18.40 -36.49 6.91
CA ASN A 23 19.25 -36.53 8.11
C ASN A 23 19.96 -35.22 8.38
N HIS A 24 20.80 -35.21 9.41
CA HIS A 24 21.66 -34.10 9.78
C HIS A 24 22.34 -33.52 8.55
N ILE A 25 22.34 -32.21 8.38
CA ILE A 25 22.91 -31.66 7.19
C ILE A 25 24.34 -31.27 7.55
N THR A 26 25.32 -31.84 6.83
CA THR A 26 26.75 -31.62 7.15
C THR A 26 27.14 -30.16 6.93
N LYS A 27 27.67 -29.53 7.96
CA LYS A 27 28.10 -28.13 7.96
C LYS A 27 29.54 -27.96 8.48
N SER A 28 30.18 -26.81 8.22
CA SER A 28 31.50 -26.66 8.77
C SER A 28 31.32 -26.60 10.27
N PRO A 29 32.30 -27.05 11.09
CA PRO A 29 32.08 -26.87 12.57
C PRO A 29 32.23 -25.47 13.00
N GLU A 30 32.72 -24.58 12.16
CA GLU A 30 32.56 -23.16 12.49
C GLU A 30 31.15 -22.62 12.33
N ASP A 31 30.22 -23.30 11.64
CA ASP A 31 28.98 -22.68 11.30
C ASP A 31 28.00 -22.78 12.46
N LYS A 32 27.63 -21.66 13.00
CA LYS A 32 26.80 -21.79 14.14
C LYS A 32 25.32 -21.83 13.68
N ARG A 33 25.07 -21.48 12.40
CA ARG A 33 23.74 -21.54 11.87
C ARG A 33 23.27 -22.98 11.98
N GLU A 34 21.97 -23.17 11.94
CA GLU A 34 21.37 -24.45 12.17
C GLU A 34 20.46 -24.82 10.94
N TYR A 35 20.32 -26.10 10.57
CA TYR A 35 19.84 -26.51 9.23
C TYR A 35 18.92 -27.73 9.23
N ARG A 36 17.88 -27.75 8.41
CA ARG A 36 17.05 -28.90 8.24
C ARG A 36 16.63 -28.93 6.79
N GLY A 37 16.87 -30.04 6.08
CA GLY A 37 16.46 -30.27 4.73
C GLY A 37 15.21 -31.14 4.77
N LEU A 38 14.44 -31.10 3.70
CA LEU A 38 13.26 -31.94 3.66
C LEU A 38 12.68 -31.89 2.30
N GLU A 39 11.77 -32.79 2.02
CA GLU A 39 11.07 -32.84 0.74
C GLU A 39 9.59 -32.83 1.01
N LEU A 40 8.86 -31.87 0.47
CA LEU A 40 7.42 -31.86 0.63
C LEU A 40 6.68 -33.00 -0.14
N ALA A 41 5.43 -33.22 0.25
CA ALA A 41 4.56 -34.22 -0.47
C ALA A 41 4.43 -33.94 -1.97
N ASN A 42 4.33 -32.67 -2.36
CA ASN A 42 4.32 -32.35 -3.78
C ASN A 42 5.70 -32.33 -4.45
N GLY A 43 6.79 -32.61 -3.69
CA GLY A 43 8.09 -32.83 -4.33
C GLY A 43 9.12 -31.67 -4.31
N ILE A 44 8.79 -30.52 -3.73
CA ILE A 44 9.72 -29.43 -3.55
C ILE A 44 10.72 -29.91 -2.58
N LYS A 45 11.99 -29.73 -2.94
CA LYS A 45 13.13 -29.94 -2.03
C LYS A 45 13.35 -28.63 -1.27
N VAL A 46 13.51 -28.74 0.04
CA VAL A 46 13.57 -27.59 0.85
C VAL A 46 14.78 -27.65 1.78
N LEU A 47 15.63 -26.59 1.80
CA LEU A 47 16.54 -26.37 2.95
C LEU A 47 16.06 -25.29 3.89
N LEU A 48 16.07 -25.53 5.19
CA LEU A 48 15.68 -24.47 6.17
C LEU A 48 16.89 -23.97 6.94
N ILE A 49 17.06 -22.69 7.07
CA ILE A 49 18.30 -22.24 7.74
C ILE A 49 17.92 -21.36 8.93
N SER A 50 18.30 -21.73 10.12
CA SER A 50 17.98 -20.92 11.28
C SER A 50 19.22 -20.27 11.78
N ASP A 51 19.13 -18.92 11.84
CA ASP A 51 20.17 -18.00 12.32
C ASP A 51 19.59 -16.92 13.24
N PRO A 52 19.51 -17.25 14.54
CA PRO A 52 18.72 -16.39 15.46
C PRO A 52 19.39 -15.05 15.57
N THR A 53 20.61 -14.95 15.11
CA THR A 53 21.19 -13.62 15.12
C THR A 53 21.08 -12.76 13.80
N THR A 54 20.51 -13.25 12.72
CA THR A 54 20.61 -12.56 11.43
C THR A 54 19.76 -11.31 11.42
N ASP A 55 20.26 -10.28 10.73
CA ASP A 55 19.50 -9.05 10.55
C ASP A 55 18.47 -9.10 9.45
N LYS A 56 18.81 -9.63 8.30
CA LYS A 56 17.82 -9.77 7.28
C LYS A 56 17.52 -11.23 7.12
N SER A 57 16.28 -11.61 6.83
CA SER A 57 15.97 -12.99 6.48
C SER A 57 15.82 -13.04 4.96
N SER A 58 15.73 -14.23 4.38
CA SER A 58 15.80 -14.37 2.95
C SER A 58 15.16 -15.67 2.46
N ALA A 59 14.67 -15.71 1.24
CA ALA A 59 14.28 -17.01 0.68
C ALA A 59 14.58 -16.96 -0.76
N ALA A 60 14.65 -18.11 -1.38
CA ALA A 60 14.83 -18.20 -2.82
C ALA A 60 14.13 -19.46 -3.31
N LEU A 61 13.77 -19.48 -4.57
CA LEU A 61 13.14 -20.67 -5.14
C LEU A 61 13.79 -20.76 -6.46
N ASP A 62 14.15 -21.96 -6.79
CA ASP A 62 14.75 -22.20 -8.06
C ASP A 62 13.94 -23.28 -8.76
N VAL A 63 13.51 -22.98 -9.96
CA VAL A 63 12.74 -23.87 -10.79
C VAL A 63 13.69 -24.37 -11.79
N HIS A 64 13.70 -25.70 -11.89
CA HIS A 64 14.58 -26.32 -12.85
C HIS A 64 14.11 -26.22 -14.31
N ILE A 65 13.68 -25.03 -14.73
CA ILE A 65 13.33 -24.80 -16.10
C ILE A 65 13.89 -23.50 -16.55
N GLY A 66 14.33 -23.45 -17.79
CA GLY A 66 14.78 -22.19 -18.40
C GLY A 66 14.74 -22.12 -19.91
N SER A 67 15.58 -21.28 -20.51
CA SER A 67 15.32 -20.88 -21.89
C SER A 67 15.50 -22.01 -22.90
N LEU A 68 16.21 -23.07 -22.50
CA LEU A 68 16.36 -24.19 -23.39
C LEU A 68 14.98 -24.81 -23.66
N SER A 69 14.01 -24.49 -22.79
CA SER A 69 12.67 -24.99 -22.93
C SER A 69 11.73 -23.98 -23.53
N ASP A 70 12.23 -22.91 -24.12
CA ASP A 70 11.35 -21.92 -24.71
C ASP A 70 10.73 -22.51 -25.97
N PRO A 71 9.47 -22.14 -26.27
CA PRO A 71 8.88 -22.62 -27.50
C PRO A 71 9.77 -22.20 -28.66
N PRO A 72 9.99 -23.08 -29.67
CA PRO A 72 10.94 -22.60 -30.76
C PRO A 72 10.45 -21.36 -31.37
N ASN A 73 9.19 -21.06 -31.23
CA ASN A 73 8.67 -19.95 -31.94
C ASN A 73 8.40 -18.74 -31.03
N ILE A 74 8.99 -18.66 -29.86
CA ILE A 74 8.82 -17.44 -29.01
C ILE A 74 10.11 -17.29 -28.13
N ALA A 75 11.23 -16.95 -28.76
CA ALA A 75 12.49 -16.98 -28.11
C ALA A 75 12.35 -15.95 -26.95
N GLY A 76 12.83 -16.32 -25.76
CA GLY A 76 12.82 -15.45 -24.63
C GLY A 76 11.62 -15.64 -23.73
N LEU A 77 10.69 -16.52 -24.09
CA LEU A 77 9.49 -16.64 -23.23
C LEU A 77 9.77 -16.91 -21.75
N SER A 78 10.77 -17.71 -21.40
CA SER A 78 10.97 -17.85 -19.94
C SER A 78 11.71 -16.68 -19.27
N HIS A 79 12.63 -16.04 -19.94
CA HIS A 79 13.16 -14.81 -19.36
C HIS A 79 11.97 -13.82 -19.11
N PHE A 80 11.06 -13.79 -20.09
CA PHE A 80 9.97 -12.84 -19.99
C PHE A 80 9.05 -13.23 -18.89
N LEU A 81 8.74 -14.52 -18.77
CA LEU A 81 7.91 -14.97 -17.70
C LEU A 81 8.49 -14.46 -16.39
N GLN A 82 9.82 -14.51 -16.31
CA GLN A 82 10.50 -14.25 -15.06
C GLN A 82 10.32 -12.75 -14.70
N HIS A 83 10.36 -11.85 -15.68
CA HIS A 83 10.03 -10.47 -15.42
C HIS A 83 8.59 -10.36 -14.91
N MET A 84 7.65 -11.07 -15.57
CA MET A 84 6.22 -10.95 -15.32
C MET A 84 5.85 -11.40 -13.97
N LEU A 85 6.49 -12.43 -13.39
CA LEU A 85 6.04 -12.80 -12.00
C LEU A 85 6.09 -11.70 -10.90
N PHE A 86 6.95 -10.69 -11.10
CA PHE A 86 7.06 -9.59 -10.13
C PHE A 86 5.92 -8.59 -10.26
N LEU A 87 5.00 -8.77 -11.21
CA LEU A 87 4.08 -7.70 -11.46
C LEU A 87 2.68 -8.02 -11.16
N GLY A 88 2.40 -8.86 -10.19
CA GLY A 88 1.07 -8.99 -9.64
C GLY A 88 0.55 -10.39 -9.65
N THR A 89 -0.12 -10.78 -8.59
CA THR A 89 -0.74 -12.10 -8.56
C THR A 89 -2.23 -11.95 -8.08
N LYS A 90 -3.04 -13.02 -8.20
CA LYS A 90 -4.36 -13.04 -7.72
C LYS A 90 -4.48 -12.57 -6.25
N LYS A 91 -3.60 -13.02 -5.35
CA LYS A 91 -3.67 -12.61 -3.94
C LYS A 91 -3.09 -11.19 -3.73
N TYR A 92 -2.07 -10.77 -4.49
CA TYR A 92 -1.52 -9.46 -4.32
C TYR A 92 -1.44 -8.82 -5.70
N PRO A 93 -2.63 -8.32 -6.15
CA PRO A 93 -2.80 -7.78 -7.49
C PRO A 93 -2.13 -6.47 -7.69
N LYS A 94 -1.76 -5.72 -6.65
CA LYS A 94 -1.07 -4.42 -7.04
C LYS A 94 0.24 -4.64 -7.85
N GLU A 95 0.40 -3.97 -8.97
CA GLU A 95 1.50 -4.28 -9.86
C GLU A 95 2.87 -4.35 -9.15
N ASN A 96 3.12 -3.42 -8.20
CA ASN A 96 4.36 -3.36 -7.55
C ASN A 96 4.23 -3.60 -6.03
N GLU A 97 3.18 -4.31 -5.60
CA GLU A 97 3.03 -4.69 -4.21
C GLU A 97 4.25 -5.33 -3.65
N TYR A 98 4.80 -6.24 -4.42
CA TYR A 98 5.93 -6.99 -3.97
C TYR A 98 7.19 -6.10 -3.78
N SER A 99 7.53 -5.26 -4.79
CA SER A 99 8.75 -4.56 -4.64
C SER A 99 8.60 -3.44 -3.61
N GLN A 100 7.43 -2.84 -3.58
CA GLN A 100 7.10 -1.99 -2.47
C GLN A 100 7.10 -2.56 -1.03
N PHE A 101 6.59 -3.78 -0.82
CA PHE A 101 6.66 -4.38 0.49
C PHE A 101 8.10 -4.53 0.89
N LEU A 102 8.95 -4.94 -0.05
CA LEU A 102 10.37 -5.24 0.29
C LEU A 102 11.05 -3.93 0.72
N SER A 103 10.92 -2.95 -0.18
CA SER A 103 11.47 -1.66 0.00
C SER A 103 11.10 -1.02 1.35
N GLU A 104 9.84 -1.17 1.81
CA GLU A 104 9.43 -0.57 3.09
C GLU A 104 9.93 -1.38 4.26
N HIS A 105 10.55 -2.51 3.97
CA HIS A 105 10.94 -3.40 5.04
C HIS A 105 12.38 -3.81 4.93
N ALA A 106 13.15 -2.89 4.35
CA ALA A 106 14.57 -3.05 4.08
C ALA A 106 15.01 -4.27 3.24
N GLY A 107 14.26 -4.71 2.24
CA GLY A 107 14.69 -5.80 1.43
C GLY A 107 14.82 -5.44 -0.04
N SER A 108 15.08 -6.49 -0.81
CA SER A 108 15.14 -6.34 -2.28
C SER A 108 15.10 -7.71 -2.85
N SER A 109 15.20 -7.78 -4.17
CA SER A 109 14.83 -9.00 -4.75
C SER A 109 15.31 -9.07 -6.13
N ASN A 110 15.71 -10.23 -6.61
CA ASN A 110 16.05 -10.32 -8.01
C ASN A 110 15.83 -11.74 -8.48
N ALA A 111 16.20 -12.02 -9.72
CA ALA A 111 15.83 -13.23 -10.35
C ALA A 111 16.69 -13.34 -11.56
N PHE A 112 17.09 -14.56 -11.96
CA PHE A 112 17.76 -14.72 -13.24
C PHE A 112 17.31 -15.98 -13.95
N THR A 113 17.42 -16.02 -15.28
CA THR A 113 16.97 -17.19 -16.10
C THR A 113 18.19 -17.65 -16.82
N SER A 114 18.59 -18.93 -16.63
CA SER A 114 19.69 -19.53 -17.43
C SER A 114 19.04 -20.65 -18.32
N GLY A 115 19.82 -21.46 -19.06
CA GLY A 115 19.17 -22.43 -19.94
C GLY A 115 18.28 -23.47 -19.24
N GLU A 116 18.58 -23.79 -17.99
CA GLU A 116 17.79 -24.81 -17.30
C GLU A 116 17.27 -24.36 -15.97
N HIS A 117 17.36 -23.08 -15.65
CA HIS A 117 17.01 -22.72 -14.32
C HIS A 117 16.39 -21.39 -14.33
N THR A 118 15.41 -21.23 -13.44
CA THR A 118 14.92 -19.91 -13.15
C THR A 118 14.97 -19.68 -11.65
N ASN A 119 15.73 -18.67 -11.21
CA ASN A 119 16.06 -18.52 -9.78
C ASN A 119 15.59 -17.18 -9.25
N TYR A 120 14.81 -17.25 -8.17
CA TYR A 120 14.09 -16.05 -7.67
C TYR A 120 14.46 -15.89 -6.20
N TYR A 121 14.93 -14.70 -5.82
CA TYR A 121 15.30 -14.57 -4.42
C TYR A 121 15.00 -13.16 -3.85
N PHE A 122 14.74 -13.12 -2.54
CA PHE A 122 14.66 -11.82 -1.89
C PHE A 122 15.34 -11.84 -0.53
N ASP A 123 15.67 -10.65 -0.02
CA ASP A 123 15.82 -10.50 1.43
C ASP A 123 14.96 -9.41 2.08
N VAL A 124 14.89 -9.43 3.41
CA VAL A 124 14.03 -8.50 4.12
C VAL A 124 14.41 -8.43 5.56
N SER A 125 13.92 -7.39 6.23
CA SER A 125 14.10 -7.24 7.67
C SER A 125 13.61 -8.53 8.31
N HIS A 126 14.27 -9.02 9.36
CA HIS A 126 13.99 -10.39 9.80
C HIS A 126 12.65 -10.50 10.43
N GLU A 127 12.14 -9.36 10.86
CA GLU A 127 10.79 -9.34 11.40
C GLU A 127 9.74 -9.57 10.33
N HIS A 128 10.04 -9.55 9.03
CA HIS A 128 9.01 -9.62 8.11
C HIS A 128 9.15 -10.68 7.09
N LEU A 129 9.75 -11.80 7.45
CA LEU A 129 9.83 -12.97 6.59
C LEU A 129 8.52 -13.43 5.99
N GLU A 130 7.54 -13.65 6.83
CA GLU A 130 6.29 -14.21 6.42
C GLU A 130 5.59 -13.30 5.43
N GLY A 131 5.66 -11.99 5.69
CA GLY A 131 4.98 -11.03 4.82
C GLY A 131 5.63 -11.08 3.49
N ALA A 132 6.95 -11.08 3.51
CA ALA A 132 7.66 -11.15 2.24
C ALA A 132 7.39 -12.50 1.60
N LEU A 133 7.47 -13.56 2.41
CA LEU A 133 7.51 -14.89 1.84
C LEU A 133 6.16 -15.22 1.20
N ASP A 134 5.08 -14.83 1.89
CA ASP A 134 3.73 -15.02 1.40
C ASP A 134 3.56 -14.34 0.04
N ARG A 135 3.94 -13.07 -0.03
CA ARG A 135 3.84 -12.41 -1.34
C ARG A 135 4.58 -13.17 -2.44
N PHE A 136 5.75 -13.69 -2.10
CA PHE A 136 6.63 -14.40 -3.01
C PHE A 136 6.03 -15.73 -3.43
N ALA A 137 5.36 -16.44 -2.53
CA ALA A 137 4.90 -17.72 -2.94
C ALA A 137 3.85 -17.55 -4.10
N GLN A 138 3.15 -16.41 -4.12
CA GLN A 138 2.11 -16.30 -5.05
C GLN A 138 2.67 -16.28 -6.47
N PHE A 139 3.92 -15.85 -6.66
CA PHE A 139 4.55 -16.00 -7.99
C PHE A 139 4.37 -17.39 -8.55
N PHE A 140 4.32 -18.39 -7.66
CA PHE A 140 4.29 -19.81 -8.09
C PHE A 140 2.94 -20.52 -8.05
N LEU A 141 1.91 -19.71 -7.86
CA LEU A 141 0.60 -20.22 -7.63
C LEU A 141 -0.32 -19.51 -8.65
N SER A 142 -0.33 -18.19 -8.68
CA SER A 142 -1.32 -17.59 -9.50
C SER A 142 -0.85 -16.15 -9.88
N PRO A 143 0.19 -16.04 -10.72
CA PRO A 143 0.59 -14.79 -11.34
C PRO A 143 -0.53 -14.23 -12.24
N LEU A 144 -0.74 -12.93 -12.27
CA LEU A 144 -1.75 -12.38 -13.17
C LEU A 144 -1.36 -12.30 -14.64
N PHE A 145 -0.07 -12.21 -14.95
CA PHE A 145 0.34 -11.75 -16.28
C PHE A 145 -0.64 -10.77 -16.87
N ASP A 146 -0.89 -9.67 -16.18
CA ASP A 146 -1.71 -8.57 -16.68
C ASP A 146 -1.41 -8.04 -18.07
N GLU A 147 -2.50 -7.77 -18.83
CA GLU A 147 -2.37 -7.46 -20.27
C GLU A 147 -1.50 -6.26 -20.44
N SER A 148 -1.61 -5.36 -19.49
CA SER A 148 -1.07 -4.01 -19.66
C SER A 148 0.41 -3.91 -19.10
N ALA A 149 0.66 -4.61 -17.98
CA ALA A 149 1.98 -5.00 -17.54
C ALA A 149 2.73 -5.67 -18.67
N LYS A 150 2.10 -6.65 -19.32
CA LYS A 150 2.88 -7.37 -20.35
C LYS A 150 3.27 -6.40 -21.47
N ASP A 151 2.36 -5.53 -21.84
CA ASP A 151 2.79 -4.54 -22.83
C ASP A 151 3.87 -3.63 -22.41
N ARG A 152 3.92 -3.27 -21.14
CA ARG A 152 4.98 -2.37 -20.78
C ARG A 152 6.32 -3.15 -20.63
N GLU A 153 6.29 -4.24 -19.88
CA GLU A 153 7.49 -4.90 -19.43
C GLU A 153 8.28 -5.45 -20.59
N VAL A 154 7.61 -5.78 -21.67
CA VAL A 154 8.29 -6.23 -22.89
C VAL A 154 9.34 -5.26 -23.32
N ASN A 155 9.26 -3.98 -22.92
CA ASN A 155 10.30 -2.97 -23.27
C ASN A 155 11.51 -3.12 -22.42
N ALA A 156 11.29 -3.43 -21.16
CA ALA A 156 12.43 -3.68 -20.30
C ALA A 156 13.24 -4.82 -20.87
N VAL A 157 12.64 -5.98 -21.18
CA VAL A 157 13.44 -7.04 -21.80
C VAL A 157 14.12 -6.60 -23.12
N ASP A 158 13.36 -5.94 -24.00
CA ASP A 158 14.05 -5.36 -25.16
C ASP A 158 15.32 -4.55 -24.89
N SER A 159 15.24 -3.69 -23.89
CA SER A 159 16.40 -2.92 -23.36
C SER A 159 17.56 -3.82 -22.76
N GLU A 160 17.24 -4.85 -21.91
CA GLU A 160 18.28 -5.82 -21.45
C GLU A 160 19.03 -6.23 -22.70
N HIS A 161 18.33 -6.66 -23.74
CA HIS A 161 19.04 -7.22 -24.87
C HIS A 161 19.83 -6.14 -25.57
N GLU A 162 19.22 -4.97 -25.71
CA GLU A 162 19.87 -3.82 -26.36
C GLU A 162 21.26 -3.64 -25.84
N LYS A 163 21.34 -3.34 -24.58
CA LYS A 163 22.51 -3.39 -23.75
C LYS A 163 23.53 -4.43 -24.09
N ASN A 164 23.12 -5.68 -24.28
CA ASN A 164 24.05 -6.69 -24.69
C ASN A 164 24.47 -6.77 -26.15
N VAL A 165 23.66 -6.21 -27.03
CA VAL A 165 23.96 -6.29 -28.42
C VAL A 165 25.41 -6.08 -28.70
N MET A 166 26.00 -4.97 -28.23
CA MET A 166 27.35 -4.48 -28.65
C MET A 166 28.49 -4.94 -27.75
N ASN A 167 28.27 -5.98 -26.96
CA ASN A 167 29.25 -6.43 -26.02
C ASN A 167 29.91 -7.71 -26.49
N ASP A 168 31.23 -7.71 -26.50
CA ASP A 168 31.99 -8.83 -27.08
C ASP A 168 31.65 -10.25 -26.47
N ALA A 169 31.45 -10.30 -25.16
CA ALA A 169 31.13 -11.56 -24.48
C ALA A 169 29.77 -12.10 -24.89
N TRP A 170 28.77 -11.24 -24.97
CA TRP A 170 27.47 -11.76 -25.30
C TRP A 170 27.45 -12.22 -26.75
N ARG A 171 28.14 -11.53 -27.65
CA ARG A 171 28.17 -11.92 -29.04
C ARG A 171 28.88 -13.23 -29.19
N LEU A 172 29.98 -13.43 -28.47
CA LEU A 172 30.67 -14.74 -28.54
C LEU A 172 29.83 -15.83 -27.97
N PHE A 173 29.18 -15.52 -26.86
CA PHE A 173 28.38 -16.53 -26.21
C PHE A 173 27.29 -17.12 -27.19
N GLN A 174 26.59 -16.22 -27.96
CA GLN A 174 25.50 -16.55 -28.86
C GLN A 174 26.02 -17.12 -30.18
N LEU A 175 27.09 -16.54 -30.70
CA LEU A 175 27.78 -17.11 -31.82
C LEU A 175 28.19 -18.58 -31.55
N GLU A 176 28.63 -18.95 -30.35
CA GLU A 176 28.99 -20.34 -30.17
C GLU A 176 27.76 -21.16 -30.44
N LYS A 177 26.62 -20.75 -29.88
CA LYS A 177 25.41 -21.51 -30.07
C LYS A 177 24.93 -21.46 -31.53
N ALA A 178 25.33 -20.45 -32.30
CA ALA A 178 24.82 -20.39 -33.67
C ALA A 178 25.56 -21.36 -34.58
N THR A 179 26.63 -21.93 -34.10
CA THR A 179 27.41 -22.68 -34.97
C THR A 179 27.44 -24.11 -34.56
N GLY A 180 26.62 -24.55 -33.63
CA GLY A 180 26.43 -25.98 -33.46
C GLY A 180 25.22 -26.47 -34.24
N ASN A 181 24.75 -27.65 -33.93
CA ASN A 181 23.58 -28.18 -34.57
C ASN A 181 22.37 -27.21 -34.47
N PRO A 182 21.92 -26.64 -35.59
CA PRO A 182 20.85 -25.62 -35.38
C PRO A 182 19.57 -26.26 -34.89
N LYS A 183 19.37 -27.56 -35.12
CA LYS A 183 18.23 -28.29 -34.47
C LYS A 183 18.27 -28.38 -32.96
N HIS A 184 19.46 -28.17 -32.34
CA HIS A 184 19.65 -28.44 -30.90
C HIS A 184 19.18 -27.27 -30.09
N PRO A 185 18.39 -27.51 -29.04
CA PRO A 185 17.95 -26.43 -28.15
C PRO A 185 19.04 -25.42 -27.79
N PHE A 186 20.26 -25.88 -27.62
CA PHE A 186 21.44 -25.06 -27.51
C PHE A 186 21.47 -23.91 -28.44
N SER A 187 20.97 -23.98 -29.63
CA SER A 187 21.08 -22.73 -30.46
C SER A 187 19.92 -21.71 -30.22
N LYS A 188 19.08 -21.91 -29.20
CA LYS A 188 18.05 -20.92 -28.94
C LYS A 188 18.61 -19.54 -28.48
N PHE A 189 17.81 -18.50 -28.66
CA PHE A 189 18.22 -17.19 -28.24
C PHE A 189 17.44 -16.94 -26.94
N GLY A 190 18.12 -17.01 -25.77
CA GLY A 190 17.44 -16.95 -24.50
C GLY A 190 16.98 -15.59 -24.02
N THR A 191 17.60 -14.48 -24.43
CA THR A 191 17.18 -13.25 -23.82
C THR A 191 15.78 -12.96 -24.30
N GLY A 192 15.50 -13.12 -25.58
CA GLY A 192 14.34 -12.50 -26.12
C GLY A 192 14.50 -11.01 -26.37
N ASN A 193 13.60 -10.44 -27.18
CA ASN A 193 13.40 -8.98 -27.29
C ASN A 193 11.98 -8.57 -27.78
N LYS A 194 11.74 -7.29 -28.01
CA LYS A 194 10.43 -6.76 -28.45
C LYS A 194 10.02 -7.49 -29.73
N TYR A 195 11.00 -7.68 -30.62
CA TYR A 195 10.73 -8.39 -31.82
C TYR A 195 10.14 -9.83 -31.59
N THR A 196 10.90 -10.68 -30.87
CA THR A 196 10.48 -12.04 -30.62
C THR A 196 9.36 -12.16 -29.59
N LEU A 197 9.15 -11.13 -28.84
CA LEU A 197 8.22 -11.29 -27.76
C LEU A 197 6.95 -10.48 -28.00
N GLU A 198 6.94 -9.58 -28.99
CA GLU A 198 5.68 -8.86 -29.26
C GLU A 198 5.35 -8.83 -30.77
N THR A 199 6.23 -8.19 -31.52
CA THR A 199 6.02 -7.96 -32.92
C THR A 199 5.70 -9.24 -33.60
N ARG A 200 6.63 -10.18 -33.58
CA ARG A 200 6.36 -11.40 -34.36
C ARG A 200 5.21 -12.23 -33.79
N PRO A 201 5.12 -12.36 -32.46
CA PRO A 201 3.92 -13.08 -32.02
C PRO A 201 2.60 -12.41 -32.48
N ASN A 202 2.58 -11.08 -32.62
CA ASN A 202 1.39 -10.44 -33.06
C ASN A 202 1.17 -10.80 -34.49
N GLN A 203 2.20 -10.67 -35.34
CA GLN A 203 2.12 -11.13 -36.68
C GLN A 203 1.59 -12.58 -36.76
N GLU A 204 1.63 -13.34 -35.69
CA GLU A 204 1.32 -14.71 -35.93
C GLU A 204 0.17 -15.07 -35.05
N GLY A 205 -0.61 -14.06 -34.70
CA GLY A 205 -1.78 -14.33 -33.90
C GLY A 205 -1.63 -15.03 -32.55
N ILE A 206 -0.46 -14.94 -31.92
CA ILE A 206 -0.24 -15.47 -30.59
C ILE A 206 -0.76 -14.48 -29.54
N ASP A 207 -1.54 -14.98 -28.60
CA ASP A 207 -1.84 -14.27 -27.37
C ASP A 207 -0.77 -14.61 -26.29
N VAL A 208 0.20 -13.71 -26.14
CA VAL A 208 1.28 -13.92 -25.19
C VAL A 208 0.75 -14.07 -23.76
N ARG A 209 -0.25 -13.31 -23.34
CA ARG A 209 -0.77 -13.62 -22.04
C ARG A 209 -1.12 -15.11 -21.93
N GLN A 210 -1.74 -15.71 -22.96
CA GLN A 210 -2.01 -17.18 -22.83
C GLN A 210 -0.71 -18.00 -22.82
N GLU A 211 0.19 -17.71 -23.74
CA GLU A 211 1.43 -18.41 -23.80
C GLU A 211 2.19 -18.41 -22.45
N LEU A 212 2.38 -17.23 -21.78
CA LEU A 212 2.78 -17.19 -20.37
C LEU A 212 1.93 -18.05 -19.42
N LEU A 213 0.63 -17.89 -19.40
CA LEU A 213 -0.23 -18.76 -18.61
C LEU A 213 0.02 -20.22 -18.93
N LYS A 214 0.19 -20.59 -20.20
CA LYS A 214 0.42 -21.99 -20.56
C LYS A 214 1.74 -22.58 -20.08
N PHE A 215 2.80 -21.82 -20.29
CA PHE A 215 4.14 -22.23 -19.94
C PHE A 215 4.29 -22.30 -18.41
N HIS A 216 3.72 -21.33 -17.72
CA HIS A 216 3.78 -21.33 -16.28
C HIS A 216 3.11 -22.58 -15.81
N SER A 217 1.96 -22.84 -16.41
CA SER A 217 1.13 -23.96 -16.02
C SER A 217 1.76 -25.32 -16.35
N ALA A 218 2.51 -25.39 -17.43
CA ALA A 218 3.16 -26.62 -17.86
C ALA A 218 4.35 -26.84 -17.01
N TYR A 219 5.17 -25.78 -16.85
CA TYR A 219 6.48 -26.01 -16.22
C TYR A 219 6.70 -25.55 -14.84
N TYR A 220 5.85 -24.71 -14.32
CA TYR A 220 6.15 -24.33 -12.98
C TYR A 220 5.55 -25.44 -12.09
N SER A 221 6.00 -26.68 -12.24
CA SER A 221 5.47 -27.78 -11.45
C SER A 221 6.20 -27.85 -10.11
N SER A 222 5.52 -28.16 -9.03
CA SER A 222 6.26 -28.44 -7.81
C SER A 222 7.44 -29.48 -7.89
N ASN A 223 7.34 -30.46 -8.75
CA ASN A 223 8.34 -31.53 -8.72
C ASN A 223 9.69 -30.98 -9.21
N LEU A 224 9.70 -29.82 -9.88
CA LEU A 224 10.93 -29.22 -10.37
C LEU A 224 11.41 -28.02 -9.52
N MET A 225 11.00 -27.90 -8.28
CA MET A 225 11.38 -26.75 -7.51
C MET A 225 12.19 -27.05 -6.27
N ALA A 226 13.13 -26.16 -5.98
CA ALA A 226 13.77 -26.20 -4.71
C ALA A 226 13.63 -24.83 -4.06
N VAL A 227 13.33 -24.82 -2.77
CA VAL A 227 13.18 -23.59 -1.97
C VAL A 227 14.15 -23.60 -0.76
N VAL A 228 14.74 -22.43 -0.44
CA VAL A 228 15.53 -22.29 0.75
C VAL A 228 15.08 -21.11 1.56
N VAL A 229 15.05 -21.20 2.88
CA VAL A 229 14.48 -20.09 3.62
C VAL A 229 15.34 -19.99 4.83
N LEU A 230 15.81 -18.76 5.10
CA LEU A 230 16.80 -18.51 6.17
C LEU A 230 16.12 -17.43 7.01
N GLY A 231 16.05 -17.59 8.35
CA GLY A 231 15.36 -16.59 9.24
C GLY A 231 15.67 -16.78 10.72
N ARG A 232 15.30 -15.87 11.60
CA ARG A 232 15.49 -16.17 13.06
C ARG A 232 14.64 -17.28 13.67
N GLU A 233 13.57 -17.74 13.00
CA GLU A 233 12.63 -18.71 13.58
C GLU A 233 13.36 -20.01 13.83
N SER A 234 12.87 -20.81 14.78
CA SER A 234 13.42 -22.14 14.94
C SER A 234 13.23 -22.92 13.63
N LEU A 235 14.04 -23.98 13.45
CA LEU A 235 13.73 -25.03 12.46
C LEU A 235 12.24 -25.49 12.40
N ASP A 236 11.60 -25.64 13.58
CA ASP A 236 10.16 -26.01 13.56
C ASP A 236 9.29 -24.93 13.00
N ASP A 237 9.51 -23.71 13.49
CA ASP A 237 8.72 -22.65 12.96
C ASP A 237 8.90 -22.50 11.44
N LEU A 238 10.16 -22.57 10.96
CA LEU A 238 10.37 -22.44 9.55
C LEU A 238 9.65 -23.60 8.84
N THR A 239 9.71 -24.81 9.40
CA THR A 239 9.05 -25.91 8.70
C THR A 239 7.54 -25.63 8.52
N ASN A 240 6.89 -25.22 9.60
CA ASN A 240 5.50 -24.92 9.46
C ASN A 240 5.20 -23.89 8.40
N LEU A 241 6.02 -22.85 8.40
CA LEU A 241 5.93 -21.75 7.49
C LEU A 241 6.06 -22.27 6.07
N VAL A 242 7.03 -23.16 5.81
CA VAL A 242 7.21 -23.59 4.42
C VAL A 242 6.11 -24.46 3.94
N VAL A 243 5.73 -25.45 4.78
CA VAL A 243 4.53 -26.30 4.58
C VAL A 243 3.25 -25.45 4.24
N LYS A 244 2.94 -24.51 5.11
CA LYS A 244 1.86 -23.65 4.88
C LYS A 244 1.99 -22.89 3.54
N LEU A 245 3.03 -22.14 3.21
CA LEU A 245 2.91 -21.41 1.89
C LEU A 245 3.22 -22.25 0.64
N PHE A 246 3.83 -23.44 0.76
CA PHE A 246 4.23 -24.10 -0.46
C PHE A 246 3.60 -25.42 -0.84
N SER A 247 2.88 -26.04 0.14
CA SER A 247 2.12 -27.30 -0.04
C SER A 247 1.16 -27.15 -1.18
N GLU A 248 0.67 -25.96 -1.42
CA GLU A 248 -0.39 -25.88 -2.35
C GLU A 248 0.14 -25.74 -3.79
N VAL A 249 1.45 -25.72 -3.98
CA VAL A 249 1.94 -25.57 -5.32
C VAL A 249 1.62 -26.92 -5.98
N GLU A 250 0.99 -26.87 -7.15
CA GLU A 250 0.60 -28.10 -7.78
C GLU A 250 1.73 -28.93 -8.40
N ASN A 251 1.63 -30.25 -8.34
CA ASN A 251 2.61 -31.14 -8.99
C ASN A 251 2.11 -31.71 -10.32
N LYS A 252 2.78 -31.49 -11.43
CA LYS A 252 2.30 -31.97 -12.69
C LYS A 252 3.25 -33.03 -13.25
N ASN A 253 4.09 -33.64 -12.39
CA ASN A 253 5.14 -34.58 -12.82
C ASN A 253 5.83 -34.30 -14.12
N VAL A 254 6.35 -33.08 -14.32
CA VAL A 254 6.96 -32.74 -15.58
C VAL A 254 8.27 -33.46 -15.58
N PRO A 255 8.50 -34.25 -16.64
CA PRO A 255 9.79 -34.91 -16.72
C PRO A 255 10.87 -33.78 -16.86
N LEU A 256 12.03 -33.96 -16.23
CA LEU A 256 13.12 -32.97 -16.30
C LEU A 256 13.78 -33.08 -17.61
N PRO A 257 13.88 -31.98 -18.36
CA PRO A 257 14.54 -32.01 -19.71
C PRO A 257 16.03 -32.42 -19.68
N GLU A 258 16.46 -33.27 -20.65
CA GLU A 258 17.86 -33.80 -20.76
C GLU A 258 18.37 -33.57 -22.17
N PHE A 259 19.68 -33.54 -22.35
CA PHE A 259 20.25 -33.24 -23.67
C PHE A 259 21.44 -34.17 -23.89
N PRO A 260 21.17 -35.51 -23.89
CA PRO A 260 22.21 -36.53 -24.01
C PRO A 260 23.06 -36.31 -25.33
N GLU A 261 22.46 -35.70 -26.35
CA GLU A 261 23.19 -35.38 -27.56
C GLU A 261 23.91 -34.05 -27.58
N HIS A 262 25.23 -34.09 -27.68
CA HIS A 262 26.05 -32.88 -27.76
C HIS A 262 25.65 -32.04 -28.96
N PRO A 263 25.42 -30.71 -28.75
CA PRO A 263 25.16 -29.80 -29.91
C PRO A 263 26.28 -29.76 -30.94
N PHE A 264 27.43 -30.31 -30.60
CA PHE A 264 28.52 -30.30 -31.55
C PHE A 264 28.68 -31.72 -31.97
N GLN A 265 28.43 -31.99 -33.22
CA GLN A 265 28.62 -33.34 -33.71
C GLN A 265 29.86 -33.39 -34.65
N GLU A 266 30.06 -34.53 -35.34
CA GLU A 266 31.19 -34.67 -36.31
C GLU A 266 31.49 -33.35 -37.06
N GLU A 267 30.51 -32.84 -37.80
CA GLU A 267 30.76 -31.71 -38.69
C GLU A 267 30.98 -30.45 -37.99
N HIS A 268 30.87 -30.47 -36.68
CA HIS A 268 31.13 -29.27 -35.98
C HIS A 268 32.54 -29.29 -35.42
N LEU A 269 33.22 -30.42 -35.48
CA LEU A 269 34.55 -30.52 -34.94
C LEU A 269 35.52 -30.17 -36.03
N LYS A 270 36.73 -29.77 -35.63
CA LYS A 270 37.76 -29.24 -36.55
C LYS A 270 37.36 -28.03 -37.36
N GLN A 271 36.68 -27.12 -36.68
CA GLN A 271 36.23 -25.89 -37.30
C GLN A 271 37.04 -24.74 -36.78
N LEU A 272 37.25 -23.71 -37.64
CA LEU A 272 37.99 -22.49 -37.26
C LEU A 272 37.06 -21.34 -37.50
N TYR A 273 36.95 -20.40 -36.59
CA TYR A 273 35.99 -19.29 -36.78
C TYR A 273 36.83 -18.06 -36.70
N LYS A 274 36.76 -17.14 -37.66
CA LYS A 274 37.46 -15.88 -37.50
C LYS A 274 36.41 -14.83 -37.28
N ILE A 275 36.57 -14.07 -36.20
CA ILE A 275 35.54 -13.19 -35.74
C ILE A 275 35.97 -11.77 -35.55
N VAL A 276 35.17 -10.82 -36.00
CA VAL A 276 35.49 -9.40 -35.80
C VAL A 276 34.95 -8.88 -34.46
N PRO A 277 35.81 -8.42 -33.56
CA PRO A 277 35.19 -7.91 -32.30
C PRO A 277 34.67 -6.47 -32.38
N ILE A 278 34.04 -5.97 -31.32
CA ILE A 278 33.72 -4.53 -31.17
C ILE A 278 34.90 -3.75 -30.61
N LYS A 279 35.47 -4.22 -29.47
CA LYS A 279 36.62 -3.59 -28.92
C LYS A 279 37.84 -4.13 -29.63
N ASP A 280 38.98 -3.41 -29.54
CA ASP A 280 40.18 -3.90 -30.17
C ASP A 280 40.87 -4.82 -29.22
N ILE A 281 40.44 -6.08 -29.33
CA ILE A 281 40.92 -7.21 -28.57
C ILE A 281 41.36 -8.33 -29.52
N ARG A 282 42.28 -9.16 -29.01
CA ARG A 282 42.87 -10.27 -29.72
C ARG A 282 42.79 -11.52 -28.86
N ASN A 283 41.95 -12.48 -29.20
CA ASN A 283 41.87 -13.62 -28.33
C ASN A 283 41.78 -14.84 -29.14
N LEU A 284 42.24 -15.93 -28.53
CA LEU A 284 41.98 -17.30 -29.05
C LEU A 284 41.18 -18.21 -28.09
N TYR A 285 40.15 -18.86 -28.65
CA TYR A 285 39.26 -19.75 -27.88
C TYR A 285 39.41 -21.15 -28.40
N VAL A 286 39.91 -22.04 -27.58
CA VAL A 286 39.99 -23.40 -27.98
C VAL A 286 38.98 -24.17 -27.15
N THR A 287 38.23 -25.03 -27.82
CA THR A 287 37.14 -25.69 -27.14
C THR A 287 36.96 -27.18 -27.60
N PHE A 288 36.86 -28.09 -26.65
CA PHE A 288 36.55 -29.46 -26.93
C PHE A 288 35.23 -29.89 -26.27
N PRO A 289 34.36 -30.55 -27.00
CA PRO A 289 33.12 -31.07 -26.45
C PRO A 289 33.41 -32.23 -25.54
N ILE A 290 32.72 -32.31 -24.42
CA ILE A 290 32.94 -33.41 -23.50
C ILE A 290 31.59 -33.91 -22.93
N PRO A 291 31.60 -35.11 -22.37
CA PRO A 291 30.36 -35.49 -21.66
C PRO A 291 30.05 -34.66 -20.34
N ASP A 292 28.82 -34.77 -19.84
CA ASP A 292 28.47 -34.10 -18.63
C ASP A 292 29.28 -34.74 -17.48
N LEU A 293 30.06 -33.96 -16.71
CA LEU A 293 30.79 -34.52 -15.64
C LEU A 293 30.17 -34.28 -14.25
N GLN A 294 29.04 -33.56 -14.17
CA GLN A 294 28.40 -33.23 -12.89
C GLN A 294 28.32 -34.43 -11.99
N LYS A 295 27.94 -35.57 -12.57
CA LYS A 295 27.67 -36.73 -11.78
C LYS A 295 28.94 -37.17 -11.08
N TYR A 296 30.13 -36.92 -11.64
CA TYR A 296 31.39 -37.25 -11.00
C TYR A 296 31.86 -36.16 -10.03
N TYR A 297 30.97 -35.54 -9.31
CA TYR A 297 31.45 -34.50 -8.48
C TYR A 297 32.30 -34.95 -7.26
N LYS A 298 32.22 -36.21 -6.78
CA LYS A 298 33.01 -36.63 -5.62
C LYS A 298 34.53 -36.74 -6.02
N SER A 299 34.80 -36.85 -7.31
CA SER A 299 36.19 -36.86 -7.72
C SER A 299 36.63 -35.65 -8.55
N ASN A 300 35.72 -35.15 -9.40
CA ASN A 300 35.90 -33.97 -10.18
C ASN A 300 37.10 -33.89 -11.12
N PRO A 301 37.11 -34.77 -12.07
CA PRO A 301 38.19 -34.88 -13.03
C PRO A 301 38.44 -33.63 -13.80
N GLY A 302 37.40 -32.94 -14.24
CA GLY A 302 37.64 -31.72 -15.03
C GLY A 302 38.23 -30.60 -14.17
N HIS A 303 38.07 -30.65 -12.85
CA HIS A 303 38.65 -29.60 -12.00
C HIS A 303 40.17 -29.85 -11.93
N TYR A 304 40.48 -31.12 -11.71
CA TYR A 304 41.85 -31.61 -11.69
C TYR A 304 42.60 -31.19 -12.97
N LEU A 305 41.95 -31.42 -14.08
CA LEU A 305 42.64 -31.10 -15.29
C LEU A 305 42.69 -29.58 -15.48
N GLY A 306 41.64 -28.86 -15.02
CA GLY A 306 41.62 -27.40 -15.17
C GLY A 306 42.79 -26.85 -14.37
N HIS A 307 42.99 -27.44 -13.19
CA HIS A 307 44.01 -27.00 -12.31
C HIS A 307 45.36 -27.18 -12.94
N LEU A 308 45.57 -28.30 -13.63
CA LEU A 308 46.82 -28.53 -14.32
C LEU A 308 47.01 -27.68 -15.59
N ILE A 309 46.07 -27.71 -16.51
CA ILE A 309 46.28 -27.01 -17.74
C ILE A 309 46.20 -25.48 -17.51
N GLY A 310 45.45 -25.07 -16.49
CA GLY A 310 45.31 -23.65 -16.27
C GLY A 310 46.39 -23.16 -15.33
N HIS A 311 47.31 -24.03 -14.93
CA HIS A 311 48.32 -23.64 -13.94
C HIS A 311 49.10 -22.45 -14.50
N GLU A 312 49.67 -21.66 -13.61
CA GLU A 312 50.48 -20.50 -14.00
C GLU A 312 51.85 -20.53 -13.38
N GLY A 313 52.23 -21.57 -12.64
CA GLY A 313 53.58 -21.61 -12.07
C GLY A 313 54.67 -21.97 -13.09
N PRO A 314 55.92 -22.08 -12.56
CA PRO A 314 57.05 -22.48 -13.37
C PRO A 314 56.66 -23.79 -13.94
N GLY A 315 56.99 -24.05 -15.19
CA GLY A 315 56.71 -25.34 -15.75
C GLY A 315 55.45 -25.36 -16.56
N SER A 316 54.59 -24.34 -16.42
CA SER A 316 53.21 -24.40 -16.90
C SER A 316 53.04 -24.11 -18.35
N LEU A 317 51.92 -24.53 -18.93
CA LEU A 317 51.55 -24.06 -20.27
C LEU A 317 51.70 -22.53 -20.46
N LEU A 318 51.18 -21.70 -19.58
CA LEU A 318 51.18 -20.27 -19.83
C LEU A 318 52.57 -19.75 -19.70
N SER A 319 53.41 -20.37 -18.85
CA SER A 319 54.75 -19.82 -18.70
C SER A 319 55.45 -19.76 -20.00
N GLU A 320 55.48 -20.87 -20.76
CA GLU A 320 56.12 -20.82 -22.02
C GLU A 320 55.42 -19.84 -23.01
N LEU A 321 54.06 -19.81 -23.12
CA LEU A 321 53.40 -18.95 -24.14
C LEU A 321 53.69 -17.48 -23.86
N LYS A 322 53.88 -17.21 -22.59
CA LYS A 322 54.21 -15.91 -22.14
C LYS A 322 55.68 -15.58 -22.49
N SER A 323 56.64 -16.45 -22.15
CA SER A 323 58.05 -16.34 -22.54
C SER A 323 58.34 -16.12 -24.02
N LYS A 324 57.60 -16.78 -24.92
CA LYS A 324 57.67 -16.54 -26.31
C LYS A 324 56.95 -15.22 -26.74
N GLY A 325 56.41 -14.46 -25.77
CA GLY A 325 55.72 -13.25 -26.03
C GLY A 325 54.48 -13.47 -26.88
N TRP A 326 53.85 -14.65 -26.78
CA TRP A 326 52.64 -14.85 -27.50
C TRP A 326 51.30 -14.64 -26.72
N VAL A 327 51.26 -15.04 -25.45
CA VAL A 327 50.03 -14.82 -24.72
C VAL A 327 50.32 -14.10 -23.43
N ASN A 328 49.39 -13.32 -22.94
CA ASN A 328 49.56 -12.86 -21.56
C ASN A 328 48.77 -13.48 -20.48
N THR A 329 47.64 -14.10 -20.78
CA THR A 329 46.83 -14.72 -19.75
C THR A 329 46.18 -15.88 -20.40
N LEU A 330 45.79 -16.87 -19.59
CA LEU A 330 45.22 -18.16 -20.05
C LEU A 330 44.11 -18.59 -19.07
N VAL A 331 43.07 -19.24 -19.50
CA VAL A 331 42.13 -19.78 -18.54
C VAL A 331 41.77 -21.19 -19.08
N GLY A 332 41.70 -22.24 -18.25
CA GLY A 332 41.37 -23.59 -18.76
C GLY A 332 40.50 -24.37 -17.77
N GLY A 333 39.69 -25.30 -18.27
CA GLY A 333 39.00 -26.19 -17.40
C GLY A 333 37.61 -26.35 -17.94
N GLN A 334 36.73 -26.85 -17.07
CA GLN A 334 35.43 -27.28 -17.52
C GLN A 334 34.44 -26.16 -17.54
N LYS A 335 33.54 -26.14 -18.54
CA LYS A 335 32.49 -25.17 -18.71
C LYS A 335 31.19 -25.97 -18.90
N GLU A 336 30.14 -25.61 -18.18
CA GLU A 336 28.86 -26.32 -18.23
C GLU A 336 28.19 -26.04 -19.55
N GLY A 337 27.37 -27.00 -19.99
CA GLY A 337 26.53 -26.89 -21.20
C GLY A 337 25.16 -27.06 -20.60
N ALA A 338 24.54 -28.21 -20.59
CA ALA A 338 23.33 -28.43 -19.80
C ALA A 338 23.32 -29.92 -19.42
N ARG A 339 22.27 -30.45 -18.76
CA ARG A 339 22.27 -31.88 -18.41
C ARG A 339 22.48 -32.66 -19.69
N GLY A 340 23.62 -33.32 -19.82
CA GLY A 340 23.93 -34.06 -21.02
C GLY A 340 25.20 -33.68 -21.73
N PHE A 341 25.68 -32.43 -21.66
CA PHE A 341 26.87 -32.05 -22.43
C PHE A 341 27.55 -30.90 -21.76
N MET A 342 28.88 -30.86 -21.90
CA MET A 342 29.78 -29.93 -21.26
C MET A 342 30.92 -29.62 -22.21
N PHE A 343 31.84 -28.75 -21.81
CA PHE A 343 32.85 -28.30 -22.71
C PHE A 343 34.07 -28.24 -21.90
N PHE A 344 35.21 -28.33 -22.56
CA PHE A 344 36.47 -28.07 -21.88
C PHE A 344 37.12 -26.98 -22.67
N ILE A 345 37.48 -25.90 -22.00
CA ILE A 345 38.03 -24.80 -22.76
C ILE A 345 39.52 -24.49 -22.37
N ILE A 346 40.22 -23.82 -23.30
CA ILE A 346 41.52 -23.20 -23.06
C ILE A 346 41.55 -21.94 -23.89
N ASN A 347 41.63 -20.77 -23.27
CA ASN A 347 41.42 -19.54 -24.02
C ASN A 347 42.51 -18.64 -23.58
N VAL A 348 43.05 -17.85 -24.52
CA VAL A 348 44.20 -16.97 -24.25
C VAL A 348 43.99 -15.66 -24.93
N ASP A 349 44.59 -14.61 -24.39
CA ASP A 349 44.62 -13.30 -25.12
C ASP A 349 45.89 -13.38 -25.98
N LEU A 350 45.98 -12.61 -27.06
CA LEU A 350 47.11 -12.77 -27.95
C LEU A 350 47.80 -11.46 -28.05
N THR A 351 49.13 -11.48 -27.98
CA THR A 351 49.96 -10.31 -28.30
C THR A 351 49.92 -10.16 -29.79
N GLU A 352 50.57 -9.15 -30.38
CA GLU A 352 50.53 -9.11 -31.87
C GLU A 352 51.33 -10.24 -32.47
N GLU A 353 52.41 -10.61 -31.80
CA GLU A 353 53.23 -11.67 -32.27
C GLU A 353 52.40 -12.90 -32.21
N GLY A 354 51.80 -13.11 -31.03
CA GLY A 354 50.87 -14.25 -30.83
C GLY A 354 49.85 -14.41 -31.93
N LEU A 355 49.37 -13.33 -32.47
CA LEU A 355 48.26 -13.44 -33.41
C LEU A 355 48.74 -14.19 -34.68
N LEU A 356 50.06 -14.06 -34.93
CA LEU A 356 50.66 -14.69 -36.10
C LEU A 356 51.18 -16.10 -35.81
N HIS A 357 50.75 -16.71 -34.71
CA HIS A 357 51.32 -17.96 -34.25
C HIS A 357 50.28 -18.80 -33.55
N VAL A 358 49.02 -18.43 -33.77
CA VAL A 358 47.93 -19.33 -33.40
C VAL A 358 48.25 -20.79 -33.57
N GLU A 359 48.69 -21.16 -34.76
CA GLU A 359 49.09 -22.54 -34.93
C GLU A 359 50.10 -23.11 -33.92
N ASP A 360 51.17 -22.37 -33.62
CA ASP A 360 52.13 -22.91 -32.66
C ASP A 360 51.60 -22.92 -31.25
N ILE A 361 50.81 -21.91 -30.89
CA ILE A 361 50.29 -21.91 -29.54
C ILE A 361 49.44 -23.14 -29.34
N ILE A 362 48.55 -23.44 -30.27
CA ILE A 362 47.76 -24.67 -30.08
C ILE A 362 48.62 -25.96 -29.97
N LEU A 363 49.76 -25.99 -30.69
CA LEU A 363 50.59 -27.16 -30.70
C LEU A 363 51.23 -27.28 -29.32
N HIS A 364 51.56 -26.15 -28.72
CA HIS A 364 51.97 -26.18 -27.33
C HIS A 364 50.93 -26.66 -26.37
N MET A 365 49.69 -26.20 -26.53
CA MET A 365 48.60 -26.75 -25.77
C MET A 365 48.62 -28.27 -25.90
N PHE A 366 48.81 -28.78 -27.14
CA PHE A 366 48.74 -30.26 -27.26
C PHE A 366 49.96 -30.98 -26.68
N GLN A 367 51.10 -30.29 -26.74
CA GLN A 367 52.29 -30.80 -26.13
C GLN A 367 52.12 -30.84 -24.62
N TYR A 368 51.47 -29.82 -24.06
CA TYR A 368 51.28 -29.82 -22.61
C TYR A 368 50.30 -30.97 -22.27
N ILE A 369 49.20 -31.09 -23.04
CA ILE A 369 48.28 -32.20 -22.79
C ILE A 369 48.98 -33.61 -22.90
N GLN A 370 49.86 -33.78 -23.90
CA GLN A 370 50.61 -35.01 -23.98
C GLN A 370 51.43 -35.26 -22.71
N LYS A 371 52.08 -34.23 -22.20
CA LYS A 371 52.87 -34.41 -20.99
C LYS A 371 51.95 -35.00 -19.88
N LEU A 372 50.67 -34.60 -19.84
CA LEU A 372 49.85 -35.14 -18.79
C LEU A 372 49.63 -36.59 -19.11
N ARG A 373 49.34 -36.93 -20.34
CA ARG A 373 49.09 -38.36 -20.68
C ARG A 373 50.31 -39.17 -20.27
N ALA A 374 51.47 -38.62 -20.55
CA ALA A 374 52.73 -39.25 -20.32
C ALA A 374 53.04 -39.44 -18.86
N GLU A 375 52.78 -38.50 -17.99
CA GLU A 375 53.07 -38.70 -16.60
C GLU A 375 51.98 -39.48 -15.88
N GLY A 376 50.85 -39.73 -16.52
CA GLY A 376 49.61 -40.24 -15.82
C GLY A 376 49.05 -39.44 -14.64
N PRO A 377 47.85 -39.82 -14.15
CA PRO A 377 47.17 -39.20 -12.97
C PRO A 377 48.04 -39.19 -11.73
N GLN A 378 47.85 -38.30 -10.77
CA GLN A 378 48.80 -38.00 -9.72
C GLN A 378 48.01 -37.81 -8.47
N GLU A 379 48.13 -38.74 -7.59
CA GLU A 379 47.31 -38.63 -6.45
C GLU A 379 47.77 -37.44 -5.61
N TRP A 380 49.03 -37.07 -5.69
CA TRP A 380 49.51 -36.01 -4.76
C TRP A 380 48.79 -34.64 -5.16
N VAL A 381 48.54 -34.47 -6.47
CA VAL A 381 47.80 -33.32 -6.96
C VAL A 381 46.37 -33.28 -6.46
N PHE A 382 45.67 -34.39 -6.63
CA PHE A 382 44.38 -34.61 -6.02
C PHE A 382 44.34 -34.35 -4.50
N GLN A 383 45.36 -34.82 -3.78
CA GLN A 383 45.40 -34.62 -2.33
C GLN A 383 45.48 -33.11 -2.03
N GLU A 384 46.24 -32.39 -2.85
CA GLU A 384 46.33 -30.97 -2.66
C GLU A 384 44.97 -30.30 -2.94
N LEU A 385 44.37 -30.67 -4.07
CA LEU A 385 43.08 -30.10 -4.37
C LEU A 385 42.07 -30.40 -3.15
N LYS A 386 42.11 -31.66 -2.64
CA LYS A 386 41.25 -32.06 -1.56
C LYS A 386 41.55 -31.30 -0.28
N ASP A 387 42.83 -31.04 0.07
CA ASP A 387 43.09 -30.36 1.32
C ASP A 387 42.70 -28.91 1.27
N LEU A 388 43.01 -28.28 0.13
CA LEU A 388 42.74 -26.94 -0.04
C LEU A 388 41.24 -26.74 0.04
N ASN A 389 40.43 -27.65 -0.55
CA ASN A 389 38.99 -27.43 -0.52
C ASN A 389 38.50 -27.76 0.85
N ALA A 390 39.12 -28.71 1.57
CA ALA A 390 38.65 -29.10 2.93
C ALA A 390 38.79 -27.87 3.89
N VAL A 391 39.81 -27.06 3.59
CA VAL A 391 40.21 -26.01 4.50
C VAL A 391 39.32 -24.81 4.17
N ALA A 392 39.20 -24.49 2.85
CA ALA A 392 38.22 -23.54 2.33
C ALA A 392 36.88 -23.84 2.96
N PHE A 393 36.52 -25.12 2.97
CA PHE A 393 35.27 -25.42 3.59
C PHE A 393 35.27 -25.16 5.09
N ARG A 394 36.23 -25.73 5.82
CA ARG A 394 36.25 -25.49 7.28
C ARG A 394 36.02 -24.04 7.55
N PHE A 395 36.66 -23.14 6.83
CA PHE A 395 36.69 -21.76 7.31
C PHE A 395 36.08 -20.79 6.34
N LYS A 396 35.19 -21.27 5.48
CA LYS A 396 34.37 -20.35 4.65
C LYS A 396 33.85 -19.14 5.44
N ASP A 397 34.01 -17.94 4.91
CA ASP A 397 33.24 -16.75 5.38
C ASP A 397 31.73 -16.98 5.39
N LYS A 398 31.08 -16.57 6.45
CA LYS A 398 29.64 -16.58 6.47
C LYS A 398 29.15 -15.65 5.37
N GLU A 399 28.28 -16.15 4.49
CA GLU A 399 27.65 -15.44 3.32
C GLU A 399 26.47 -14.46 3.71
N ARG A 400 26.23 -13.47 2.85
CA ARG A 400 25.06 -12.61 3.01
C ARG A 400 23.83 -13.52 2.66
N PRO A 401 22.77 -13.52 3.48
CA PRO A 401 21.62 -14.43 3.27
C PRO A 401 21.07 -14.57 1.84
N ARG A 402 20.80 -13.45 1.19
CA ARG A 402 20.30 -13.44 -0.16
C ARG A 402 21.14 -14.29 -1.18
N GLY A 403 22.47 -14.09 -1.25
CA GLY A 403 23.27 -14.93 -2.17
C GLY A 403 23.26 -16.41 -1.78
N TYR A 404 23.21 -16.65 -0.49
CA TYR A 404 23.32 -17.95 0.02
C TYR A 404 22.07 -18.76 -0.29
N THR A 405 20.87 -18.23 0.04
CA THR A 405 19.65 -18.94 -0.27
C THR A 405 19.57 -19.17 -1.77
N SER A 406 19.91 -18.15 -2.54
CA SER A 406 19.83 -18.24 -3.99
C SER A 406 20.68 -19.41 -4.55
N LYS A 407 21.92 -19.49 -4.04
CA LYS A 407 22.79 -20.55 -4.38
C LYS A 407 22.33 -21.97 -3.95
N ILE A 408 22.02 -22.19 -2.66
CA ILE A 408 21.62 -23.54 -2.18
C ILE A 408 20.38 -23.98 -3.01
N ALA A 409 19.48 -23.01 -3.34
CA ALA A 409 18.25 -23.30 -4.09
C ALA A 409 18.55 -24.03 -5.40
N GLY A 410 19.58 -23.55 -6.10
CA GLY A 410 19.96 -24.16 -7.36
C GLY A 410 20.58 -25.50 -7.07
N ILE A 411 21.42 -25.62 -6.04
CA ILE A 411 22.11 -26.85 -6.01
C ILE A 411 21.32 -27.93 -5.34
N LEU A 412 20.21 -27.57 -4.70
CA LEU A 412 19.35 -28.63 -4.21
C LEU A 412 18.92 -29.60 -5.35
N HIS A 413 18.85 -29.11 -6.56
CA HIS A 413 18.60 -29.95 -7.69
C HIS A 413 19.70 -30.95 -8.02
N TYR A 414 20.77 -31.04 -7.25
CA TYR A 414 21.93 -31.82 -7.77
C TYR A 414 22.54 -32.74 -6.76
N TYR A 415 22.30 -32.47 -5.48
CA TYR A 415 22.98 -33.14 -4.43
C TYR A 415 21.95 -33.66 -3.40
N PRO A 416 22.20 -34.80 -2.77
CA PRO A 416 21.39 -35.18 -1.59
C PRO A 416 21.18 -34.06 -0.59
N LEU A 417 20.09 -34.05 0.13
CA LEU A 417 19.86 -32.98 1.09
C LEU A 417 21.10 -32.84 2.04
N GLU A 418 21.52 -33.99 2.59
CA GLU A 418 22.54 -34.07 3.63
C GLU A 418 23.89 -33.50 3.16
N GLU A 419 24.07 -33.40 1.85
CA GLU A 419 25.34 -32.94 1.22
C GLU A 419 25.33 -31.54 0.57
N VAL A 420 24.18 -30.84 0.53
CA VAL A 420 24.14 -29.66 -0.31
C VAL A 420 25.21 -28.68 0.14
N LEU A 421 25.57 -28.69 1.42
CA LEU A 421 26.44 -27.65 1.91
C LEU A 421 27.87 -27.98 1.51
N THR A 422 28.22 -29.27 1.41
CA THR A 422 29.61 -29.65 1.21
C THR A 422 29.88 -30.15 -0.19
N ALA A 423 28.84 -30.60 -0.85
CA ALA A 423 29.00 -31.18 -2.17
C ALA A 423 30.00 -30.46 -3.07
N GLU A 424 29.95 -29.15 -3.17
CA GLU A 424 30.90 -28.51 -3.99
C GLU A 424 32.23 -28.27 -3.37
N TYR A 425 32.50 -28.61 -2.11
CA TYR A 425 33.85 -28.48 -1.63
C TYR A 425 34.56 -29.81 -1.39
N LEU A 426 33.95 -30.76 -0.71
CA LEU A 426 34.70 -31.90 -0.18
C LEU A 426 34.88 -32.92 -1.29
N LEU A 427 36.11 -33.32 -1.63
CA LEU A 427 36.39 -34.32 -2.66
C LEU A 427 36.68 -35.55 -1.84
N GLU A 428 36.53 -36.70 -2.47
CA GLU A 428 36.47 -37.87 -1.67
C GLU A 428 37.41 -38.71 -2.45
N GLU A 429 37.05 -38.97 -3.71
CA GLU A 429 37.45 -40.09 -4.45
C GLU A 429 38.42 -39.86 -5.56
N PHE A 430 39.48 -40.68 -5.63
CA PHE A 430 40.54 -40.52 -6.61
C PHE A 430 40.28 -41.38 -7.85
N ARG A 431 40.35 -40.82 -9.05
CA ARG A 431 39.76 -41.51 -10.21
C ARG A 431 40.63 -41.49 -11.39
N PRO A 432 41.79 -42.12 -11.29
CA PRO A 432 42.67 -42.13 -12.47
C PRO A 432 41.90 -42.49 -13.74
N ASP A 433 40.88 -43.35 -13.65
CA ASP A 433 40.05 -43.64 -14.84
C ASP A 433 39.35 -42.44 -15.47
N LEU A 434 38.70 -41.58 -14.66
CA LEU A 434 37.92 -40.50 -15.23
C LEU A 434 38.86 -39.47 -15.76
N ILE A 435 39.95 -39.27 -15.01
CA ILE A 435 40.93 -38.26 -15.40
C ILE A 435 41.43 -38.65 -16.79
N GLU A 436 41.81 -39.90 -16.94
CA GLU A 436 42.19 -40.44 -18.21
C GLU A 436 41.11 -40.38 -19.28
N MET A 437 39.85 -40.68 -18.97
CA MET A 437 38.74 -40.56 -19.95
C MET A 437 38.53 -39.13 -20.52
N VAL A 438 38.53 -38.14 -19.62
CA VAL A 438 38.38 -36.80 -20.07
C VAL A 438 39.59 -36.38 -20.88
N LEU A 439 40.76 -36.61 -20.32
CA LEU A 439 42.02 -36.43 -21.06
C LEU A 439 42.02 -37.03 -22.47
N ASP A 440 41.34 -38.17 -22.68
CA ASP A 440 41.26 -38.73 -23.97
C ASP A 440 40.34 -37.95 -24.99
N LYS A 441 39.81 -36.80 -24.57
CA LYS A 441 38.95 -36.02 -25.44
C LYS A 441 39.60 -34.73 -25.82
N LEU A 442 40.69 -34.38 -25.16
CA LEU A 442 41.35 -33.17 -25.49
C LEU A 442 42.33 -33.53 -26.56
N ARG A 443 41.80 -33.72 -27.76
CA ARG A 443 42.54 -34.23 -28.93
C ARG A 443 42.19 -33.36 -30.16
N PRO A 444 43.18 -33.24 -31.10
CA PRO A 444 42.90 -32.37 -32.28
C PRO A 444 41.70 -32.81 -33.10
N GLU A 445 41.41 -34.09 -33.11
CA GLU A 445 40.27 -34.55 -33.88
C GLU A 445 38.91 -34.09 -33.33
N ASN A 446 38.83 -33.61 -32.07
CA ASN A 446 37.63 -32.80 -31.78
C ASN A 446 37.92 -31.47 -31.17
N VAL A 447 38.74 -30.69 -31.84
CA VAL A 447 38.96 -29.38 -31.38
C VAL A 447 38.13 -28.38 -32.20
N ARG A 448 37.73 -27.29 -31.52
CA ARG A 448 37.14 -26.08 -32.15
C ARG A 448 38.02 -24.88 -31.90
N VAL A 449 38.27 -24.07 -32.90
CA VAL A 449 39.20 -22.93 -32.71
C VAL A 449 38.55 -21.64 -33.14
N ALA A 450 38.65 -20.60 -32.31
CA ALA A 450 38.03 -19.26 -32.64
C ALA A 450 39.06 -18.25 -32.31
N ILE A 451 39.26 -17.36 -33.29
CA ILE A 451 40.17 -16.25 -33.20
C ILE A 451 39.39 -14.95 -33.34
N VAL A 452 39.52 -14.04 -32.34
CA VAL A 452 38.83 -12.77 -32.35
C VAL A 452 39.87 -11.69 -32.62
N SER A 453 39.69 -11.02 -33.75
CA SER A 453 40.64 -9.96 -34.10
C SER A 453 40.10 -8.93 -35.07
N LYS A 454 40.48 -7.67 -34.89
CA LYS A 454 40.09 -6.66 -35.84
C LYS A 454 40.71 -6.91 -37.19
N SER A 455 41.89 -7.55 -37.29
CA SER A 455 42.46 -7.90 -38.60
C SER A 455 41.51 -8.66 -39.52
N PHE A 456 40.44 -9.30 -39.02
CA PHE A 456 39.45 -9.94 -39.90
C PHE A 456 38.34 -8.98 -40.44
N GLU A 457 38.35 -7.72 -39.99
CA GLU A 457 37.50 -6.68 -40.58
C GLU A 457 37.59 -6.70 -42.12
N GLY A 458 36.45 -6.82 -42.80
CA GLY A 458 36.42 -6.83 -44.25
C GLY A 458 36.47 -8.24 -44.77
N LYS A 459 37.47 -9.00 -44.36
CA LYS A 459 37.62 -10.43 -44.68
C LYS A 459 36.50 -11.48 -44.40
N THR A 460 35.36 -11.11 -43.80
CA THR A 460 34.44 -12.17 -43.30
C THR A 460 33.22 -12.30 -44.17
N ASP A 461 32.37 -13.30 -43.97
CA ASP A 461 31.15 -13.42 -44.81
C ASP A 461 29.90 -14.01 -44.16
N ARG A 462 29.81 -14.01 -42.84
CA ARG A 462 28.62 -14.50 -42.24
C ARG A 462 28.27 -13.52 -41.23
N THR A 463 27.04 -13.53 -40.85
CA THR A 463 26.59 -12.56 -39.92
C THR A 463 25.69 -13.37 -39.07
N GLU A 464 25.98 -13.40 -37.77
CA GLU A 464 25.02 -13.89 -36.80
C GLU A 464 23.79 -12.97 -36.61
N GLU A 465 22.66 -13.63 -36.71
CA GLU A 465 21.34 -13.03 -36.77
C GLU A 465 20.98 -12.19 -35.56
N TRP A 466 21.23 -12.67 -34.36
CA TRP A 466 20.75 -11.94 -33.22
C TRP A 466 21.62 -10.80 -32.83
N TYR A 467 22.88 -10.70 -33.28
CA TYR A 467 23.71 -9.71 -32.64
C TYR A 467 24.39 -8.99 -33.70
N GLY A 468 24.50 -9.65 -34.85
CA GLY A 468 25.04 -8.99 -36.03
C GLY A 468 26.51 -9.32 -36.19
N THR A 469 27.06 -10.15 -35.31
CA THR A 469 28.49 -10.50 -35.33
C THR A 469 28.99 -10.95 -36.69
N GLN A 470 30.04 -10.31 -37.15
CA GLN A 470 30.67 -10.64 -38.43
C GLN A 470 31.64 -11.78 -38.24
N TYR A 471 31.51 -12.85 -39.00
CA TYR A 471 32.59 -13.83 -38.97
C TYR A 471 32.71 -14.70 -40.24
N LYS A 472 33.75 -15.53 -40.28
CA LYS A 472 34.04 -16.42 -41.36
C LYS A 472 34.25 -17.82 -40.75
N GLN A 473 33.83 -18.85 -41.47
CA GLN A 473 34.10 -20.16 -40.98
C GLN A 473 34.88 -21.14 -41.90
N GLU A 474 35.92 -21.81 -41.42
CA GLU A 474 36.73 -22.71 -42.20
C GLU A 474 36.85 -24.08 -41.56
N ALA A 475 37.03 -25.12 -42.40
CA ALA A 475 37.62 -26.38 -41.95
C ALA A 475 39.09 -26.14 -41.57
N ILE A 476 39.48 -26.57 -40.37
CA ILE A 476 40.91 -26.72 -40.18
C ILE A 476 41.57 -27.77 -41.16
N PRO A 477 42.53 -27.33 -41.96
CA PRO A 477 43.28 -28.17 -42.92
C PRO A 477 43.84 -29.44 -42.31
N ASP A 478 43.56 -30.62 -42.92
CA ASP A 478 44.02 -31.92 -42.37
C ASP A 478 45.45 -32.07 -41.95
N GLU A 479 46.32 -31.42 -42.71
CA GLU A 479 47.72 -31.34 -42.40
C GLU A 479 48.01 -30.64 -41.03
N VAL A 480 47.18 -29.66 -40.70
CA VAL A 480 47.27 -29.04 -39.38
C VAL A 480 46.77 -30.00 -38.23
N ILE A 481 45.60 -30.60 -38.41
CA ILE A 481 45.20 -31.59 -37.47
C ILE A 481 46.34 -32.63 -37.24
N LYS A 482 46.97 -33.10 -38.34
CA LYS A 482 48.07 -34.12 -38.22
C LYS A 482 49.26 -33.61 -37.34
N LYS A 483 49.66 -32.38 -37.62
CA LYS A 483 50.84 -31.90 -36.97
C LYS A 483 50.59 -31.80 -35.47
N TRP A 484 49.32 -31.54 -35.09
CA TRP A 484 48.91 -31.37 -33.70
C TRP A 484 48.79 -32.75 -33.10
N GLN A 485 48.19 -33.68 -33.86
CA GLN A 485 48.20 -35.07 -33.45
C GLN A 485 49.60 -35.64 -33.16
N ASN A 486 50.65 -35.09 -33.76
CA ASN A 486 52.02 -35.58 -33.46
C ASN A 486 52.84 -34.79 -32.50
N ALA A 487 52.21 -34.18 -31.51
CA ALA A 487 52.94 -33.29 -30.64
C ALA A 487 53.69 -34.13 -29.65
N ASP A 488 55.00 -33.92 -29.50
CA ASP A 488 55.74 -34.77 -28.55
C ASP A 488 56.14 -33.93 -27.35
N LEU A 489 56.85 -34.55 -26.39
CA LEU A 489 57.17 -33.86 -25.17
C LEU A 489 58.08 -32.71 -25.54
N ASN A 490 57.87 -31.62 -24.83
CA ASN A 490 58.60 -30.42 -24.95
C ASN A 490 59.09 -30.15 -23.56
N GLY A 491 60.40 -30.14 -23.36
CA GLY A 491 60.98 -30.12 -22.04
C GLY A 491 60.76 -28.81 -21.34
N LYS A 492 60.06 -27.87 -21.96
CA LYS A 492 59.71 -26.72 -21.17
C LYS A 492 58.52 -26.96 -20.21
N PHE A 493 57.85 -28.11 -20.36
CA PHE A 493 56.65 -28.41 -19.57
C PHE A 493 56.82 -29.45 -18.44
N LYS A 494 56.67 -29.03 -17.19
CA LYS A 494 56.88 -29.86 -15.98
C LYS A 494 55.63 -29.64 -15.19
N LEU A 495 55.01 -30.68 -14.65
CA LEU A 495 53.91 -30.54 -13.67
C LEU A 495 54.38 -29.63 -12.53
N PRO A 496 53.47 -29.01 -11.77
CA PRO A 496 54.02 -28.14 -10.77
C PRO A 496 54.53 -28.95 -9.63
N THR A 497 55.10 -28.28 -8.67
CA THR A 497 55.68 -29.08 -7.62
C THR A 497 54.87 -28.82 -6.36
N LYS A 498 55.21 -29.50 -5.26
CA LYS A 498 54.52 -29.35 -3.99
C LYS A 498 54.29 -27.81 -3.85
N ASN A 499 53.10 -27.38 -3.39
CA ASN A 499 52.72 -26.00 -3.20
C ASN A 499 52.96 -25.62 -1.78
N GLU A 500 54.12 -24.98 -1.61
CA GLU A 500 54.68 -24.54 -0.33
C GLU A 500 53.83 -23.51 0.36
N PHE A 501 52.91 -22.84 -0.33
CA PHE A 501 52.05 -21.85 0.33
C PHE A 501 50.84 -22.40 1.11
N ILE A 502 50.58 -23.70 0.90
CA ILE A 502 49.46 -24.36 1.59
C ILE A 502 49.52 -24.14 3.11
N PRO A 503 48.51 -23.50 3.68
CA PRO A 503 48.64 -23.11 5.10
C PRO A 503 48.52 -24.26 6.09
N THR A 504 49.22 -24.18 7.20
CA THR A 504 49.03 -25.23 8.17
C THR A 504 48.88 -24.66 9.55
N ASN A 505 49.07 -23.38 9.75
CA ASN A 505 48.79 -22.92 11.04
C ASN A 505 47.50 -22.14 11.19
N PHE A 506 46.52 -22.68 11.91
CA PHE A 506 45.14 -22.13 12.00
C PHE A 506 44.78 -21.62 13.37
N GLU A 507 45.75 -21.45 14.23
CA GLU A 507 45.45 -21.09 15.61
C GLU A 507 44.87 -19.70 15.66
N ILE A 508 43.82 -19.51 16.45
CA ILE A 508 43.22 -18.19 16.50
C ILE A 508 43.84 -17.56 17.68
N LEU A 509 44.81 -16.67 17.57
CA LEU A 509 45.41 -16.00 18.78
C LEU A 509 44.40 -15.47 19.82
N PRO A 510 44.66 -15.65 21.16
CA PRO A 510 43.59 -15.21 22.13
C PRO A 510 43.38 -13.68 22.05
N LEU A 511 42.19 -13.23 22.39
CA LEU A 511 41.84 -11.83 22.30
C LEU A 511 42.63 -11.05 23.34
N GLU A 512 43.45 -10.08 22.95
CA GLU A 512 44.24 -9.24 23.90
C GLU A 512 43.46 -8.45 25.02
N LYS A 513 44.11 -8.19 26.16
CA LYS A 513 43.44 -7.44 27.22
C LYS A 513 43.11 -5.98 26.71
N GLU A 514 44.04 -5.31 26.00
CA GLU A 514 43.84 -3.94 25.37
C GLU A 514 43.10 -3.87 23.93
N ALA A 515 42.71 -5.02 23.37
CA ALA A 515 41.87 -5.08 22.14
C ALA A 515 40.63 -4.15 22.31
N THR A 516 40.19 -3.50 21.22
CA THR A 516 39.14 -2.41 21.16
C THR A 516 38.08 -2.73 20.09
N PRO A 517 36.84 -2.22 20.21
CA PRO A 517 35.79 -2.64 19.19
C PRO A 517 35.96 -1.97 17.82
N TYR A 518 36.60 -0.78 17.75
CA TYR A 518 37.04 -0.17 16.49
C TYR A 518 38.53 -0.14 16.26
N PRO A 519 38.97 0.11 15.02
CA PRO A 519 40.44 0.19 14.80
C PRO A 519 41.11 1.28 15.65
N ALA A 520 42.32 1.04 16.10
CA ALA A 520 42.96 2.01 16.98
C ALA A 520 44.18 2.49 16.22
N LEU A 521 44.46 3.77 16.38
CA LEU A 521 45.59 4.36 15.70
C LEU A 521 46.75 3.93 16.55
N ILE A 522 47.57 3.00 16.14
CA ILE A 522 48.58 2.57 17.10
C ILE A 522 49.99 3.04 16.66
N LYS A 523 50.09 3.81 15.57
CA LYS A 523 51.33 4.35 15.12
C LYS A 523 51.04 5.62 14.26
N ASP A 524 51.72 6.73 14.59
CA ASP A 524 51.42 8.02 13.96
C ASP A 524 52.71 8.78 13.65
N THR A 525 53.45 8.41 12.58
CA THR A 525 54.78 8.96 12.36
C THR A 525 54.84 9.68 11.02
N ALA A 526 55.94 10.37 10.77
CA ALA A 526 56.08 11.09 9.51
C ALA A 526 55.93 10.11 8.37
N MET A 527 56.49 8.93 8.56
CA MET A 527 56.46 7.93 7.55
C MET A 527 55.13 7.14 7.41
N SER A 528 54.46 6.82 8.54
CA SER A 528 53.27 5.96 8.49
C SER A 528 52.24 6.13 9.63
N LYS A 529 51.00 5.87 9.27
CA LYS A 529 49.90 6.01 10.22
C LYS A 529 49.22 4.59 10.21
N LEU A 530 49.41 3.79 11.30
CA LEU A 530 48.89 2.43 11.44
C LEU A 530 47.53 2.27 12.25
N TRP A 531 46.47 1.91 11.53
CA TRP A 531 45.22 1.59 12.21
C TRP A 531 45.09 0.09 12.39
N PHE A 532 44.62 -0.34 13.56
CA PHE A 532 44.75 -1.78 13.87
C PHE A 532 43.59 -2.30 14.66
N LYS A 533 43.14 -3.48 14.27
CA LYS A 533 42.13 -4.17 15.07
C LYS A 533 42.30 -5.67 15.00
N GLN A 534 42.42 -6.28 16.19
CA GLN A 534 42.25 -7.76 16.31
C GLN A 534 40.77 -8.16 16.12
N ASP A 535 40.53 -9.15 15.27
CA ASP A 535 39.19 -9.63 15.03
C ASP A 535 38.55 -10.11 16.34
N ASP A 536 37.41 -9.56 16.68
CA ASP A 536 36.69 -10.00 17.88
C ASP A 536 35.26 -10.51 17.47
N LYS A 537 35.04 -10.92 16.20
CA LYS A 537 33.76 -11.31 15.79
C LYS A 537 33.81 -12.59 15.01
N PHE A 538 34.68 -12.78 14.02
CA PHE A 538 34.60 -13.97 13.14
C PHE A 538 35.44 -15.20 13.50
N PHE A 539 36.59 -15.01 14.14
CA PHE A 539 37.42 -16.10 14.67
C PHE A 539 37.88 -17.11 13.63
N LEU A 540 38.09 -16.63 12.43
CA LEU A 540 38.69 -17.49 11.48
C LEU A 540 40.20 -17.18 11.33
N PRO A 541 41.01 -18.13 10.85
CA PRO A 541 42.46 -17.79 10.79
C PRO A 541 42.82 -16.94 9.57
N LYS A 542 42.30 -15.73 9.52
CA LYS A 542 42.46 -14.93 8.28
C LYS A 542 42.79 -13.54 8.62
N ALA A 543 43.36 -12.78 7.68
CA ALA A 543 43.55 -11.35 8.05
C ALA A 543 43.49 -10.51 6.80
N ASN A 544 43.20 -9.23 6.96
CA ASN A 544 43.35 -8.26 5.87
C ASN A 544 44.35 -7.20 6.23
N LEU A 545 45.29 -6.91 5.31
CA LEU A 545 46.35 -5.91 5.44
C LEU A 545 46.24 -4.99 4.29
N ASN A 546 45.79 -3.78 4.56
CA ASN A 546 45.61 -2.75 3.54
C ASN A 546 46.55 -1.55 3.67
N PHE A 547 47.09 -1.05 2.55
CA PHE A 547 48.00 0.13 2.62
C PHE A 547 47.69 1.12 1.58
N GLU A 548 47.49 2.39 1.93
CA GLU A 548 47.71 3.45 0.93
C GLU A 548 49.13 3.94 0.99
N PHE A 549 49.80 3.95 -0.13
CA PHE A 549 51.03 4.72 -0.31
C PHE A 549 50.74 6.08 -0.99
N PHE A 550 51.00 7.22 -0.35
CA PHE A 550 50.82 8.51 -1.03
C PHE A 550 52.12 8.99 -1.67
N SER A 551 52.14 9.25 -2.99
CA SER A 551 53.17 10.05 -3.60
C SER A 551 52.57 11.04 -4.53
N PRO A 552 52.97 12.28 -4.42
CA PRO A 552 52.41 13.34 -5.31
C PRO A 552 52.74 12.99 -6.80
N PHE A 553 53.88 12.33 -7.02
CA PHE A 553 54.16 11.87 -8.35
C PHE A 553 53.34 10.82 -9.03
N ALA A 554 52.36 10.18 -8.42
CA ALA A 554 51.62 9.12 -9.15
C ALA A 554 50.66 9.76 -10.14
N TYR A 555 50.43 11.05 -9.96
CA TYR A 555 49.37 11.65 -10.69
C TYR A 555 49.70 13.09 -11.01
N VAL A 556 50.96 13.46 -10.79
CA VAL A 556 51.37 14.82 -11.12
C VAL A 556 50.93 15.18 -12.57
N ASP A 557 51.05 14.28 -13.54
CA ASP A 557 50.53 14.57 -14.87
C ASP A 557 50.16 13.31 -15.69
N PRO A 558 49.46 13.48 -16.81
CA PRO A 558 49.15 12.28 -17.60
C PRO A 558 50.24 11.25 -17.77
N LEU A 559 51.44 11.71 -18.08
CA LEU A 559 52.59 10.81 -18.27
C LEU A 559 52.98 10.03 -16.96
N HIS A 560 52.86 10.65 -15.78
CA HIS A 560 53.22 10.01 -14.52
C HIS A 560 52.21 8.98 -14.15
N SER A 561 50.99 9.37 -14.42
CA SER A 561 49.92 8.52 -14.28
C SER A 561 50.11 7.27 -15.17
N ASN A 562 50.47 7.48 -16.42
CA ASN A 562 50.72 6.32 -17.20
C ASN A 562 51.80 5.46 -16.62
N MET A 563 52.75 6.11 -16.00
CA MET A 563 53.90 5.37 -15.62
C MET A 563 53.61 4.50 -14.38
N ALA A 564 52.87 5.09 -13.43
CA ALA A 564 52.48 4.45 -12.19
C ALA A 564 51.71 3.18 -12.59
N TYR A 565 50.76 3.39 -13.48
CA TYR A 565 50.02 2.33 -13.99
C TYR A 565 50.94 1.32 -14.58
N LEU A 566 51.76 1.67 -15.55
CA LEU A 566 52.57 0.63 -16.21
C LEU A 566 53.48 -0.14 -15.24
N TYR A 567 54.10 0.62 -14.33
CA TYR A 567 54.97 0.04 -13.33
C TYR A 567 54.23 -1.09 -12.62
N LEU A 568 53.10 -0.74 -12.03
CA LEU A 568 52.40 -1.68 -11.25
C LEU A 568 51.94 -2.89 -12.14
N GLU A 569 51.58 -2.69 -13.40
CA GLU A 569 51.21 -3.85 -14.17
C GLU A 569 52.41 -4.74 -14.35
N LEU A 570 53.58 -4.12 -14.59
CA LEU A 570 54.81 -4.86 -14.91
C LEU A 570 55.32 -5.67 -13.75
N LEU A 571 55.10 -5.09 -12.58
CA LEU A 571 55.34 -5.77 -11.35
C LEU A 571 54.50 -7.02 -11.21
N LYS A 572 53.17 -6.83 -11.20
CA LYS A 572 52.23 -7.95 -11.12
C LYS A 572 52.54 -8.95 -12.20
N ASP A 573 52.77 -8.47 -13.40
CA ASP A 573 53.20 -9.46 -14.38
C ASP A 573 54.42 -10.29 -13.98
N SER A 574 55.38 -9.67 -13.30
CA SER A 574 56.59 -10.34 -12.93
C SER A 574 56.38 -11.21 -11.71
N LEU A 575 55.60 -10.75 -10.72
CA LEU A 575 55.26 -11.62 -9.59
C LEU A 575 54.35 -12.83 -9.88
N ASN A 576 53.64 -12.80 -11.02
CA ASN A 576 52.57 -13.70 -11.23
C ASN A 576 52.86 -15.15 -10.94
N GLU A 577 53.90 -15.69 -11.59
CA GLU A 577 54.31 -17.09 -11.42
C GLU A 577 54.48 -17.44 -9.94
N TYR A 578 54.98 -16.55 -9.12
CA TYR A 578 55.25 -16.92 -7.77
C TYR A 578 54.02 -16.69 -6.96
N ALA A 579 53.26 -15.64 -7.31
CA ALA A 579 52.09 -15.32 -6.52
C ALA A 579 50.93 -16.36 -6.75
N TYR A 580 50.90 -17.08 -7.88
CA TYR A 580 49.79 -17.98 -8.26
C TYR A 580 49.53 -19.03 -7.19
N ALA A 581 50.66 -19.66 -6.73
CA ALA A 581 50.65 -20.69 -5.71
C ALA A 581 50.00 -20.05 -4.50
N ALA A 582 50.36 -18.81 -4.16
CA ALA A 582 49.73 -18.27 -2.92
C ALA A 582 48.26 -18.18 -3.14
N GLU A 583 47.89 -17.77 -4.32
CA GLU A 583 46.49 -17.67 -4.56
C GLU A 583 45.68 -19.04 -4.54
N LEU A 584 46.17 -20.08 -5.17
CA LEU A 584 45.52 -21.32 -4.94
C LEU A 584 45.43 -21.60 -3.45
N ALA A 585 46.41 -21.18 -2.63
CA ALA A 585 46.38 -21.49 -1.23
C ALA A 585 45.54 -20.47 -0.45
N GLY A 586 44.64 -19.70 -1.11
CA GLY A 586 43.83 -18.71 -0.34
C GLY A 586 44.53 -17.47 0.26
N LEU A 587 45.57 -17.02 -0.42
CA LEU A 587 46.33 -15.87 0.00
C LEU A 587 46.36 -15.09 -1.25
N SER A 588 45.77 -13.92 -1.27
CA SER A 588 45.91 -13.17 -2.48
C SER A 588 46.22 -11.69 -2.28
N TYR A 589 46.40 -11.01 -3.37
CA TYR A 589 46.70 -9.61 -3.23
C TYR A 589 46.18 -8.78 -4.38
N ASP A 590 45.97 -7.55 -4.05
CA ASP A 590 45.54 -6.58 -4.96
C ASP A 590 46.51 -5.36 -5.01
N LEU A 591 46.95 -4.99 -6.19
CA LEU A 591 47.91 -3.91 -6.23
C LEU A 591 47.62 -3.00 -7.44
N GLN A 592 47.18 -1.77 -7.16
CA GLN A 592 47.00 -0.75 -8.19
C GLN A 592 47.30 0.71 -7.85
N ASN A 593 47.45 1.50 -8.88
CA ASN A 593 47.74 2.92 -8.80
C ASN A 593 46.46 3.68 -8.66
N THR A 594 46.48 4.72 -7.85
CA THR A 594 45.33 5.51 -7.52
C THR A 594 45.73 6.93 -7.84
N ILE A 595 44.79 7.85 -7.84
CA ILE A 595 45.11 9.23 -8.08
C ILE A 595 46.03 9.79 -6.98
N TYR A 596 46.31 9.02 -5.93
CA TYR A 596 47.15 9.53 -4.86
C TYR A 596 48.48 8.82 -4.78
N GLY A 597 48.63 7.74 -5.52
CA GLY A 597 49.80 6.89 -5.30
C GLY A 597 49.31 5.50 -5.55
N MET A 598 49.46 4.62 -4.56
CA MET A 598 49.24 3.21 -4.77
C MET A 598 48.43 2.58 -3.64
N TYR A 599 47.78 1.50 -4.02
CA TYR A 599 46.97 0.74 -3.08
C TYR A 599 47.39 -0.70 -3.14
N LEU A 600 47.59 -1.28 -1.95
CA LEU A 600 48.02 -2.67 -1.82
C LEU A 600 47.11 -3.26 -0.81
N SER A 601 46.45 -4.33 -1.21
CA SER A 601 45.76 -5.15 -0.21
C SER A 601 46.22 -6.57 -0.26
N VAL A 602 46.43 -7.13 0.90
CA VAL A 602 46.79 -8.56 0.98
C VAL A 602 45.79 -9.22 1.94
N LYS A 603 45.10 -10.26 1.47
CA LYS A 603 43.97 -10.91 2.22
C LYS A 603 44.11 -12.48 2.23
N GLY A 604 43.52 -13.21 3.20
CA GLY A 604 43.49 -14.65 3.20
C GLY A 604 43.94 -15.12 4.56
N TYR A 605 44.33 -16.37 4.56
CA TYR A 605 44.80 -16.98 5.77
C TYR A 605 46.10 -16.28 6.26
N ASN A 606 46.12 -15.96 7.56
CA ASN A 606 47.20 -15.19 8.06
C ASN A 606 48.55 -15.91 8.03
N ASP A 607 48.55 -17.23 8.19
CA ASP A 607 49.74 -18.08 8.23
C ASP A 607 51.00 -17.76 7.37
N LYS A 608 50.86 -17.56 6.07
CA LYS A 608 52.04 -17.39 5.31
C LYS A 608 52.02 -15.98 4.72
N GLN A 609 51.19 -15.12 5.26
CA GLN A 609 50.95 -13.82 4.68
C GLN A 609 52.20 -12.91 4.74
N PRO A 610 52.97 -12.90 5.88
CA PRO A 610 54.17 -12.12 5.89
C PRO A 610 55.14 -12.47 4.81
N ILE A 611 55.13 -13.70 4.34
CA ILE A 611 56.01 -14.05 3.30
C ILE A 611 55.64 -13.31 2.04
N LEU A 612 54.36 -13.26 1.79
CA LEU A 612 53.94 -12.75 0.49
C LEU A 612 54.15 -11.21 0.46
N LEU A 613 53.70 -10.54 1.55
CA LEU A 613 53.86 -9.09 1.74
C LEU A 613 55.30 -8.71 1.52
N LYS A 614 56.22 -9.34 2.25
CA LYS A 614 57.64 -9.13 2.09
C LYS A 614 58.01 -9.21 0.63
N LYS A 615 57.78 -10.34 -0.05
CA LYS A 615 58.21 -10.50 -1.47
C LYS A 615 57.67 -9.35 -2.34
N ILE A 616 56.41 -8.97 -2.16
CA ILE A 616 55.85 -7.83 -2.91
C ILE A 616 56.69 -6.51 -2.75
N ILE A 617 56.80 -6.02 -1.52
CA ILE A 617 57.45 -4.74 -1.24
C ILE A 617 58.91 -4.82 -1.67
N GLU A 618 59.56 -5.93 -1.38
CA GLU A 618 60.86 -6.08 -1.85
C GLU A 618 60.93 -6.00 -3.41
N LYS A 619 59.97 -6.58 -4.14
CA LYS A 619 60.07 -6.51 -5.57
C LYS A 619 59.79 -5.13 -6.06
N MET A 620 58.89 -4.49 -5.36
CA MET A 620 58.46 -3.19 -5.70
C MET A 620 59.69 -2.29 -5.62
N ALA A 621 60.47 -2.46 -4.59
CA ALA A 621 61.62 -1.58 -4.37
C ALA A 621 62.88 -1.92 -5.08
N THR A 622 62.96 -2.93 -5.95
CA THR A 622 64.28 -3.29 -6.46
C THR A 622 63.95 -3.88 -7.79
N PHE A 623 62.84 -3.40 -8.32
CA PHE A 623 62.25 -3.92 -9.55
C PHE A 623 63.20 -3.77 -10.75
N GLU A 624 63.36 -4.77 -11.59
CA GLU A 624 64.01 -4.48 -12.88
C GLU A 624 63.12 -4.94 -14.01
N ILE A 625 62.89 -4.05 -14.94
CA ILE A 625 61.93 -4.28 -15.98
C ILE A 625 62.42 -5.02 -17.16
N ASP A 626 61.71 -6.04 -17.61
CA ASP A 626 62.05 -6.72 -18.89
C ASP A 626 61.61 -5.88 -20.14
N GLU A 627 62.53 -5.41 -20.96
CA GLU A 627 62.12 -4.64 -22.18
C GLU A 627 60.94 -5.27 -22.99
N LYS A 628 61.06 -6.53 -23.43
CA LYS A 628 59.99 -7.32 -24.09
C LYS A 628 58.60 -7.21 -23.38
N ARG A 629 58.58 -7.36 -22.07
CA ARG A 629 57.36 -7.29 -21.25
C ARG A 629 56.71 -5.93 -21.27
N PHE A 630 57.47 -4.91 -20.88
CA PHE A 630 57.18 -3.49 -21.22
C PHE A 630 56.53 -3.15 -22.61
N GLU A 631 57.07 -3.70 -23.67
CA GLU A 631 56.57 -3.34 -24.94
C GLU A 631 55.15 -3.92 -25.09
N ILE A 632 54.99 -5.21 -24.70
CA ILE A 632 53.70 -5.92 -24.68
C ILE A 632 52.65 -5.20 -23.85
N ILE A 633 52.98 -4.96 -22.58
CA ILE A 633 52.00 -4.39 -21.68
C ILE A 633 51.61 -3.02 -22.21
N LYS A 634 52.57 -2.22 -22.64
CA LYS A 634 52.31 -0.90 -23.25
C LYS A 634 51.24 -0.99 -24.39
N GLU A 635 51.43 -1.94 -25.28
CA GLU A 635 50.51 -2.07 -26.31
C GLU A 635 49.09 -2.47 -25.74
N ALA A 636 49.02 -3.40 -24.77
CA ALA A 636 47.69 -3.78 -24.21
C ALA A 636 47.01 -2.51 -23.60
N TYR A 637 47.81 -1.59 -23.05
CA TYR A 637 47.24 -0.48 -22.40
C TYR A 637 46.76 0.61 -23.36
N MET A 638 47.44 0.83 -24.47
CA MET A 638 46.94 1.70 -25.51
C MET A 638 45.53 1.16 -25.88
N ARG A 639 45.43 -0.16 -26.11
CA ARG A 639 44.16 -0.70 -26.56
C ARG A 639 43.10 -0.47 -25.52
N SER A 640 43.51 -0.64 -24.28
CA SER A 640 42.64 -0.51 -23.19
C SER A 640 42.01 0.89 -23.07
N LEU A 641 42.82 1.94 -23.11
CA LEU A 641 42.34 3.31 -23.33
C LEU A 641 41.43 3.50 -24.56
N ASN A 642 41.85 3.10 -25.76
CA ASN A 642 40.93 3.14 -26.90
C ASN A 642 39.62 2.50 -26.63
N ASN A 643 39.62 1.35 -25.95
CA ASN A 643 38.45 0.53 -25.93
C ASN A 643 37.44 1.18 -25.07
N PHE A 644 37.82 2.27 -24.40
CA PHE A 644 36.85 2.89 -23.56
C PHE A 644 35.72 3.41 -24.40
N ARG A 645 36.03 3.61 -25.67
CA ARG A 645 35.17 4.30 -26.61
C ARG A 645 33.94 3.37 -26.79
N ALA A 646 34.09 2.13 -26.35
CA ALA A 646 33.06 1.17 -26.59
C ALA A 646 32.35 0.83 -25.30
N GLU A 647 32.70 1.41 -24.18
CA GLU A 647 31.92 1.18 -22.97
C GLU A 647 30.53 1.69 -23.08
N GLN A 648 29.67 1.22 -22.20
CA GLN A 648 28.28 1.57 -22.29
C GLN A 648 27.94 3.10 -22.12
N PRO A 649 26.92 3.61 -22.83
CA PRO A 649 26.57 5.08 -22.68
C PRO A 649 26.37 5.56 -21.20
N HIS A 650 25.70 4.78 -20.38
CA HIS A 650 25.70 5.14 -19.00
C HIS A 650 27.12 4.88 -18.41
N HIS A 652 29.96 5.85 -18.75
CA HIS A 652 30.40 7.00 -19.69
C HIS A 652 29.79 8.32 -19.20
N ALA A 653 28.44 8.44 -19.13
CA ALA A 653 27.87 9.60 -18.43
C ALA A 653 28.52 9.74 -17.06
N MET A 654 28.64 8.61 -16.30
CA MET A 654 29.36 8.66 -15.01
C MET A 654 30.81 9.09 -15.12
N TYR A 655 31.50 8.60 -16.13
CA TYR A 655 32.86 9.05 -16.33
C TYR A 655 33.06 10.59 -16.50
N TYR A 656 32.30 11.16 -17.41
CA TYR A 656 32.34 12.59 -17.63
C TYR A 656 31.90 13.42 -16.42
N LEU A 657 30.88 12.97 -15.66
CA LEU A 657 30.60 13.73 -14.44
C LEU A 657 31.79 13.65 -13.46
N ARG A 658 32.43 12.49 -13.39
CA ARG A 658 33.48 12.33 -12.44
C ARG A 658 34.57 13.33 -12.83
N LEU A 659 35.01 13.35 -14.09
CA LEU A 659 35.90 14.44 -14.54
C LEU A 659 35.35 15.87 -14.31
N LEU A 660 34.08 16.19 -14.58
CA LEU A 660 33.61 17.55 -14.36
C LEU A 660 33.61 17.98 -12.91
N MET A 661 33.50 17.05 -11.97
CA MET A 661 33.23 17.46 -10.61
C MET A 661 34.48 17.46 -9.70
N THR A 662 35.54 16.71 -10.07
CA THR A 662 36.79 16.60 -9.26
C THR A 662 37.85 17.62 -9.69
N GLU A 663 38.50 18.17 -8.68
CA GLU A 663 39.50 19.17 -8.91
C GLU A 663 40.48 18.79 -10.04
N VAL A 664 41.10 17.62 -9.92
CA VAL A 664 42.16 17.21 -10.85
C VAL A 664 41.81 15.84 -11.41
N ALA A 665 41.76 15.67 -12.72
CA ALA A 665 41.51 14.35 -13.32
C ALA A 665 41.89 14.38 -14.76
N TRP A 666 42.73 13.45 -15.18
CA TRP A 666 43.18 13.46 -16.51
C TRP A 666 42.18 12.70 -17.43
N THR A 667 41.81 13.20 -18.61
CA THR A 667 40.99 12.41 -19.54
C THR A 667 41.68 11.16 -20.09
N LYS A 668 40.89 10.20 -20.61
CA LYS A 668 41.41 8.94 -21.27
C LYS A 668 42.22 9.42 -22.48
N ASP A 669 41.76 10.52 -23.09
CA ASP A 669 42.45 11.12 -24.25
C ASP A 669 43.77 11.66 -23.90
N GLU A 670 43.86 12.43 -22.82
CA GLU A 670 45.14 12.93 -22.39
C GLU A 670 46.12 11.80 -22.08
N LEU A 671 45.63 10.75 -21.42
CA LEU A 671 46.52 9.68 -21.01
C LEU A 671 47.02 8.99 -22.26
N LYS A 672 46.19 8.88 -23.27
CA LYS A 672 46.53 8.19 -24.50
C LYS A 672 47.61 8.94 -25.25
N GLU A 673 47.42 10.24 -25.40
CA GLU A 673 48.44 11.07 -25.97
C GLU A 673 49.77 10.86 -25.26
N ALA A 674 49.78 11.11 -23.96
CA ALA A 674 50.99 11.01 -23.17
C ALA A 674 51.67 9.65 -23.23
N LEU A 675 50.90 8.61 -23.49
CA LEU A 675 51.45 7.27 -23.64
C LEU A 675 52.54 7.01 -24.69
N ASP A 676 52.70 7.83 -25.72
CA ASP A 676 53.76 7.52 -26.69
C ASP A 676 55.13 7.95 -26.19
N ASP A 677 55.14 8.87 -25.23
CA ASP A 677 56.34 9.34 -24.59
C ASP A 677 56.85 8.45 -23.50
N VAL A 678 56.18 7.34 -23.25
CA VAL A 678 56.63 6.47 -22.17
C VAL A 678 57.69 5.55 -22.76
N THR A 679 58.94 5.74 -22.45
CA THR A 679 59.95 4.89 -23.07
C THR A 679 60.48 4.12 -21.92
N LEU A 680 61.16 3.01 -22.22
CA LEU A 680 61.89 2.27 -21.13
C LEU A 680 62.79 3.18 -20.25
N PRO A 681 63.69 3.96 -20.90
CA PRO A 681 64.53 4.87 -20.10
C PRO A 681 63.70 5.71 -19.13
N ARG A 682 62.65 6.36 -19.64
CA ARG A 682 61.74 7.15 -18.84
C ARG A 682 61.07 6.37 -17.61
N LEU A 683 60.53 5.15 -17.87
CA LEU A 683 60.07 4.34 -16.75
C LEU A 683 61.08 4.05 -15.68
N LYS A 684 62.25 3.43 -16.00
CA LYS A 684 63.35 3.15 -15.02
C LYS A 684 63.62 4.35 -14.20
N ALA A 685 63.58 5.49 -14.82
CA ALA A 685 63.86 6.68 -14.06
C ALA A 685 62.77 7.04 -13.02
N PHE A 686 61.51 6.82 -13.41
CA PHE A 686 60.36 7.14 -12.61
C PHE A 686 60.23 6.35 -11.29
N ILE A 687 60.52 5.04 -11.33
CA ILE A 687 60.26 4.23 -10.14
C ILE A 687 60.96 4.71 -8.86
N PRO A 688 62.30 4.95 -8.95
CA PRO A 688 63.01 5.43 -7.74
C PRO A 688 62.50 6.79 -7.38
N GLN A 689 62.09 7.50 -8.41
CA GLN A 689 61.60 8.84 -8.15
C GLN A 689 60.35 8.70 -7.25
N LEU A 690 59.41 7.86 -7.69
CA LEU A 690 58.12 7.69 -7.04
C LEU A 690 58.25 7.19 -5.62
N LEU A 691 59.18 6.25 -5.42
CA LEU A 691 59.43 5.55 -4.18
C LEU A 691 60.25 6.34 -3.15
N SER A 692 60.76 7.51 -3.53
CA SER A 692 61.70 8.21 -2.67
C SER A 692 61.08 9.02 -1.56
N ARG A 693 59.93 9.64 -1.80
CA ARG A 693 59.12 10.10 -0.64
C ARG A 693 57.71 9.54 -0.66
N LEU A 694 57.30 8.85 0.44
CA LEU A 694 55.94 8.26 0.60
C LEU A 694 55.46 8.52 1.96
N HIS A 695 54.14 8.49 2.16
CA HIS A 695 53.51 8.31 3.45
C HIS A 695 52.71 7.01 3.34
N ILE A 696 52.42 6.32 4.45
CA ILE A 696 51.72 5.07 4.38
C ILE A 696 50.62 5.09 5.41
N GLU A 697 49.39 4.77 4.98
CA GLU A 697 48.35 4.61 5.96
C GLU A 697 47.80 3.23 5.79
N ALA A 698 47.80 2.48 6.87
CA ALA A 698 47.51 1.07 6.81
C ALA A 698 46.35 0.73 7.75
N LEU A 699 45.57 -0.25 7.31
CA LEU A 699 44.61 -0.92 8.22
C LEU A 699 45.01 -2.36 8.32
N LEU A 700 45.43 -2.80 9.50
CA LEU A 700 45.70 -4.24 9.64
C LEU A 700 44.65 -4.84 10.56
N HIS A 701 43.95 -5.87 10.10
CA HIS A 701 42.66 -6.27 10.71
C HIS A 701 42.36 -7.75 10.53
N GLY A 702 42.11 -8.45 11.61
CA GLY A 702 42.05 -9.93 11.51
C GLY A 702 42.64 -10.76 12.65
N ASN A 703 43.12 -11.97 12.34
CA ASN A 703 43.77 -12.82 13.32
C ASN A 703 45.25 -12.42 13.49
N ILE A 704 45.46 -11.26 14.09
CA ILE A 704 46.79 -10.83 14.43
C ILE A 704 46.78 -9.97 15.69
N THR A 705 47.96 -10.01 16.36
CA THR A 705 48.22 -9.17 17.52
C THR A 705 48.78 -7.77 17.16
N LYS A 706 48.60 -6.83 18.09
CA LYS A 706 49.28 -5.54 18.03
C LYS A 706 50.81 -5.62 17.71
N GLN A 707 51.50 -6.51 18.44
CA GLN A 707 52.94 -6.69 18.15
C GLN A 707 53.17 -7.18 16.74
N ALA A 708 52.36 -8.13 16.28
CA ALA A 708 52.51 -8.61 14.87
C ALA A 708 52.22 -7.49 13.89
N ALA A 709 51.26 -6.64 14.26
CA ALA A 709 50.83 -5.59 13.34
C ALA A 709 51.96 -4.49 13.26
N LEU A 710 52.38 -3.93 14.40
CA LEU A 710 53.51 -3.07 14.43
C LEU A 710 54.68 -3.68 13.65
N GLY A 711 54.87 -5.00 13.80
CA GLY A 711 56.01 -5.65 13.17
C GLY A 711 55.84 -5.69 11.67
N ILE A 712 54.64 -6.03 11.21
CA ILE A 712 54.38 -6.06 9.76
C ILE A 712 54.52 -4.68 9.09
N MET A 713 54.04 -3.64 9.81
CA MET A 713 54.10 -2.30 9.34
C MET A 713 55.54 -1.91 9.19
N GLN A 714 56.35 -2.28 10.19
CA GLN A 714 57.71 -1.78 10.21
C GLN A 714 58.54 -2.52 9.20
N MET A 715 58.22 -3.80 8.98
CA MET A 715 58.91 -4.47 7.91
C MET A 715 58.69 -3.85 6.51
N VAL A 716 57.48 -3.33 6.30
CA VAL A 716 57.22 -2.69 5.02
C VAL A 716 58.09 -1.43 4.89
N GLU A 717 57.94 -0.57 5.89
CA GLU A 717 58.84 0.60 6.04
C GLU A 717 60.32 0.31 5.77
N ASP A 718 60.90 -0.63 6.55
CA ASP A 718 62.33 -0.98 6.46
C ASP A 718 62.64 -1.55 5.09
N THR A 719 61.76 -2.34 4.53
CA THR A 719 62.13 -2.84 3.23
C THR A 719 62.30 -1.67 2.28
N LEU A 720 61.40 -0.67 2.38
CA LEU A 720 61.42 0.45 1.45
C LEU A 720 62.64 1.33 1.64
N ILE A 721 62.88 1.74 2.88
CA ILE A 721 64.16 2.40 3.24
C ILE A 721 65.43 1.66 2.70
N GLU A 722 65.55 0.38 3.01
CA GLU A 722 66.73 -0.32 2.62
C GLU A 722 66.98 -0.28 1.14
N HIS A 723 65.95 -0.35 0.34
CA HIS A 723 66.18 -0.68 -1.05
C HIS A 723 65.85 0.46 -1.90
N ALA A 724 65.13 1.43 -1.38
CA ALA A 724 64.70 2.56 -2.18
C ALA A 724 64.94 3.93 -1.50
N HIS A 725 65.59 3.92 -0.34
CA HIS A 725 65.99 5.12 0.40
C HIS A 725 64.79 6.03 0.66
N THR A 726 63.61 5.47 0.79
CA THR A 726 62.43 6.29 1.01
C THR A 726 62.51 7.23 2.20
N LYS A 727 62.05 8.47 2.05
CA LYS A 727 61.95 9.31 3.24
C LYS A 727 60.50 9.82 3.34
N PRO A 728 60.09 10.31 4.53
CA PRO A 728 58.72 10.77 4.77
C PRO A 728 58.26 11.91 3.84
N LEU A 729 56.97 12.08 3.64
CA LEU A 729 56.39 13.16 2.86
C LEU A 729 56.06 14.27 3.89
N LEU A 730 55.92 15.52 3.49
CA LEU A 730 55.54 16.54 4.45
C LEU A 730 54.00 16.55 4.62
N PRO A 731 53.56 16.76 5.88
CA PRO A 731 52.10 16.82 6.16
C PRO A 731 51.33 17.54 5.04
N SER A 732 51.78 18.69 4.62
CA SER A 732 51.10 19.41 3.50
C SER A 732 51.05 18.65 2.14
N GLN A 733 52.07 17.90 1.74
CA GLN A 733 51.95 17.31 0.41
C GLN A 733 50.94 16.19 0.41
N LEU A 734 50.21 15.96 1.53
CA LEU A 734 49.23 14.83 1.62
C LEU A 734 47.87 15.41 1.23
N VAL A 735 47.84 16.22 0.18
CA VAL A 735 46.62 16.76 -0.42
C VAL A 735 45.48 15.73 -0.60
N ARG A 736 44.25 16.11 -0.26
CA ARG A 736 43.09 15.44 -0.84
C ARG A 736 42.50 16.32 -1.99
N TYR A 737 41.77 15.80 -2.98
CA TYR A 737 41.28 16.72 -4.01
C TYR A 737 39.91 17.24 -3.63
N ARG A 738 39.45 18.34 -4.21
CA ARG A 738 38.19 18.90 -3.82
C ARG A 738 37.13 18.75 -4.94
N GLU A 739 35.90 19.06 -4.62
CA GLU A 739 34.86 19.08 -5.62
C GLU A 739 34.39 20.50 -5.98
N VAL A 740 34.15 20.71 -7.27
CA VAL A 740 33.53 21.91 -7.83
C VAL A 740 32.26 22.34 -7.08
N GLN A 741 32.10 23.64 -6.85
CA GLN A 741 31.02 24.08 -6.08
C GLN A 741 30.02 24.75 -7.03
N LEU A 742 28.86 24.12 -7.21
CA LEU A 742 27.90 24.63 -8.14
C LEU A 742 27.20 25.90 -7.61
N PRO A 743 26.91 26.86 -8.47
CA PRO A 743 26.18 28.05 -8.02
C PRO A 743 24.71 27.80 -7.70
N ASP A 744 24.22 28.36 -6.58
CA ASP A 744 22.78 28.42 -6.33
C ASP A 744 22.05 28.76 -7.61
N ARG A 745 21.05 27.94 -7.91
CA ARG A 745 20.10 28.20 -8.96
C ARG A 745 20.62 27.88 -10.30
N GLY A 746 21.80 27.34 -10.43
CA GLY A 746 22.20 27.07 -11.80
C GLY A 746 22.02 25.66 -12.27
N TRP A 747 22.16 25.48 -13.60
CA TRP A 747 22.05 24.19 -14.24
C TRP A 747 23.03 24.12 -15.41
N PHE A 748 23.89 23.12 -15.45
CA PHE A 748 24.82 23.01 -16.55
C PHE A 748 24.60 21.68 -17.18
N VAL A 749 24.75 21.60 -18.51
CA VAL A 749 24.68 20.37 -19.28
C VAL A 749 26.01 20.19 -20.00
N TYR A 750 26.48 18.94 -20.03
CA TYR A 750 27.67 18.67 -20.78
C TYR A 750 27.24 17.54 -21.60
N GLN A 751 27.40 17.67 -22.91
CA GLN A 751 26.87 16.76 -23.85
C GLN A 751 27.91 16.05 -24.72
N GLN A 752 27.81 14.74 -24.92
CA GLN A 752 28.71 13.98 -25.78
C GLN A 752 28.04 12.84 -26.57
N ARG A 753 28.77 12.18 -27.46
CA ARG A 753 28.16 11.14 -28.27
C ARG A 753 28.80 9.76 -28.02
N ASN A 754 28.03 8.68 -27.80
CA ASN A 754 28.66 7.35 -27.81
C ASN A 754 28.76 6.88 -29.24
N GLU A 755 29.97 6.66 -29.74
CA GLU A 755 30.17 6.35 -31.16
C GLU A 755 29.76 4.87 -31.44
N VAL A 756 29.80 3.99 -30.47
CA VAL A 756 29.53 2.56 -30.67
C VAL A 756 28.05 2.13 -30.46
N HIS A 757 27.40 2.54 -29.39
CA HIS A 757 26.11 1.95 -28.96
C HIS A 757 24.93 2.79 -29.41
N ASN A 758 23.76 2.20 -29.55
CA ASN A 758 22.72 2.98 -30.08
C ASN A 758 21.74 3.29 -29.01
N ASN A 759 22.20 3.64 -27.81
CA ASN A 759 21.29 4.08 -26.75
C ASN A 759 21.79 5.43 -26.23
N SER A 760 21.10 6.11 -25.36
CA SER A 760 21.66 7.25 -24.67
C SER A 760 22.00 6.88 -23.29
N GLY A 761 22.70 7.81 -22.66
CA GLY A 761 22.74 7.77 -21.23
C GLY A 761 22.68 9.14 -20.63
N ILE A 762 22.30 9.18 -19.38
CA ILE A 762 22.26 10.43 -18.72
C ILE A 762 22.58 10.21 -17.29
N GLU A 763 23.32 11.15 -16.72
CA GLU A 763 23.46 11.28 -15.28
C GLU A 763 23.06 12.69 -14.91
N ILE A 764 22.22 12.80 -13.89
CA ILE A 764 21.78 14.10 -13.43
C ILE A 764 22.14 14.12 -11.96
N TYR A 765 22.91 15.13 -11.61
CA TYR A 765 23.36 15.23 -10.26
C TYR A 765 22.78 16.50 -9.62
N TYR A 766 22.07 16.34 -8.51
CA TYR A 766 21.62 17.50 -7.69
C TYR A 766 22.60 17.67 -6.48
N GLN A 767 23.58 18.56 -6.61
CA GLN A 767 24.57 18.69 -5.57
C GLN A 767 23.84 19.31 -4.37
N THR A 768 24.08 18.81 -3.15
CA THR A 768 23.49 19.40 -1.95
C THR A 768 24.56 20.10 -1.11
N ASP A 769 25.27 19.47 -0.23
CA ASP A 769 26.23 20.19 0.56
C ASP A 769 27.33 19.27 1.06
N MET A 770 28.19 19.73 1.99
CA MET A 770 29.24 18.86 2.47
C MET A 770 28.58 17.74 3.20
N GLN A 771 29.32 16.67 3.39
CA GLN A 771 28.83 15.65 4.24
C GLN A 771 28.84 16.05 5.75
N SER A 772 27.78 15.65 6.44
CA SER A 772 27.77 15.66 7.90
C SER A 772 26.58 14.90 8.39
N THR A 773 26.58 14.64 9.69
CA THR A 773 25.49 13.90 10.26
C THR A 773 24.12 14.33 9.66
N SER A 774 23.81 15.61 9.77
CA SER A 774 22.49 15.98 9.38
C SER A 774 22.33 16.02 7.81
N GLU A 775 23.27 16.64 7.14
CA GLU A 775 23.23 16.64 5.68
C GLU A 775 23.10 15.27 5.07
N ASN A 776 23.83 14.29 5.62
CA ASN A 776 23.81 12.88 5.17
C ASN A 776 22.49 12.19 5.29
N MET A 777 21.96 12.24 6.50
CA MET A 777 20.68 11.61 6.79
C MET A 777 19.55 12.30 6.09
N PHE A 778 19.62 13.61 5.75
CA PHE A 778 18.50 14.20 5.02
C PHE A 778 18.50 13.57 3.67
N LEU A 779 19.70 13.43 3.08
CA LEU A 779 19.76 12.95 1.71
C LEU A 779 19.42 11.48 1.70
N GLU A 780 19.72 10.75 2.78
CA GLU A 780 19.54 9.30 2.71
C GLU A 780 18.11 8.98 2.86
N LEU A 781 17.41 9.69 3.72
CA LEU A 781 15.96 9.37 3.94
C LEU A 781 15.26 9.67 2.64
N PHE A 782 15.65 10.79 2.04
CA PHE A 782 15.02 11.12 0.85
C PHE A 782 15.22 10.04 -0.21
N ALA A 783 16.44 9.47 -0.28
CA ALA A 783 16.77 8.50 -1.33
C ALA A 783 15.91 7.26 -1.01
N GLN A 784 15.74 6.94 0.25
CA GLN A 784 15.00 5.77 0.65
C GLN A 784 13.49 5.86 0.25
N ILE A 785 12.88 6.99 0.49
CA ILE A 785 11.51 7.22 0.09
C ILE A 785 11.38 7.20 -1.45
N ILE A 786 12.37 7.62 -2.21
CA ILE A 786 12.10 7.68 -3.63
C ILE A 786 12.64 6.47 -4.37
N SER A 787 13.35 5.62 -3.65
CA SER A 787 14.01 4.52 -4.24
C SER A 787 13.16 3.51 -5.05
N GLU A 788 12.13 2.85 -4.48
CA GLU A 788 11.32 2.03 -5.39
C GLU A 788 10.37 2.85 -6.25
N PRO A 789 9.79 3.95 -5.71
CA PRO A 789 8.99 4.74 -6.66
C PRO A 789 9.68 5.13 -7.96
N ALA A 790 10.99 5.38 -7.94
CA ALA A 790 11.70 5.85 -9.15
C ALA A 790 11.81 4.70 -10.11
N PHE A 791 12.19 3.58 -9.57
CA PHE A 791 12.21 2.37 -10.36
C PHE A 791 10.82 2.13 -10.95
N ASN A 792 9.84 2.04 -10.07
CA ASN A 792 8.48 1.81 -10.49
C ASN A 792 7.87 2.78 -11.54
N THR A 793 8.09 4.10 -11.38
CA THR A 793 7.68 5.10 -12.40
C THR A 793 8.58 5.18 -13.64
N LEU A 794 9.90 5.34 -13.45
CA LEU A 794 10.74 5.59 -14.65
C LEU A 794 10.96 4.35 -15.43
N ARG A 795 10.89 3.19 -14.80
CA ARG A 795 11.03 1.94 -15.57
C ARG A 795 9.67 1.23 -15.79
N THR A 796 9.02 0.83 -14.72
CA THR A 796 8.00 -0.12 -14.80
C THR A 796 6.85 0.49 -15.44
N LYS A 797 6.49 1.70 -15.04
CA LYS A 797 5.37 2.41 -15.76
C LYS A 797 5.85 3.06 -17.08
N GLU A 798 6.83 3.94 -17.03
CA GLU A 798 7.20 4.64 -18.21
C GLU A 798 8.15 3.88 -19.08
N GLN A 799 8.78 2.85 -18.52
CA GLN A 799 9.63 2.00 -19.32
C GLN A 799 10.58 2.84 -20.13
N LEU A 800 11.40 3.70 -19.47
CA LEU A 800 12.36 4.46 -20.26
C LEU A 800 13.61 3.74 -20.56
N GLY A 801 13.96 2.70 -19.84
CA GLY A 801 15.14 1.90 -20.17
C GLY A 801 15.26 0.80 -19.14
N TYR A 802 16.09 -0.20 -19.45
CA TYR A 802 16.42 -1.23 -18.46
C TYR A 802 17.18 -0.65 -17.22
N ILE A 803 18.23 0.12 -17.45
CA ILE A 803 19.03 0.62 -16.41
C ILE A 803 18.40 1.91 -15.95
N VAL A 804 17.98 1.95 -14.71
CA VAL A 804 17.33 3.13 -14.16
C VAL A 804 17.70 3.16 -12.74
N PHE A 805 18.50 4.13 -12.32
CA PHE A 805 19.06 4.04 -11.00
C PHE A 805 18.85 5.39 -10.30
N SER A 806 18.68 5.42 -9.00
CA SER A 806 18.74 6.73 -8.38
C SER A 806 19.35 6.53 -6.97
N GLY A 807 19.88 7.57 -6.29
CA GLY A 807 20.50 7.37 -4.97
C GLY A 807 21.49 8.44 -4.60
N PRO A 808 22.05 8.35 -3.38
CA PRO A 808 23.03 9.40 -2.99
C PRO A 808 24.29 9.31 -3.86
N ARG A 809 24.96 10.43 -4.15
CA ARG A 809 26.27 10.44 -4.75
C ARG A 809 27.22 11.04 -3.74
N ARG A 810 28.34 10.38 -3.43
CA ARG A 810 29.35 10.90 -2.47
C ARG A 810 30.72 10.95 -3.15
N ALA A 811 31.48 12.01 -2.97
CA ALA A 811 32.83 12.14 -3.59
C ALA A 811 33.46 13.27 -2.90
N ASN A 812 34.77 13.14 -2.68
CA ASN A 812 35.56 14.25 -2.27
C ASN A 812 34.88 14.91 -1.12
N GLY A 813 33.99 14.24 -0.40
CA GLY A 813 33.47 14.82 0.87
C GLY A 813 32.19 15.67 0.69
N ILE A 814 31.82 15.84 -0.58
CA ILE A 814 30.56 16.44 -0.94
C ILE A 814 29.58 15.36 -1.34
N GLN A 815 28.30 15.73 -1.47
CA GLN A 815 27.24 14.77 -1.84
C GLN A 815 26.02 15.41 -2.54
N GLY A 816 25.16 14.54 -3.08
CA GLY A 816 23.96 14.97 -3.80
C GLY A 816 23.18 13.75 -4.20
N LEU A 817 22.15 13.95 -5.01
CA LEU A 817 21.22 12.94 -5.41
C LEU A 817 21.51 12.78 -6.85
N ARG A 818 21.61 11.55 -7.27
CA ARG A 818 21.77 11.41 -8.70
C ARG A 818 20.71 10.44 -9.29
N PHE A 819 20.59 10.47 -10.62
CA PHE A 819 19.74 9.61 -11.42
C PHE A 819 20.54 9.16 -12.59
N ILE A 820 20.52 7.87 -12.89
CA ILE A 820 21.21 7.41 -14.08
C ILE A 820 20.21 6.61 -14.88
N ILE A 821 20.08 6.91 -16.17
CA ILE A 821 19.26 6.12 -17.05
C ILE A 821 19.99 5.80 -18.40
N GLN A 822 19.77 4.66 -18.99
CA GLN A 822 20.28 4.34 -20.31
C GLN A 822 18.99 4.07 -21.07
N SER A 823 18.83 4.69 -22.22
CA SER A 823 17.50 4.76 -22.82
C SER A 823 17.55 4.87 -24.30
N GLU A 824 16.44 4.61 -24.95
CA GLU A 824 16.45 4.89 -26.34
C GLU A 824 15.84 6.30 -26.65
N LYS A 825 15.00 6.81 -25.74
CA LYS A 825 14.45 8.19 -25.82
C LYS A 825 15.66 9.14 -25.59
N PRO A 826 15.64 10.37 -26.17
CA PRO A 826 16.78 11.28 -26.00
C PRO A 826 16.84 11.98 -24.63
N PRO A 827 18.05 12.39 -24.19
CA PRO A 827 18.10 13.22 -22.94
C PRO A 827 17.52 14.64 -23.16
N TYR A 829 14.61 14.98 -22.87
CA TYR A 829 13.42 14.07 -22.69
C TYR A 829 13.43 13.25 -21.38
N LEU A 830 14.45 12.38 -21.23
CA LEU A 830 14.72 11.78 -19.94
C LEU A 830 14.67 12.82 -18.79
N GLU A 831 15.43 13.90 -18.95
CA GLU A 831 15.38 15.06 -18.02
C GLU A 831 13.99 15.43 -17.49
N SER A 832 13.08 15.62 -18.48
CA SER A 832 11.78 16.13 -18.13
C SER A 832 10.99 15.08 -17.43
N ARG A 833 11.15 13.84 -17.83
CA ARG A 833 10.52 12.78 -17.05
C ARG A 833 11.03 12.62 -15.55
N VAL A 834 12.34 12.83 -15.36
CA VAL A 834 12.87 12.81 -13.99
C VAL A 834 12.28 13.98 -13.22
N GLU A 835 12.11 15.09 -13.91
CA GLU A 835 11.61 16.26 -13.22
C GLU A 835 10.14 16.10 -12.86
N ALA A 836 9.39 15.62 -13.81
CA ALA A 836 8.06 15.13 -13.55
C ALA A 836 8.02 14.27 -12.33
N PHE A 837 8.99 13.34 -12.24
CA PHE A 837 8.94 12.36 -11.16
C PHE A 837 9.17 13.01 -9.82
N LEU A 838 10.16 13.87 -9.84
CA LEU A 838 10.54 14.64 -8.69
C LEU A 838 9.33 15.36 -8.05
N ILE A 839 8.45 16.00 -8.86
CA ILE A 839 7.19 16.56 -8.31
C ILE A 839 6.18 15.49 -7.75
N THR A 840 5.89 14.47 -8.54
CA THR A 840 5.18 13.31 -8.01
C THR A 840 5.64 13.02 -6.58
N MET A 841 6.96 12.84 -6.37
CA MET A 841 7.51 12.67 -4.99
C MET A 841 7.21 13.77 -3.89
N GLU A 842 7.28 15.09 -4.15
CA GLU A 842 6.90 16.03 -3.03
C GLU A 842 5.48 15.72 -2.62
N LYS A 843 4.60 15.65 -3.61
CA LYS A 843 3.16 15.48 -3.37
C LYS A 843 2.92 14.13 -2.63
N SER A 844 3.59 13.12 -3.10
CA SER A 844 3.60 11.87 -2.44
C SER A 844 4.09 11.93 -0.99
N ILE A 845 5.13 12.71 -0.73
CA ILE A 845 5.64 12.85 0.65
C ILE A 845 4.61 13.58 1.57
N GLU A 846 3.96 14.60 1.01
CA GLU A 846 2.80 15.22 1.65
C GLU A 846 1.71 14.22 1.96
N ASP A 847 1.22 13.53 0.95
CA ASP A 847 0.19 12.58 1.16
C ASP A 847 0.46 11.36 2.03
N MET A 848 1.69 10.83 2.21
CA MET A 848 1.90 9.66 3.11
C MET A 848 1.59 9.91 4.58
N THR A 849 1.11 8.83 5.22
CA THR A 849 0.77 8.81 6.63
C THR A 849 2.05 8.84 7.41
N GLU A 850 2.00 9.21 8.68
CA GLU A 850 3.17 9.33 9.53
C GLU A 850 3.80 7.98 9.66
N GLU A 851 2.93 7.00 9.81
CA GLU A 851 3.36 5.70 9.96
C GLU A 851 4.12 5.33 8.65
N ALA A 852 3.64 5.72 7.46
CA ALA A 852 4.41 5.29 6.29
C ALA A 852 5.81 5.96 6.37
N PHE A 853 5.83 7.20 6.84
CA PHE A 853 7.08 7.92 7.00
C PHE A 853 8.11 7.20 7.93
N GLN A 854 7.65 6.80 9.09
CA GLN A 854 8.39 6.16 10.11
C GLN A 854 8.81 4.75 9.62
N LYS A 855 8.12 4.13 8.65
CA LYS A 855 8.54 2.79 8.24
C LYS A 855 9.77 2.94 7.36
N HIS A 856 9.76 3.97 6.55
CA HIS A 856 10.94 4.29 5.80
C HIS A 856 12.14 4.60 6.71
N ILE A 857 11.91 5.31 7.83
CA ILE A 857 13.02 5.61 8.73
C ILE A 857 13.62 4.27 9.21
N GLN A 858 12.71 3.43 9.70
CA GLN A 858 12.99 2.12 10.20
C GLN A 858 13.74 1.33 9.12
N ALA A 859 13.35 1.51 7.86
CA ALA A 859 13.91 0.63 6.83
C ALA A 859 15.39 1.03 6.60
N LEU A 860 15.66 2.35 6.37
CA LEU A 860 17.00 2.88 6.30
C LEU A 860 17.78 2.48 7.58
N ALA A 861 17.15 2.65 8.75
CA ALA A 861 17.83 2.26 9.93
C ALA A 861 18.31 0.80 9.84
N ILE A 862 17.46 -0.15 9.44
CA ILE A 862 17.88 -1.56 9.40
C ILE A 862 19.06 -1.60 8.38
N ARG A 863 18.93 -0.92 7.25
CA ARG A 863 19.93 -1.03 6.21
C ARG A 863 21.30 -0.56 6.75
N ARG A 864 21.34 0.61 7.33
CA ARG A 864 22.54 1.13 7.87
C ARG A 864 23.09 0.30 9.01
N LEU A 865 22.26 -0.28 9.85
CA LEU A 865 22.84 -1.03 10.96
C LEU A 865 23.08 -2.50 10.68
N ASP A 866 22.79 -2.99 9.47
CA ASP A 866 23.02 -4.42 9.18
C ASP A 866 24.45 -4.81 9.48
N LYS A 867 24.68 -5.72 10.39
CA LYS A 867 26.07 -6.10 10.81
C LYS A 867 26.77 -6.88 9.69
N PRO A 868 28.06 -6.59 9.44
CA PRO A 868 28.91 -7.35 8.50
C PRO A 868 29.00 -8.90 8.79
N LYS A 869 29.01 -9.72 7.74
CA LYS A 869 28.95 -11.11 8.10
C LYS A 869 30.33 -11.68 8.11
N LYS A 870 31.30 -10.94 7.61
CA LYS A 870 32.65 -11.48 7.52
C LYS A 870 33.79 -10.45 7.56
N LEU A 871 34.99 -10.95 7.84
CA LEU A 871 36.14 -10.14 7.96
C LEU A 871 36.17 -8.99 6.94
N SER A 872 36.14 -9.31 5.67
CA SER A 872 36.44 -8.22 4.77
C SER A 872 35.27 -7.22 4.63
N ALA A 873 34.09 -7.62 5.03
CA ALA A 873 33.00 -6.66 4.95
C ALA A 873 33.24 -5.67 6.08
N GLU A 874 33.78 -6.15 7.19
CA GLU A 874 34.01 -5.21 8.28
C GLU A 874 35.22 -4.32 7.90
N SER A 875 36.32 -4.94 7.43
CA SER A 875 37.44 -4.16 6.90
C SER A 875 36.98 -3.05 5.93
N ALA A 876 36.08 -3.35 5.02
CA ALA A 876 35.75 -2.42 3.98
C ALA A 876 35.08 -1.17 4.62
N LYS A 877 34.15 -1.36 5.55
CA LYS A 877 33.60 -0.18 6.19
C LYS A 877 34.69 0.65 6.79
N TYR A 878 35.63 0.03 7.52
CA TYR A 878 36.69 0.84 8.17
C TYR A 878 37.57 1.51 7.18
N TRP A 879 37.93 0.81 6.14
CA TRP A 879 38.77 1.38 5.15
C TRP A 879 38.11 2.61 4.45
N GLY A 880 36.79 2.67 4.31
CA GLY A 880 36.21 3.82 3.73
C GLY A 880 36.32 4.99 4.70
N GLU A 881 36.32 4.70 6.00
CA GLU A 881 36.39 5.78 6.94
C GLU A 881 37.80 6.33 6.83
N ILE A 882 38.78 5.45 6.63
CA ILE A 882 40.16 5.89 6.59
C ILE A 882 40.46 6.55 5.24
N ILE A 883 40.20 5.91 4.10
CA ILE A 883 40.66 6.50 2.89
C ILE A 883 39.89 7.77 2.68
N SER A 884 38.67 7.93 3.20
CA SER A 884 38.02 9.24 3.03
C SER A 884 38.43 10.26 4.10
N GLN A 885 39.25 9.87 5.05
CA GLN A 885 39.70 10.78 6.18
C GLN A 885 38.65 11.38 7.05
N GLN A 886 37.52 10.71 7.06
CA GLN A 886 36.51 11.04 8.02
C GLN A 886 36.76 10.28 9.31
N TYR A 887 37.40 9.13 9.25
CA TYR A 887 37.67 8.35 10.46
C TYR A 887 36.46 8.26 11.47
N ASN A 888 35.22 8.15 10.98
CA ASN A 888 34.06 8.08 11.81
C ASN A 888 33.53 6.64 12.07
N PHE A 889 34.23 5.89 12.89
CA PHE A 889 34.05 4.48 12.98
C PHE A 889 32.75 4.07 13.64
N ASP A 890 32.08 5.06 14.20
CA ASP A 890 30.87 4.77 14.89
C ASP A 890 29.71 5.56 14.23
N ARG A 891 29.95 5.87 12.95
CA ARG A 891 29.04 6.66 12.20
C ARG A 891 27.65 6.06 12.20
N ASP A 892 27.56 4.72 12.02
CA ASP A 892 26.25 4.05 11.99
C ASP A 892 25.38 4.30 13.22
N ASN A 893 25.94 4.33 14.45
CA ASN A 893 25.04 4.59 15.56
C ASN A 893 24.63 6.02 15.59
N THR A 894 25.60 6.88 15.37
CA THR A 894 25.37 8.30 15.40
C THR A 894 24.33 8.70 14.37
N GLU A 895 24.57 8.31 13.13
CA GLU A 895 23.71 8.74 12.07
C GLU A 895 22.27 8.19 12.27
N VAL A 896 22.20 6.94 12.75
CA VAL A 896 20.90 6.30 13.00
C VAL A 896 20.19 6.99 14.15
N ALA A 897 20.88 7.34 15.23
CA ALA A 897 20.23 8.08 16.31
C ALA A 897 19.61 9.38 15.74
N TYR A 898 20.36 10.09 14.93
CA TYR A 898 19.87 11.34 14.38
C TYR A 898 18.63 11.16 13.41
N LEU A 899 18.80 10.17 12.53
CA LEU A 899 17.75 9.72 11.65
C LEU A 899 16.38 9.57 12.38
N LYS A 900 16.31 8.82 13.47
CA LYS A 900 15.05 8.64 14.16
C LYS A 900 14.38 9.95 14.52
N THR A 901 15.17 11.00 14.69
CA THR A 901 14.75 12.40 15.01
C THR A 901 13.96 13.11 14.00
N LEU A 902 14.05 12.72 12.72
CA LEU A 902 13.60 13.55 11.60
C LEU A 902 12.12 13.45 11.38
N THR A 903 11.52 14.46 10.77
CA THR A 903 10.07 14.42 10.52
C THR A 903 9.76 14.76 9.08
N LYS A 904 8.51 14.55 8.65
CA LYS A 904 8.07 15.01 7.33
C LYS A 904 8.41 16.47 7.00
N GLU A 905 8.25 17.40 7.98
CA GLU A 905 8.48 18.80 7.67
C GLU A 905 9.93 18.88 7.27
N ASP A 906 10.82 18.28 8.06
CA ASP A 906 12.26 18.30 7.73
C ASP A 906 12.48 17.85 6.30
N ILE A 907 11.90 16.73 5.90
CA ILE A 907 12.13 16.29 4.58
C ILE A 907 11.49 17.17 3.55
N ILE A 908 10.26 17.62 3.76
CA ILE A 908 9.68 18.61 2.81
C ILE A 908 10.53 19.92 2.64
N LYS A 909 11.03 20.47 3.74
CA LYS A 909 11.91 21.66 3.76
C LYS A 909 13.16 21.41 2.98
N PHE A 910 13.76 20.28 3.29
CA PHE A 910 14.97 19.90 2.63
C PHE A 910 14.78 19.87 1.10
N TYR A 911 13.65 19.34 0.67
CA TYR A 911 13.44 19.10 -0.71
C TYR A 911 13.21 20.43 -1.39
N LYS A 912 12.51 21.26 -0.63
CA LYS A 912 12.08 22.56 -1.07
C LYS A 912 13.23 23.49 -1.14
N GLU A 913 14.15 23.35 -0.22
CA GLU A 913 15.37 24.11 -0.25
C GLU A 913 16.47 23.72 -1.28
N MET A 914 16.71 22.44 -1.52
CA MET A 914 17.86 22.01 -2.34
C MET A 914 17.50 21.31 -3.64
N LEU A 915 16.29 20.75 -3.69
CA LEU A 915 15.89 19.83 -4.73
C LEU A 915 14.77 20.29 -5.68
N ALA A 916 13.67 20.92 -5.20
CA ALA A 916 12.60 21.38 -6.12
C ALA A 916 13.09 22.23 -7.28
N VAL A 917 12.37 22.13 -8.37
CA VAL A 917 12.74 22.82 -9.60
C VAL A 917 12.93 24.34 -9.44
N ASP A 918 12.21 24.94 -8.51
CA ASP A 918 12.45 26.34 -8.22
C ASP A 918 13.08 26.49 -6.85
N ALA A 919 14.03 25.69 -6.48
CA ALA A 919 14.52 25.78 -5.10
C ALA A 919 15.64 26.83 -5.04
N PRO A 920 15.66 27.66 -3.99
CA PRO A 920 16.72 28.69 -3.84
C PRO A 920 18.13 28.11 -3.83
N ARG A 921 18.38 26.87 -3.39
CA ARG A 921 19.72 26.31 -3.55
C ARG A 921 19.83 25.07 -4.47
N ARG A 922 19.11 25.05 -5.57
CA ARG A 922 19.28 23.94 -6.47
C ARG A 922 20.62 24.03 -7.21
N HIS A 923 21.37 22.96 -7.27
CA HIS A 923 22.62 22.91 -8.01
C HIS A 923 22.62 21.68 -8.92
N LYS A 924 22.34 21.84 -10.20
CA LYS A 924 22.09 20.73 -11.08
C LYS A 924 23.15 20.63 -12.13
N VAL A 925 23.70 19.45 -12.38
CA VAL A 925 24.53 19.24 -13.56
C VAL A 925 24.03 18.03 -14.24
N SER A 926 24.09 17.99 -15.55
CA SER A 926 23.57 16.84 -16.34
C SER A 926 24.67 16.48 -17.31
N VAL A 927 24.93 15.18 -17.47
CA VAL A 927 25.78 14.73 -18.55
C VAL A 927 24.84 14.01 -19.48
N HIS A 928 24.82 14.43 -20.74
CA HIS A 928 24.04 13.75 -21.77
C HIS A 928 24.90 12.97 -22.75
N VAL A 929 24.73 11.66 -22.78
CA VAL A 929 25.49 10.96 -23.79
C VAL A 929 24.47 10.51 -24.81
N LEU A 930 24.61 11.06 -25.99
CA LEU A 930 23.73 10.73 -27.12
C LEU A 930 24.05 9.42 -27.80
N ALA A 931 23.04 8.81 -28.42
CA ALA A 931 23.20 7.54 -29.13
C ALA A 931 23.96 7.67 -30.44
N ARG A 932 24.56 6.55 -30.86
CA ARG A 932 25.26 6.40 -32.11
C ARG A 932 24.62 7.22 -33.22
N GLU A 933 23.31 7.07 -33.46
CA GLU A 933 22.65 7.85 -34.54
C GLU A 933 22.17 9.27 -34.17
N MET A 934 21.53 9.47 -33.02
CA MET A 934 20.73 10.68 -32.72
C MET A 934 20.81 11.90 -33.65
N ASN A 950 -2.37 9.28 -17.87
CA ASN A 950 -1.24 8.31 -18.01
C ASN A 950 0.02 9.06 -17.54
N LEU A 951 0.76 9.76 -18.44
CA LEU A 951 2.02 10.52 -18.10
C LEU A 951 1.85 11.73 -17.18
N SER A 952 2.54 11.79 -16.04
CA SER A 952 2.44 12.99 -15.17
C SER A 952 3.04 14.20 -15.89
N GLN A 953 2.93 15.35 -15.29
CA GLN A 953 3.17 16.54 -16.03
C GLN A 953 4.60 17.10 -15.67
N ALA A 954 5.48 17.26 -16.68
CA ALA A 954 6.90 17.70 -16.44
C ALA A 954 6.95 19.22 -16.26
N PRO A 955 7.63 19.74 -15.22
CA PRO A 955 7.58 21.22 -15.08
C PRO A 955 8.40 21.92 -16.15
N ALA A 956 8.09 23.19 -16.42
CA ALA A 956 8.86 23.98 -17.41
C ALA A 956 10.36 24.14 -16.96
N LEU A 957 11.35 23.93 -17.84
CA LEU A 957 12.72 24.08 -17.34
C LEU A 957 13.49 25.28 -17.88
N PRO A 958 14.53 25.76 -17.12
CA PRO A 958 15.40 26.90 -17.51
C PRO A 958 16.30 26.54 -18.69
N GLN A 959 16.83 27.58 -19.34
CA GLN A 959 17.88 27.47 -20.36
C GLN A 959 19.10 26.81 -19.67
N PRO A 960 19.55 25.60 -20.10
CA PRO A 960 20.75 25.18 -19.34
C PRO A 960 21.97 25.98 -19.78
N GLU A 961 23.08 25.97 -19.05
CA GLU A 961 24.31 26.45 -19.64
C GLU A 961 25.23 25.30 -20.23
N VAL A 962 25.54 25.36 -21.52
CA VAL A 962 26.21 24.23 -22.10
C VAL A 962 27.68 24.24 -21.82
N ILE A 963 28.20 23.28 -21.07
CA ILE A 963 29.60 23.25 -20.77
C ILE A 963 30.39 23.03 -22.07
N GLN A 964 31.31 23.93 -22.33
CA GLN A 964 31.94 23.85 -23.61
C GLN A 964 33.23 23.10 -23.50
N ASN A 965 33.87 23.14 -22.34
CA ASN A 965 35.26 22.80 -22.18
C ASN A 965 35.43 22.52 -20.71
N MET A 966 35.84 21.29 -20.41
CA MET A 966 35.95 20.88 -19.04
C MET A 966 36.87 21.74 -18.20
N THR A 967 38.13 21.96 -18.59
CA THR A 967 38.98 22.91 -17.79
C THR A 967 38.31 24.28 -17.43
N GLU A 968 37.70 24.93 -18.41
CA GLU A 968 37.09 26.24 -18.20
C GLU A 968 36.03 26.26 -17.16
N PHE A 969 34.99 25.49 -17.42
CA PHE A 969 34.07 25.11 -16.38
C PHE A 969 34.54 24.86 -14.91
N LYS A 970 35.72 24.24 -14.74
CA LYS A 970 36.33 24.14 -13.42
C LYS A 970 36.92 25.46 -12.87
N ARG A 971 37.71 26.11 -13.75
CA ARG A 971 38.36 27.42 -13.50
C ARG A 971 37.33 28.48 -13.08
N GLY A 972 36.16 28.47 -13.71
CA GLY A 972 35.19 29.52 -13.40
C GLY A 972 34.32 29.31 -12.16
N LEU A 973 34.60 28.31 -11.31
CA LEU A 973 33.81 28.02 -10.13
C LEU A 973 34.64 27.84 -8.88
N PRO A 974 34.03 28.06 -7.71
CA PRO A 974 34.75 27.79 -6.47
C PRO A 974 35.03 26.26 -6.21
N LEU A 975 35.93 25.91 -5.31
CA LEU A 975 35.99 24.52 -4.87
C LEU A 975 35.49 24.46 -3.45
N PHE A 976 34.84 23.35 -3.04
CA PHE A 976 34.35 23.15 -1.66
C PHE A 976 35.55 22.98 -0.73
N PRO A 977 35.36 23.20 0.58
CA PRO A 977 36.44 22.74 1.53
C PRO A 977 36.49 21.24 1.46
N LEU A 978 37.53 20.60 2.09
CA LEU A 978 37.56 19.15 2.45
C LEU A 978 36.87 18.92 3.80
N VAL A 979 36.30 17.72 4.07
CA VAL A 979 35.60 17.46 5.39
C VAL A 979 36.62 17.35 6.48
N LYS A 980 36.28 17.84 7.67
CA LYS A 980 37.20 17.65 8.81
C LYS A 980 37.15 16.20 9.38
N PRO A 981 38.32 15.63 9.81
CA PRO A 981 38.42 14.27 10.50
C PRO A 981 37.45 14.46 11.65
N HIS A 982 36.50 13.59 12.00
CA HIS A 982 36.49 12.77 13.22
C HIS A 982 37.64 12.74 14.22
N ILE A 983 37.50 13.50 15.18
N ASN B 14 4.33 28.71 22.39
CA ASN B 14 4.83 29.90 21.67
C ASN B 14 3.85 31.16 21.59
N ASN B 15 4.40 32.29 21.08
CA ASN B 15 3.70 33.60 20.79
C ASN B 15 2.35 33.21 20.22
N PRO B 16 1.28 33.57 20.93
CA PRO B 16 1.39 33.78 22.37
C PRO B 16 0.69 32.64 23.13
N ALA B 17 -0.64 32.65 23.07
CA ALA B 17 -1.45 31.61 23.66
C ALA B 17 -1.27 30.22 22.98
N ILE B 18 -0.58 30.15 21.85
CA ILE B 18 -0.36 28.87 21.15
C ILE B 18 0.81 28.03 21.67
N LYS B 19 0.53 26.99 22.45
CA LYS B 19 1.58 26.06 22.89
C LYS B 19 2.15 25.16 21.77
N ARG B 20 1.88 25.39 20.50
CA ARG B 20 2.24 24.40 19.46
C ARG B 20 1.97 25.02 18.08
N ILE B 21 2.08 24.26 17.01
CA ILE B 21 1.42 24.42 15.71
C ILE B 21 1.71 23.22 14.87
N GLY B 22 0.69 22.72 14.22
CA GLY B 22 0.80 21.40 13.68
C GLY B 22 1.20 21.50 12.23
N ASN B 23 2.17 20.63 12.00
CA ASN B 23 3.02 20.56 10.81
C ASN B 23 2.59 20.54 9.33
N HIS B 24 1.88 19.49 9.05
CA HIS B 24 1.37 19.33 7.80
C HIS B 24 0.28 18.32 8.24
N ILE B 25 -0.98 18.67 7.98
CA ILE B 25 -2.05 17.77 8.29
C ILE B 25 -2.28 16.87 7.07
N THR B 26 -1.95 15.59 7.20
CA THR B 26 -1.96 14.71 6.04
C THR B 26 -3.39 14.66 5.60
N LYS B 27 -3.59 14.85 4.32
CA LYS B 27 -4.92 14.92 3.86
C LYS B 27 -5.08 14.11 2.56
N SER B 28 -6.26 14.14 1.94
CA SER B 28 -6.45 13.31 0.77
C SER B 28 -5.87 14.00 -0.39
N PRO B 29 -5.32 13.23 -1.33
CA PRO B 29 -4.72 13.86 -2.52
C PRO B 29 -5.67 14.83 -3.20
N GLU B 30 -6.95 14.47 -3.28
CA GLU B 30 -8.01 15.28 -3.94
C GLU B 30 -8.49 16.50 -3.19
N ASP B 31 -8.18 16.57 -1.89
CA ASP B 31 -8.82 17.52 -1.04
C ASP B 31 -8.20 18.91 -1.24
N LYS B 32 -8.98 19.85 -1.75
CA LYS B 32 -8.46 21.24 -1.93
C LYS B 32 -8.54 22.14 -0.74
N ARG B 33 -9.26 21.75 0.32
CA ARG B 33 -9.31 22.57 1.51
C ARG B 33 -7.92 22.53 2.16
N GLU B 34 -7.71 23.44 3.09
CA GLU B 34 -6.43 23.52 3.73
C GLU B 34 -6.57 23.56 5.21
N TYR B 35 -5.55 23.06 5.89
CA TYR B 35 -5.70 22.59 7.23
C TYR B 35 -4.51 23.00 8.10
N ARG B 36 -4.76 23.19 9.39
CA ARG B 36 -3.72 23.57 10.34
C ARG B 36 -4.21 23.15 11.73
N GLY B 37 -3.36 22.36 12.40
CA GLY B 37 -3.56 21.89 13.78
C GLY B 37 -2.85 22.81 14.76
N LEU B 38 -3.41 23.01 15.96
CA LEU B 38 -2.79 23.86 16.99
C LEU B 38 -3.10 23.25 18.28
N GLU B 39 -2.29 23.59 19.28
CA GLU B 39 -2.63 23.24 20.64
C GLU B 39 -2.40 24.47 21.47
N LEU B 40 -3.48 25.08 21.95
CA LEU B 40 -3.42 26.24 22.80
C LEU B 40 -2.66 26.02 24.15
N ALA B 41 -2.11 27.15 24.67
CA ALA B 41 -1.54 27.31 26.03
C ALA B 41 -2.47 26.61 27.05
N ASN B 42 -3.79 26.86 26.97
CA ASN B 42 -4.72 26.20 27.82
C ASN B 42 -4.94 24.69 27.62
N GLY B 43 -4.37 24.05 26.59
CA GLY B 43 -4.48 22.57 26.46
C GLY B 43 -5.46 22.14 25.35
N ILE B 44 -6.34 23.05 24.92
CA ILE B 44 -7.29 22.84 23.82
C ILE B 44 -6.56 22.43 22.52
N LYS B 45 -6.92 21.26 21.95
CA LYS B 45 -6.42 20.75 20.64
C LYS B 45 -7.39 21.33 19.61
N VAL B 46 -6.87 21.97 18.55
CA VAL B 46 -7.66 22.64 17.49
C VAL B 46 -7.31 22.18 16.09
N LEU B 47 -8.31 22.08 15.18
CA LEU B 47 -8.08 21.97 13.69
C LEU B 47 -8.73 23.19 13.01
N LEU B 48 -8.00 23.86 12.13
CA LEU B 48 -8.63 24.90 11.36
C LEU B 48 -8.69 24.38 9.93
N ILE B 49 -9.79 24.68 9.25
CA ILE B 49 -10.04 24.24 7.89
C ILE B 49 -10.44 25.46 7.10
N SER B 50 -9.61 25.83 6.12
CA SER B 50 -9.93 26.96 5.28
C SER B 50 -10.48 26.46 3.95
N ASP B 51 -11.72 26.82 3.67
CA ASP B 51 -12.34 26.47 2.42
C ASP B 51 -12.88 27.80 1.83
N PRO B 52 -12.06 28.40 0.94
CA PRO B 52 -12.44 29.71 0.37
C PRO B 52 -13.81 29.63 -0.32
N THR B 53 -14.19 28.45 -0.77
CA THR B 53 -15.45 28.36 -1.53
C THR B 53 -16.68 27.98 -0.64
N THR B 54 -16.50 27.70 0.65
CA THR B 54 -17.64 27.22 1.41
C THR B 54 -18.90 28.15 1.49
N ASP B 55 -20.06 27.59 1.32
CA ASP B 55 -21.25 28.37 1.56
C ASP B 55 -21.58 28.65 3.03
N LYS B 56 -21.29 27.65 3.89
CA LYS B 56 -21.59 27.75 5.30
C LYS B 56 -20.33 27.48 6.00
N SER B 57 -20.04 28.29 7.01
CA SER B 57 -19.01 27.98 7.96
C SER B 57 -19.56 27.20 9.19
N SER B 58 -18.66 26.79 10.09
CA SER B 58 -19.03 25.77 11.01
C SER B 58 -18.02 25.70 12.11
N ALA B 59 -18.47 25.45 13.33
CA ALA B 59 -17.54 24.98 14.38
C ALA B 59 -18.12 23.89 15.27
N ALA B 60 -17.27 23.09 15.87
CA ALA B 60 -17.74 22.07 16.85
C ALA B 60 -16.73 22.12 18.00
N LEU B 61 -17.17 21.93 19.24
CA LEU B 61 -16.26 21.72 20.37
C LEU B 61 -16.69 20.41 21.07
N ASP B 62 -15.71 19.55 21.34
CA ASP B 62 -16.02 18.31 21.99
C ASP B 62 -15.24 18.26 23.31
N VAL B 63 -16.00 18.04 24.41
CA VAL B 63 -15.49 17.87 25.77
C VAL B 63 -15.42 16.40 26.09
N HIS B 64 -14.28 15.94 26.59
CA HIS B 64 -14.13 14.53 26.85
C HIS B 64 -14.64 14.16 28.23
N ILE B 65 -15.86 14.61 28.49
CA ILE B 65 -16.60 14.23 29.64
C ILE B 65 -17.97 13.91 29.18
N GLY B 66 -18.59 12.90 29.81
CA GLY B 66 -19.96 12.54 29.39
C GLY B 66 -20.65 11.83 30.50
N SER B 67 -21.70 11.08 30.21
CA SER B 67 -22.61 10.72 31.32
C SER B 67 -22.00 9.67 32.28
N LEU B 68 -20.96 9.01 31.79
CA LEU B 68 -20.37 8.01 32.55
C LEU B 68 -19.73 8.67 33.78
N SER B 69 -19.82 10.01 33.90
CA SER B 69 -19.28 10.71 35.06
C SER B 69 -20.36 11.40 35.78
N ASP B 70 -21.61 11.12 35.48
CA ASP B 70 -22.67 11.79 36.20
C ASP B 70 -22.54 11.40 37.68
N PRO B 71 -22.83 12.29 38.65
CA PRO B 71 -22.81 11.77 40.04
C PRO B 71 -23.80 10.64 40.16
N PRO B 72 -23.52 9.60 40.97
CA PRO B 72 -24.32 8.35 41.11
C PRO B 72 -25.73 8.57 41.52
N ASN B 73 -26.00 9.72 42.12
CA ASN B 73 -27.33 10.04 42.61
C ASN B 73 -27.93 11.22 41.85
N ILE B 74 -27.37 11.62 40.72
CA ILE B 74 -28.15 12.50 39.86
C ILE B 74 -27.98 11.97 38.42
N ALA B 75 -28.68 10.89 38.10
CA ALA B 75 -28.51 10.34 36.80
C ALA B 75 -29.00 11.40 35.78
N GLY B 76 -28.26 11.58 34.69
CA GLY B 76 -28.65 12.47 33.65
C GLY B 76 -27.94 13.80 33.71
N LEU B 77 -27.12 14.05 34.73
CA LEU B 77 -26.67 15.41 34.96
C LEU B 77 -25.97 15.97 33.76
N SER B 78 -25.07 15.19 33.17
CA SER B 78 -24.37 15.70 32.02
C SER B 78 -25.19 15.89 30.71
N HIS B 79 -26.12 14.97 30.40
CA HIS B 79 -27.12 15.21 29.37
C HIS B 79 -27.83 16.56 29.60
N PHE B 80 -28.14 16.83 30.86
CA PHE B 80 -28.95 17.95 31.19
C PHE B 80 -28.15 19.23 31.06
N LEU B 81 -26.88 19.23 31.46
CA LEU B 81 -26.04 20.41 31.30
C LEU B 81 -25.94 20.73 29.80
N GLN B 82 -25.76 19.70 29.00
CA GLN B 82 -25.83 19.81 27.60
C GLN B 82 -27.13 20.50 27.05
N HIS B 83 -28.33 20.17 27.52
CA HIS B 83 -29.49 20.97 27.15
C HIS B 83 -29.37 22.38 27.69
N MET B 84 -28.87 22.53 28.91
CA MET B 84 -28.92 23.83 29.52
C MET B 84 -28.00 24.81 28.86
N LEU B 85 -26.84 24.36 28.38
CA LEU B 85 -25.87 25.29 27.86
C LEU B 85 -26.40 26.14 26.73
N PHE B 86 -27.55 25.79 26.18
CA PHE B 86 -28.09 26.45 24.97
C PHE B 86 -28.97 27.68 25.29
N LEU B 87 -29.20 27.89 26.61
CA LEU B 87 -30.32 28.61 27.15
C LEU B 87 -29.86 29.86 27.85
N GLY B 88 -28.65 30.32 27.55
CA GLY B 88 -28.23 31.66 27.96
C GLY B 88 -26.85 31.68 28.59
N THR B 89 -26.09 32.75 28.32
CA THR B 89 -24.80 32.88 28.97
C THR B 89 -24.71 34.28 29.53
N LYS B 90 -23.62 34.66 30.23
CA LYS B 90 -23.37 36.05 30.67
C LYS B 90 -23.46 37.07 29.52
N LYS B 91 -22.48 37.07 28.60
CA LYS B 91 -22.50 37.96 27.45
C LYS B 91 -23.81 37.95 26.65
N TYR B 92 -24.56 36.85 26.62
CA TYR B 92 -25.82 36.84 25.82
C TYR B 92 -26.90 36.21 26.65
N PRO B 93 -27.41 37.00 27.61
CA PRO B 93 -28.39 36.48 28.58
C PRO B 93 -29.75 36.12 27.96
N LYS B 94 -30.03 36.65 26.78
CA LYS B 94 -31.35 36.36 26.16
C LYS B 94 -31.49 34.84 25.86
N GLU B 95 -32.47 34.22 26.53
CA GLU B 95 -32.64 32.76 26.51
C GLU B 95 -32.38 32.08 25.20
N ASN B 96 -32.79 32.70 24.09
CA ASN B 96 -32.76 32.05 22.78
C ASN B 96 -31.94 32.85 21.76
N GLU B 97 -31.09 33.73 22.24
CA GLU B 97 -30.27 34.58 21.41
C GLU B 97 -29.43 33.71 20.45
N TYR B 98 -28.86 32.64 21.01
CA TYR B 98 -28.05 31.68 20.25
C TYR B 98 -28.85 31.12 19.08
N SER B 99 -29.95 30.47 19.42
CA SER B 99 -30.91 29.94 18.48
C SER B 99 -31.43 30.89 17.41
N GLN B 100 -31.74 32.12 17.75
CA GLN B 100 -32.34 33.01 16.81
C GLN B 100 -31.33 33.61 15.85
N PHE B 101 -30.15 33.93 16.40
CA PHE B 101 -29.06 34.35 15.59
C PHE B 101 -28.74 33.33 14.46
N LEU B 102 -28.60 32.06 14.83
CA LEU B 102 -28.30 31.09 13.82
C LEU B 102 -29.47 31.05 12.81
N SER B 103 -30.67 31.04 13.35
CA SER B 103 -31.87 31.06 12.54
C SER B 103 -31.86 32.17 11.49
N GLU B 104 -31.48 33.39 11.87
CA GLU B 104 -31.54 34.50 10.93
C GLU B 104 -30.37 34.60 9.98
N HIS B 105 -29.44 33.65 10.06
CA HIS B 105 -28.21 33.73 9.30
C HIS B 105 -27.95 32.38 8.73
N ALA B 106 -29.05 31.65 8.70
CA ALA B 106 -29.17 30.42 7.97
C ALA B 106 -28.31 29.32 8.59
N GLY B 107 -28.08 29.39 9.89
CA GLY B 107 -27.36 28.34 10.59
C GLY B 107 -28.35 27.44 11.25
N SER B 108 -27.82 26.39 11.81
CA SER B 108 -28.60 25.50 12.63
C SER B 108 -27.56 24.99 13.65
N SER B 109 -28.01 24.29 14.68
CA SER B 109 -27.12 23.89 15.79
C SER B 109 -27.66 22.71 16.52
N ASN B 110 -26.80 21.98 17.15
CA ASN B 110 -27.24 20.78 17.85
C ASN B 110 -26.10 20.16 18.70
N ALA B 111 -26.43 19.21 19.57
CA ALA B 111 -25.47 18.67 20.48
C ALA B 111 -25.78 17.23 20.80
N PHE B 112 -24.76 16.47 21.19
CA PHE B 112 -25.07 15.23 21.79
C PHE B 112 -24.27 14.81 23.01
N THR B 113 -24.91 14.12 23.93
CA THR B 113 -24.18 13.57 25.05
C THR B 113 -24.00 12.09 24.93
N SER B 114 -22.78 11.69 25.16
CA SER B 114 -22.50 10.27 25.16
C SER B 114 -21.84 9.83 26.48
N GLY B 115 -21.34 8.60 26.58
CA GLY B 115 -20.62 8.15 27.84
C GLY B 115 -19.35 8.95 28.22
N GLU B 116 -18.62 9.39 27.20
CA GLU B 116 -17.33 10.00 27.44
C GLU B 116 -17.17 11.31 26.74
N HIS B 117 -18.23 11.87 26.15
CA HIS B 117 -18.10 13.07 25.32
C HIS B 117 -19.34 13.84 25.31
N THR B 118 -19.20 15.15 25.20
CA THR B 118 -20.33 15.99 24.94
C THR B 118 -19.90 16.87 23.84
N ASN B 119 -20.65 16.82 22.74
CA ASN B 119 -20.18 17.38 21.47
C ASN B 119 -21.16 18.45 21.03
N TYR B 120 -20.69 19.68 20.84
CA TYR B 120 -21.62 20.73 20.44
C TYR B 120 -21.26 21.24 19.03
N TYR B 121 -22.25 21.52 18.19
CA TYR B 121 -21.88 21.92 16.85
C TYR B 121 -22.88 22.88 16.20
N PHE B 122 -22.39 23.82 15.41
CA PHE B 122 -23.25 24.62 14.60
C PHE B 122 -22.70 24.91 13.18
N ASP B 123 -23.60 25.32 12.27
CA ASP B 123 -23.22 26.03 11.07
C ASP B 123 -24.00 27.37 10.85
N VAL B 124 -23.57 28.20 9.92
CA VAL B 124 -24.06 29.57 9.65
C VAL B 124 -23.48 30.12 8.30
N SER B 125 -24.12 31.08 7.61
CA SER B 125 -23.49 31.59 6.33
C SER B 125 -22.07 31.96 6.63
N HIS B 126 -21.19 31.67 5.66
CA HIS B 126 -19.80 31.92 5.79
C HIS B 126 -19.46 33.32 6.24
N GLU B 127 -20.35 34.30 6.05
CA GLU B 127 -20.12 35.67 6.50
C GLU B 127 -20.37 36.00 7.97
N HIS B 128 -20.80 35.04 8.77
CA HIS B 128 -21.22 35.36 10.12
C HIS B 128 -20.60 34.41 11.15
N LEU B 129 -19.55 33.72 10.68
CA LEU B 129 -18.68 32.93 11.47
C LEU B 129 -18.36 33.59 12.79
N GLU B 130 -17.72 34.78 12.79
CA GLU B 130 -17.32 35.39 14.05
C GLU B 130 -18.53 35.65 14.97
N GLY B 131 -19.60 36.15 14.39
CA GLY B 131 -20.79 36.32 15.19
C GLY B 131 -21.22 35.05 15.90
N ALA B 132 -21.22 33.93 15.15
CA ALA B 132 -21.89 32.73 15.70
C ALA B 132 -20.94 32.19 16.72
N LEU B 133 -19.63 32.32 16.38
CA LEU B 133 -18.59 31.58 17.08
C LEU B 133 -18.45 32.20 18.43
N ASP B 134 -18.61 33.50 18.47
CA ASP B 134 -18.50 34.13 19.76
C ASP B 134 -19.67 33.72 20.68
N ARG B 135 -20.89 33.79 20.18
CA ARG B 135 -21.98 33.20 20.96
C ARG B 135 -21.71 31.79 21.50
N PHE B 136 -21.15 30.98 20.62
CA PHE B 136 -20.86 29.63 20.95
C PHE B 136 -19.82 29.55 22.09
N ALA B 137 -18.68 30.23 22.01
CA ALA B 137 -17.65 30.17 23.04
C ALA B 137 -18.20 30.49 24.48
N GLN B 138 -19.17 31.38 24.62
CA GLN B 138 -19.70 31.67 25.91
C GLN B 138 -20.27 30.43 26.58
N PHE B 139 -20.77 29.47 25.83
CA PHE B 139 -21.23 28.23 26.44
C PHE B 139 -20.20 27.66 27.40
N PHE B 140 -18.93 27.96 27.17
CA PHE B 140 -17.87 27.34 27.95
C PHE B 140 -17.17 28.38 28.72
N LEU B 141 -17.83 29.51 28.96
CA LEU B 141 -17.27 30.47 29.87
C LEU B 141 -18.25 30.81 30.99
N SER B 142 -19.53 31.04 30.67
CA SER B 142 -20.47 31.50 31.72
C SER B 142 -21.93 31.29 31.36
N PRO B 143 -22.25 30.03 31.26
CA PRO B 143 -23.63 29.55 31.05
C PRO B 143 -24.46 30.14 32.19
N LEU B 144 -25.69 30.56 31.97
CA LEU B 144 -26.45 31.06 33.14
C LEU B 144 -26.93 29.94 34.01
N PHE B 145 -27.16 28.76 33.44
CA PHE B 145 -28.12 27.81 34.03
C PHE B 145 -29.28 28.48 34.76
N ASP B 146 -29.99 29.41 34.11
CA ASP B 146 -31.23 30.05 34.65
C ASP B 146 -32.17 29.18 35.45
N GLU B 147 -32.51 29.62 36.64
CA GLU B 147 -33.36 28.80 37.54
C GLU B 147 -34.69 28.35 36.85
N SER B 148 -35.24 29.29 36.13
CA SER B 148 -36.53 29.04 35.58
C SER B 148 -36.41 28.28 34.24
N ALA B 149 -35.31 28.50 33.52
CA ALA B 149 -35.06 27.74 32.34
C ALA B 149 -34.84 26.24 32.72
N LYS B 150 -34.34 26.00 33.91
CA LYS B 150 -34.06 24.67 34.34
C LYS B 150 -35.35 23.90 34.66
N ASP B 151 -36.29 24.55 35.31
CA ASP B 151 -37.59 23.90 35.55
C ASP B 151 -38.36 23.64 34.30
N ARG B 152 -38.12 24.41 33.23
CA ARG B 152 -38.80 24.10 32.03
C ARG B 152 -38.08 22.96 31.33
N GLU B 153 -36.80 23.20 30.98
CA GLU B 153 -36.00 22.24 30.22
C GLU B 153 -35.83 20.79 30.78
N VAL B 154 -36.06 20.57 32.09
CA VAL B 154 -36.06 19.22 32.68
C VAL B 154 -37.19 18.39 32.04
N ASN B 155 -38.28 19.03 31.57
CA ASN B 155 -39.37 18.32 30.88
C ASN B 155 -39.01 17.83 29.55
N ALA B 156 -38.12 18.58 28.89
CA ALA B 156 -37.64 18.23 27.56
C ALA B 156 -36.84 16.91 27.66
N VAL B 157 -36.05 16.77 28.73
CA VAL B 157 -35.22 15.61 28.93
C VAL B 157 -36.19 14.48 29.29
N ASP B 158 -37.07 14.77 30.23
CA ASP B 158 -38.10 13.81 30.54
C ASP B 158 -38.82 13.25 29.31
N SER B 159 -39.18 14.16 28.44
CA SER B 159 -39.82 13.80 27.19
C SER B 159 -38.90 12.91 26.25
N GLU B 160 -37.59 13.22 26.27
CA GLU B 160 -36.55 12.57 25.45
C GLU B 160 -36.60 11.12 25.99
N HIS B 161 -36.45 10.93 27.28
CA HIS B 161 -36.59 9.58 27.82
C HIS B 161 -37.91 8.96 27.52
N GLU B 162 -39.00 9.73 27.65
CA GLU B 162 -40.32 9.17 27.44
C GLU B 162 -40.39 8.47 26.06
N LYS B 163 -39.98 9.18 24.98
CA LYS B 163 -40.07 8.62 23.67
C LYS B 163 -39.21 7.35 23.49
N ASN B 164 -38.30 7.06 24.43
CA ASN B 164 -37.31 6.01 24.28
C ASN B 164 -37.75 4.79 24.98
N VAL B 165 -38.60 4.97 25.97
CA VAL B 165 -38.99 3.97 26.89
C VAL B 165 -39.54 2.73 26.19
N MET B 166 -40.52 2.90 25.34
CA MET B 166 -40.99 1.72 24.62
C MET B 166 -40.22 1.41 23.28
N ASN B 167 -38.98 1.84 23.11
CA ASN B 167 -38.23 1.44 21.96
C ASN B 167 -37.31 0.30 22.33
N ASP B 168 -37.36 -0.75 21.53
CA ASP B 168 -36.66 -1.93 21.86
C ASP B 168 -35.14 -1.84 21.87
N ALA B 169 -34.53 -0.92 21.11
CA ALA B 169 -33.05 -0.83 21.14
C ALA B 169 -32.59 -0.15 22.43
N TRP B 170 -33.32 0.87 22.86
CA TRP B 170 -32.97 1.51 24.13
C TRP B 170 -33.10 0.57 25.32
N ARG B 171 -34.17 -0.20 25.36
CA ARG B 171 -34.41 -1.16 26.41
C ARG B 171 -33.23 -2.11 26.53
N LEU B 172 -32.85 -2.63 25.36
CA LEU B 172 -31.71 -3.54 25.23
C LEU B 172 -30.35 -2.94 25.67
N PHE B 173 -30.14 -1.67 25.28
CA PHE B 173 -28.96 -0.92 25.53
C PHE B 173 -28.93 -0.85 27.03
N GLN B 174 -29.99 -0.37 27.66
CA GLN B 174 -29.93 -0.17 29.10
C GLN B 174 -29.92 -1.44 29.90
N LEU B 175 -30.51 -2.50 29.35
CA LEU B 175 -30.51 -3.75 30.07
C LEU B 175 -29.11 -4.40 30.03
N GLU B 176 -28.32 -4.17 28.95
CA GLU B 176 -26.91 -4.58 29.04
C GLU B 176 -26.25 -3.91 30.30
N LYS B 177 -26.33 -2.61 30.43
CA LYS B 177 -25.73 -1.98 31.58
C LYS B 177 -26.31 -2.57 32.86
N ALA B 178 -27.63 -2.81 32.94
CA ALA B 178 -28.23 -3.45 34.16
C ALA B 178 -27.70 -4.85 34.52
N THR B 179 -27.04 -5.59 33.65
CA THR B 179 -26.68 -6.90 34.05
C THR B 179 -25.18 -7.12 34.19
N GLY B 180 -24.38 -6.05 34.27
CA GLY B 180 -22.93 -6.13 34.50
C GLY B 180 -22.67 -5.67 35.91
N ASN B 181 -21.47 -5.29 36.28
CA ASN B 181 -21.23 -4.96 37.67
C ASN B 181 -22.07 -3.76 38.19
N PRO B 182 -22.90 -3.95 39.25
CA PRO B 182 -23.66 -2.72 39.58
C PRO B 182 -22.77 -1.61 40.04
N LYS B 183 -21.64 -1.95 40.68
CA LYS B 183 -20.65 -0.97 41.11
C LYS B 183 -20.02 -0.15 39.95
N HIS B 184 -19.98 -0.67 38.72
CA HIS B 184 -19.30 -0.03 37.57
C HIS B 184 -20.13 1.07 36.97
N PRO B 185 -19.46 2.21 36.63
CA PRO B 185 -20.20 3.35 36.02
C PRO B 185 -20.90 2.96 34.71
N PHE B 186 -20.62 1.79 34.20
CA PHE B 186 -21.27 1.40 33.00
C PHE B 186 -22.74 1.18 33.27
N SER B 187 -23.07 0.74 34.48
CA SER B 187 -24.42 0.49 34.84
C SER B 187 -25.21 1.76 34.96
N LYS B 188 -24.60 2.93 34.97
CA LYS B 188 -25.40 4.18 35.12
C LYS B 188 -26.52 4.37 34.10
N PHE B 189 -27.58 5.08 34.48
CA PHE B 189 -28.65 5.53 33.53
C PHE B 189 -28.30 6.91 32.91
N GLY B 190 -27.87 6.94 31.64
CA GLY B 190 -27.42 8.14 31.02
C GLY B 190 -28.43 9.24 30.71
N THR B 191 -29.72 8.99 30.47
CA THR B 191 -30.54 10.04 29.86
C THR B 191 -31.06 10.97 30.96
N GLY B 192 -31.30 10.39 32.15
CA GLY B 192 -32.08 11.02 33.20
C GLY B 192 -33.53 11.34 32.81
N ASN B 193 -34.25 11.81 33.79
CA ASN B 193 -35.62 12.28 33.59
C ASN B 193 -36.12 13.04 34.81
N LYS B 194 -37.41 13.42 34.78
CA LYS B 194 -37.93 14.32 35.77
C LYS B 194 -37.67 13.73 37.18
N TYR B 195 -37.83 12.41 37.31
CA TYR B 195 -37.58 11.81 38.57
C TYR B 195 -36.08 12.04 39.02
N THR B 196 -35.09 11.66 38.20
CA THR B 196 -33.69 11.64 38.67
C THR B 196 -33.08 13.02 38.72
N LEU B 197 -33.72 13.93 38.00
CA LEU B 197 -33.13 15.18 37.71
C LEU B 197 -33.92 16.28 38.49
N GLU B 198 -35.07 15.98 39.05
CA GLU B 198 -35.81 17.00 39.77
C GLU B 198 -36.44 16.48 41.06
N THR B 199 -37.26 15.43 40.93
CA THR B 199 -38.01 14.87 42.04
C THR B 199 -37.15 14.19 43.06
N ARG B 200 -36.33 13.25 42.67
CA ARG B 200 -35.43 12.67 43.68
C ARG B 200 -34.56 13.69 44.36
N PRO B 201 -33.93 14.61 43.58
CA PRO B 201 -33.12 15.58 44.23
C PRO B 201 -33.86 16.50 45.23
N ASN B 202 -35.07 16.97 44.96
CA ASN B 202 -35.67 17.81 45.99
C ASN B 202 -35.97 17.02 47.22
N GLN B 203 -36.31 15.76 47.01
CA GLN B 203 -36.56 14.92 48.14
C GLN B 203 -35.28 14.78 48.96
N GLU B 204 -34.13 14.51 48.31
CA GLU B 204 -32.85 14.33 48.97
C GLU B 204 -32.25 15.68 49.35
N GLY B 205 -32.97 16.79 49.22
CA GLY B 205 -32.42 18.10 49.48
C GLY B 205 -31.23 18.59 48.66
N ILE B 206 -30.97 18.06 47.47
CA ILE B 206 -30.00 18.59 46.52
C ILE B 206 -30.55 19.77 45.71
N ASP B 207 -29.64 20.61 45.28
CA ASP B 207 -29.99 21.76 44.46
C ASP B 207 -29.32 21.61 43.08
N VAL B 208 -30.16 21.33 42.09
CA VAL B 208 -29.62 20.82 40.87
C VAL B 208 -28.79 21.89 40.15
N ARG B 209 -29.21 23.14 40.26
CA ARG B 209 -28.40 24.21 39.68
C ARG B 209 -26.94 24.27 40.22
N GLN B 210 -26.82 24.18 41.54
CA GLN B 210 -25.50 24.23 42.12
C GLN B 210 -24.74 23.07 41.41
N GLU B 211 -25.30 21.88 41.41
CA GLU B 211 -24.76 20.76 40.73
C GLU B 211 -24.40 20.89 39.24
N LEU B 212 -25.26 21.52 38.43
CA LEU B 212 -24.88 21.86 37.05
C LEU B 212 -23.62 22.73 37.03
N LEU B 213 -23.66 23.84 37.81
CA LEU B 213 -22.50 24.68 37.96
C LEU B 213 -21.28 23.94 38.50
N LYS B 214 -21.44 23.18 39.55
CA LYS B 214 -20.33 22.43 40.02
C LYS B 214 -19.75 21.48 38.95
N PHE B 215 -20.62 20.80 38.24
CA PHE B 215 -20.17 19.78 37.30
C PHE B 215 -19.50 20.52 36.15
N HIS B 216 -20.18 21.52 35.63
CA HIS B 216 -19.58 22.38 34.58
C HIS B 216 -18.21 22.87 35.00
N SER B 217 -18.06 23.35 36.24
CA SER B 217 -16.76 23.91 36.49
C SER B 217 -15.72 22.91 36.86
N ALA B 218 -16.07 21.77 37.45
CA ALA B 218 -15.03 20.72 37.59
C ALA B 218 -14.63 20.05 36.20
N TYR B 219 -15.54 19.97 35.21
CA TYR B 219 -15.18 19.07 34.09
C TYR B 219 -15.13 19.80 32.79
N TYR B 220 -15.75 20.95 32.68
CA TYR B 220 -15.60 21.66 31.44
C TYR B 220 -14.28 22.43 31.39
N SER B 221 -13.17 21.71 31.51
CA SER B 221 -11.89 22.34 31.46
C SER B 221 -11.27 22.26 30.06
N SER B 222 -10.61 23.33 29.73
CA SER B 222 -9.83 23.34 28.51
C SER B 222 -8.89 22.13 28.26
N ASN B 223 -8.33 21.47 29.29
CA ASN B 223 -7.38 20.34 28.93
C ASN B 223 -8.15 19.17 28.31
N LEU B 224 -9.46 19.11 28.53
CA LEU B 224 -10.34 18.09 27.99
C LEU B 224 -11.13 18.54 26.72
N MET B 225 -10.71 19.60 26.03
CA MET B 225 -11.50 20.09 24.92
C MET B 225 -10.76 20.02 23.59
N ALA B 226 -11.48 19.81 22.50
CA ALA B 226 -10.92 19.91 21.14
C ALA B 226 -11.89 20.80 20.37
N VAL B 227 -11.37 21.60 19.43
CA VAL B 227 -12.24 22.52 18.72
C VAL B 227 -11.92 22.43 17.23
N VAL B 228 -12.96 22.33 16.38
CA VAL B 228 -12.75 22.51 14.99
C VAL B 228 -13.54 23.69 14.50
N VAL B 229 -12.87 24.48 13.66
CA VAL B 229 -13.45 25.69 13.01
C VAL B 229 -13.21 25.70 11.49
N LEU B 230 -14.26 25.91 10.70
CA LEU B 230 -14.14 25.89 9.23
C LEU B 230 -14.73 27.16 8.68
N GLY B 231 -14.01 27.85 7.81
CA GLY B 231 -14.60 28.96 7.06
C GLY B 231 -13.84 29.30 5.81
N ARG B 232 -14.26 30.42 5.20
CA ARG B 232 -13.52 31.02 4.08
C ARG B 232 -12.24 31.78 4.44
N GLU B 233 -12.13 32.37 5.64
CA GLU B 233 -10.92 32.98 6.10
C GLU B 233 -9.69 32.09 5.94
N SER B 234 -8.51 32.70 5.80
CA SER B 234 -7.26 31.96 5.65
C SER B 234 -6.97 31.36 7.01
N LEU B 235 -6.03 30.40 7.04
CA LEU B 235 -5.58 29.78 8.26
C LEU B 235 -5.07 30.83 9.25
N ASP B 236 -4.42 31.90 8.78
CA ASP B 236 -3.96 32.93 9.72
C ASP B 236 -5.08 33.63 10.45
N ASP B 237 -6.09 34.11 9.74
CA ASP B 237 -7.20 34.71 10.50
C ASP B 237 -7.90 33.69 11.38
N LEU B 238 -8.12 32.48 10.87
CA LEU B 238 -8.81 31.50 11.68
C LEU B 238 -8.03 31.28 12.93
N THR B 239 -6.71 31.17 12.84
CA THR B 239 -5.90 31.11 14.05
C THR B 239 -6.15 32.26 15.05
N ASN B 240 -6.37 33.47 14.54
CA ASN B 240 -6.48 34.63 15.42
C ASN B 240 -7.82 34.64 16.06
N LEU B 241 -8.77 34.21 15.26
CA LEU B 241 -10.15 34.20 15.64
C LEU B 241 -10.31 33.12 16.75
N VAL B 242 -9.69 31.93 16.53
CA VAL B 242 -9.81 30.91 17.55
C VAL B 242 -9.11 31.32 18.83
N VAL B 243 -7.87 31.79 18.76
CA VAL B 243 -7.20 32.34 19.95
C VAL B 243 -8.01 33.49 20.62
N LYS B 244 -8.49 34.43 19.83
CA LYS B 244 -9.32 35.48 20.42
C LYS B 244 -10.42 34.81 21.27
N LEU B 245 -11.17 33.85 20.73
CA LEU B 245 -12.39 33.47 21.43
C LEU B 245 -12.20 32.32 22.43
N PHE B 246 -11.05 31.64 22.39
CA PHE B 246 -10.96 30.38 23.15
C PHE B 246 -9.85 30.21 24.17
N SER B 247 -8.84 31.06 24.14
CA SER B 247 -7.71 30.87 25.10
C SER B 247 -8.07 31.40 26.46
N GLU B 248 -9.18 32.12 26.55
CA GLU B 248 -9.62 32.49 27.89
C GLU B 248 -10.34 31.36 28.61
N VAL B 249 -10.42 30.15 28.05
CA VAL B 249 -11.11 29.07 28.76
C VAL B 249 -10.21 28.51 29.83
N GLU B 250 -10.73 28.33 31.00
CA GLU B 250 -9.92 27.85 32.10
C GLU B 250 -9.41 26.43 31.99
N ASN B 251 -8.21 26.22 32.49
CA ASN B 251 -7.66 24.88 32.46
C ASN B 251 -7.65 24.36 33.90
N LYS B 252 -8.51 23.41 34.25
CA LYS B 252 -8.50 22.93 35.63
C LYS B 252 -7.64 21.69 35.73
N ASN B 253 -7.02 21.38 34.63
CA ASN B 253 -6.15 20.23 34.62
C ASN B 253 -6.79 18.94 35.09
N VAL B 254 -7.99 18.65 34.60
CA VAL B 254 -8.74 17.47 34.95
C VAL B 254 -8.07 16.21 34.36
N PRO B 255 -7.90 15.17 35.19
CA PRO B 255 -7.45 13.82 34.70
C PRO B 255 -8.53 13.10 33.87
N LEU B 256 -8.16 12.33 32.87
CA LEU B 256 -9.11 11.80 31.92
C LEU B 256 -9.69 10.57 32.53
N PRO B 257 -11.03 10.47 32.61
CA PRO B 257 -11.54 9.26 33.27
C PRO B 257 -11.12 7.96 32.55
N GLU B 258 -10.80 6.91 33.28
CA GLU B 258 -10.40 5.63 32.71
C GLU B 258 -11.26 4.55 33.34
N PHE B 259 -11.58 3.45 32.63
CA PHE B 259 -12.36 2.38 33.25
C PHE B 259 -11.69 1.05 32.91
N PRO B 260 -10.50 0.78 33.55
CA PRO B 260 -9.76 -0.38 33.07
C PRO B 260 -10.40 -1.70 33.55
N GLU B 261 -11.24 -1.65 34.57
CA GLU B 261 -11.94 -2.85 34.96
C GLU B 261 -13.17 -3.07 34.13
N HIS B 262 -13.26 -4.21 33.48
CA HIS B 262 -14.33 -4.47 32.52
C HIS B 262 -15.63 -4.61 33.27
N PRO B 263 -16.73 -3.96 32.84
CA PRO B 263 -17.97 -4.12 33.62
C PRO B 263 -18.48 -5.53 33.64
N PHE B 264 -17.98 -6.38 32.74
CA PHE B 264 -18.31 -7.79 32.85
C PHE B 264 -17.18 -8.60 33.46
N GLN B 265 -17.24 -8.86 34.75
CA GLN B 265 -16.28 -9.83 35.37
C GLN B 265 -16.81 -11.25 35.21
N GLU B 266 -16.06 -12.20 35.71
CA GLU B 266 -16.50 -13.60 36.01
C GLU B 266 -17.82 -14.20 36.47
N GLU B 267 -18.59 -13.48 37.26
CA GLU B 267 -19.95 -13.84 37.53
C GLU B 267 -20.87 -13.41 36.39
N HIS B 268 -20.43 -12.53 35.52
CA HIS B 268 -21.31 -11.97 34.47
C HIS B 268 -21.14 -12.70 33.17
N LEU B 269 -20.33 -13.75 33.14
CA LEU B 269 -20.09 -14.46 31.87
C LEU B 269 -20.86 -15.76 31.93
N LYS B 270 -20.98 -16.50 30.79
CA LYS B 270 -21.83 -17.72 30.71
C LYS B 270 -23.26 -17.46 31.21
N GLN B 271 -23.84 -16.36 30.75
CA GLN B 271 -25.13 -15.97 31.18
C GLN B 271 -26.04 -15.91 29.95
N LEU B 272 -27.32 -16.19 30.21
CA LEU B 272 -28.33 -16.30 29.22
C LEU B 272 -29.44 -15.40 29.66
N TYR B 273 -29.90 -14.53 28.76
CA TYR B 273 -30.96 -13.58 29.10
C TYR B 273 -32.10 -13.79 28.12
N LYS B 274 -33.31 -13.97 28.66
CA LYS B 274 -34.55 -14.17 27.87
C LYS B 274 -35.34 -12.91 28.07
N ILE B 275 -35.66 -12.27 26.95
CA ILE B 275 -36.18 -10.99 27.02
C ILE B 275 -37.41 -10.76 26.16
N VAL B 276 -38.40 -10.03 26.70
CA VAL B 276 -39.65 -9.79 26.01
C VAL B 276 -39.59 -8.48 25.22
N PRO B 277 -39.70 -8.53 23.92
CA PRO B 277 -39.59 -7.25 23.23
C PRO B 277 -40.93 -6.54 23.25
N ILE B 278 -40.97 -5.30 22.77
CA ILE B 278 -42.24 -4.61 22.59
C ILE B 278 -42.82 -5.00 21.19
N LYS B 279 -42.16 -4.61 20.10
CA LYS B 279 -42.37 -5.16 18.79
C LYS B 279 -42.25 -6.65 18.81
N ASP B 280 -42.74 -7.25 17.71
CA ASP B 280 -42.66 -8.66 17.55
C ASP B 280 -41.38 -8.97 16.72
N ILE B 281 -40.29 -9.17 17.45
CA ILE B 281 -39.00 -9.29 16.79
C ILE B 281 -38.28 -10.38 17.49
N ARG B 282 -37.62 -11.25 16.75
CA ARG B 282 -36.86 -12.24 17.40
C ARG B 282 -35.40 -12.17 17.01
N ASN B 283 -34.56 -11.91 18.03
CA ASN B 283 -33.09 -11.73 17.89
C ASN B 283 -32.34 -12.46 18.88
N LEU B 284 -31.14 -12.82 18.47
CA LEU B 284 -30.14 -13.42 19.33
C LEU B 284 -28.90 -12.46 19.36
N TYR B 285 -28.37 -12.17 20.56
CA TYR B 285 -27.24 -11.25 20.68
C TYR B 285 -26.16 -11.94 21.38
N VAL B 286 -25.07 -12.21 20.68
CA VAL B 286 -23.96 -12.84 21.37
C VAL B 286 -22.84 -11.83 21.67
N THR B 287 -22.33 -11.87 22.89
CA THR B 287 -21.38 -10.86 23.34
C THR B 287 -20.14 -11.46 24.05
N PHE B 288 -18.96 -10.92 23.73
CA PHE B 288 -17.69 -11.25 24.41
C PHE B 288 -17.06 -9.99 24.88
N PRO B 289 -16.85 -9.86 26.18
CA PRO B 289 -16.09 -8.70 26.68
C PRO B 289 -14.68 -8.80 26.15
N ILE B 290 -14.06 -7.68 25.85
CA ILE B 290 -12.68 -7.70 25.38
C ILE B 290 -12.03 -6.45 25.86
N PRO B 291 -10.68 -6.44 25.96
CA PRO B 291 -9.93 -5.21 26.38
C PRO B 291 -10.07 -4.05 25.40
N ASP B 292 -9.72 -2.84 25.82
CA ASP B 292 -9.89 -1.71 24.90
C ASP B 292 -8.89 -1.82 23.71
N LEU B 293 -9.36 -2.01 22.49
CA LEU B 293 -8.46 -2.12 21.34
C LEU B 293 -8.04 -0.79 20.71
N GLN B 294 -8.57 0.35 21.18
CA GLN B 294 -8.25 1.63 20.54
C GLN B 294 -6.73 1.82 20.32
N LYS B 295 -5.92 1.51 21.31
CA LYS B 295 -4.55 1.80 21.09
C LYS B 295 -3.94 0.95 19.97
N TYR B 296 -4.65 -0.03 19.38
CA TYR B 296 -4.07 -0.75 18.26
C TYR B 296 -4.64 -0.25 16.96
N TYR B 297 -5.08 1.00 16.94
CA TYR B 297 -5.82 1.49 15.77
C TYR B 297 -5.11 1.29 14.41
N LYS B 298 -3.77 1.17 14.45
CA LYS B 298 -2.95 1.19 13.29
C LYS B 298 -3.07 -0.14 12.61
N SER B 299 -3.32 -1.18 13.42
CA SER B 299 -3.50 -2.53 12.83
C SER B 299 -4.98 -3.03 12.84
N ASN B 300 -5.76 -2.49 13.79
CA ASN B 300 -7.16 -2.67 13.96
C ASN B 300 -7.55 -4.16 13.98
N PRO B 301 -6.98 -4.94 14.89
CA PRO B 301 -7.34 -6.35 14.85
C PRO B 301 -8.89 -6.60 14.80
N GLY B 302 -9.65 -5.95 15.67
CA GLY B 302 -11.11 -6.03 15.66
C GLY B 302 -11.76 -5.73 14.33
N HIS B 303 -11.23 -4.76 13.60
CA HIS B 303 -11.77 -4.61 12.29
C HIS B 303 -11.57 -5.89 11.47
N TYR B 304 -10.42 -6.52 11.61
CA TYR B 304 -10.07 -7.59 10.71
C TYR B 304 -11.03 -8.81 11.03
N LEU B 305 -11.29 -9.02 12.30
CA LEU B 305 -12.14 -10.16 12.61
C LEU B 305 -13.66 -9.83 12.36
N GLY B 306 -14.04 -8.54 12.43
CA GLY B 306 -15.37 -8.14 12.15
C GLY B 306 -15.55 -8.39 10.67
N HIS B 307 -14.56 -7.96 9.90
CA HIS B 307 -14.70 -8.18 8.46
C HIS B 307 -14.96 -9.66 8.15
N LEU B 308 -14.29 -10.57 8.87
CA LEU B 308 -14.61 -11.93 8.53
C LEU B 308 -15.88 -12.57 9.17
N ILE B 309 -16.10 -12.43 10.48
CA ILE B 309 -17.18 -13.10 11.10
C ILE B 309 -18.46 -12.51 10.47
N GLY B 310 -18.37 -11.28 9.99
CA GLY B 310 -19.57 -10.63 9.51
C GLY B 310 -19.61 -10.76 8.05
N HIS B 311 -18.58 -11.32 7.43
CA HIS B 311 -18.65 -11.43 5.97
C HIS B 311 -19.98 -12.09 5.52
N GLU B 312 -20.47 -11.73 4.34
CA GLU B 312 -21.75 -12.29 3.86
C GLU B 312 -21.72 -13.09 2.56
N GLY B 313 -20.54 -13.31 1.99
CA GLY B 313 -20.38 -13.97 0.71
C GLY B 313 -20.31 -15.46 0.87
N PRO B 314 -19.98 -16.17 -0.22
CA PRO B 314 -20.07 -17.67 -0.23
C PRO B 314 -19.12 -18.17 0.83
N GLY B 315 -19.54 -19.10 1.70
CA GLY B 315 -18.62 -19.73 2.65
C GLY B 315 -18.73 -19.03 3.99
N SER B 316 -19.46 -17.90 4.00
CA SER B 316 -19.52 -17.17 5.26
C SER B 316 -20.35 -17.85 6.34
N LEU B 317 -20.27 -17.34 7.57
CA LEU B 317 -21.16 -17.76 8.64
C LEU B 317 -22.65 -17.46 8.38
N LEU B 318 -22.97 -16.29 7.84
CA LEU B 318 -24.32 -15.97 7.52
C LEU B 318 -24.84 -17.03 6.59
N SER B 319 -24.09 -17.31 5.53
CA SER B 319 -24.61 -18.14 4.43
C SER B 319 -25.14 -19.41 4.94
N GLU B 320 -24.31 -20.06 5.77
CA GLU B 320 -24.68 -21.32 6.28
C GLU B 320 -25.94 -21.17 7.17
N LEU B 321 -26.04 -20.12 8.01
CA LEU B 321 -27.24 -20.02 8.81
C LEU B 321 -28.47 -19.57 7.99
N LYS B 322 -28.30 -18.80 6.90
CA LYS B 322 -29.40 -18.56 5.97
C LYS B 322 -29.84 -19.94 5.41
N SER B 323 -28.92 -20.76 4.95
CA SER B 323 -29.34 -21.98 4.30
C SER B 323 -30.08 -22.91 5.21
N LYS B 324 -29.67 -23.05 6.47
CA LYS B 324 -30.36 -23.85 7.41
C LYS B 324 -31.71 -23.21 7.75
N GLY B 325 -32.02 -21.99 7.25
CA GLY B 325 -33.29 -21.34 7.58
C GLY B 325 -33.43 -20.79 9.01
N TRP B 326 -32.28 -20.58 9.67
CA TRP B 326 -32.25 -20.08 11.03
C TRP B 326 -32.23 -18.55 11.14
N VAL B 327 -31.55 -17.86 10.23
CA VAL B 327 -31.41 -16.40 10.34
C VAL B 327 -31.42 -15.67 9.00
N ASN B 328 -31.80 -14.41 9.01
CA ASN B 328 -31.72 -13.62 7.73
C ASN B 328 -30.57 -12.64 7.61
N THR B 329 -30.28 -11.94 8.69
CA THR B 329 -29.27 -10.97 8.71
C THR B 329 -28.30 -11.29 9.89
N LEU B 330 -27.01 -10.87 9.73
CA LEU B 330 -26.00 -10.94 10.77
C LEU B 330 -25.15 -9.63 10.99
N VAL B 331 -24.80 -9.29 12.21
CA VAL B 331 -23.81 -8.22 12.29
C VAL B 331 -22.77 -8.68 13.27
N GLY B 332 -21.52 -8.60 12.86
CA GLY B 332 -20.50 -8.88 13.88
C GLY B 332 -19.36 -7.86 13.82
N GLY B 333 -18.53 -7.92 14.90
CA GLY B 333 -17.38 -7.00 15.05
C GLY B 333 -17.31 -6.28 16.39
N GLN B 334 -16.42 -5.28 16.49
CA GLN B 334 -16.09 -4.66 17.77
C GLN B 334 -17.02 -3.53 18.05
N LYS B 335 -17.35 -3.33 19.29
CA LYS B 335 -18.26 -2.30 19.69
C LYS B 335 -17.62 -1.55 20.88
N GLU B 336 -17.61 -0.24 20.81
CA GLU B 336 -16.96 0.53 21.89
C GLU B 336 -17.59 0.37 23.24
N GLY B 337 -16.84 0.64 24.31
CA GLY B 337 -17.40 0.62 25.66
C GLY B 337 -16.97 1.93 26.27
N ALA B 338 -15.81 2.00 26.91
CA ALA B 338 -15.15 3.33 27.09
C ALA B 338 -13.64 3.10 27.17
N ARG B 339 -12.83 4.13 27.53
CA ARG B 339 -11.42 3.87 27.77
C ARG B 339 -11.23 2.72 28.78
N GLY B 340 -10.68 1.64 28.24
CA GLY B 340 -10.32 0.52 29.06
C GLY B 340 -11.18 -0.70 28.88
N PHE B 341 -12.33 -0.60 28.21
CA PHE B 341 -13.03 -1.84 27.82
C PHE B 341 -13.86 -1.68 26.51
N MET B 342 -14.04 -2.78 25.78
CA MET B 342 -14.73 -2.87 24.55
C MET B 342 -15.53 -4.15 24.42
N PHE B 343 -16.38 -4.27 23.40
CA PHE B 343 -17.09 -5.57 23.25
C PHE B 343 -16.82 -6.12 21.92
N PHE B 344 -17.06 -7.41 21.79
CA PHE B 344 -17.09 -7.99 20.45
C PHE B 344 -18.46 -8.60 20.37
N ILE B 345 -19.15 -8.30 19.25
CA ILE B 345 -20.45 -8.88 19.09
C ILE B 345 -20.73 -9.66 17.82
N ILE B 346 -21.59 -10.66 17.95
CA ILE B 346 -22.23 -11.32 16.77
C ILE B 346 -23.71 -11.41 17.07
N ASN B 347 -24.48 -10.78 16.21
CA ASN B 347 -25.91 -10.70 16.42
C ASN B 347 -26.71 -11.16 15.17
N VAL B 348 -27.74 -11.98 15.37
CA VAL B 348 -28.56 -12.36 14.23
C VAL B 348 -30.03 -12.08 14.49
N ASP B 349 -30.83 -11.94 13.43
CA ASP B 349 -32.29 -12.07 13.67
C ASP B 349 -32.72 -13.53 13.46
N LEU B 350 -33.66 -14.03 14.20
CA LEU B 350 -33.99 -15.45 14.06
C LEU B 350 -35.32 -15.66 13.34
N THR B 351 -35.37 -16.66 12.47
CA THR B 351 -36.65 -17.22 11.99
C THR B 351 -37.35 -18.05 13.11
N GLU B 352 -38.54 -18.57 12.81
CA GLU B 352 -39.26 -19.34 13.83
C GLU B 352 -38.49 -20.60 14.12
N GLU B 353 -38.10 -21.31 13.05
CA GLU B 353 -37.14 -22.39 13.25
C GLU B 353 -35.92 -21.92 14.10
N GLY B 354 -35.23 -20.81 13.68
CA GLY B 354 -34.03 -20.34 14.34
C GLY B 354 -34.19 -20.24 15.85
N LEU B 355 -35.29 -19.65 16.28
CA LEU B 355 -35.65 -19.55 17.63
C LEU B 355 -35.61 -20.92 18.29
N LEU B 356 -36.05 -21.97 17.60
CA LEU B 356 -35.87 -23.34 18.21
C LEU B 356 -34.43 -23.85 18.20
N HIS B 357 -33.45 -23.23 17.53
CA HIS B 357 -32.14 -23.80 17.40
C HIS B 357 -31.05 -22.84 17.86
N VAL B 358 -31.25 -22.06 18.93
CA VAL B 358 -30.23 -21.13 19.37
C VAL B 358 -28.87 -21.82 19.66
N GLU B 359 -28.94 -22.93 20.41
CA GLU B 359 -27.76 -23.65 20.71
C GLU B 359 -27.02 -24.14 19.43
N ASP B 360 -27.72 -24.49 18.40
CA ASP B 360 -26.98 -24.86 17.19
C ASP B 360 -26.35 -23.71 16.49
N ILE B 361 -27.09 -22.60 16.49
CA ILE B 361 -26.59 -21.39 15.87
C ILE B 361 -25.30 -21.06 16.64
N ILE B 362 -25.33 -21.03 17.99
CA ILE B 362 -24.16 -20.63 18.61
C ILE B 362 -22.98 -21.59 18.29
N LEU B 363 -23.30 -22.91 18.27
CA LEU B 363 -22.33 -23.92 17.91
C LEU B 363 -21.73 -23.49 16.57
N HIS B 364 -22.56 -23.02 15.64
CA HIS B 364 -21.96 -22.71 14.38
C HIS B 364 -21.09 -21.50 14.47
N MET B 365 -21.47 -20.51 15.26
CA MET B 365 -20.66 -19.38 15.41
C MET B 365 -19.28 -19.83 15.87
N PHE B 366 -19.24 -20.77 16.84
CA PHE B 366 -17.94 -21.18 17.41
C PHE B 366 -17.10 -21.98 16.44
N GLN B 367 -17.79 -22.68 15.55
CA GLN B 367 -17.07 -23.41 14.50
C GLN B 367 -16.40 -22.48 13.55
N TYR B 368 -17.11 -21.40 13.22
CA TYR B 368 -16.58 -20.48 12.25
C TYR B 368 -15.37 -19.78 12.88
N ILE B 369 -15.50 -19.48 14.17
CA ILE B 369 -14.39 -18.87 14.81
C ILE B 369 -13.26 -19.88 14.77
N GLN B 370 -13.60 -21.17 14.89
CA GLN B 370 -12.55 -22.15 15.01
C GLN B 370 -11.82 -22.30 13.70
N LYS B 371 -12.55 -22.16 12.59
CA LYS B 371 -11.90 -22.23 11.30
C LYS B 371 -10.87 -21.09 11.18
N LEU B 372 -11.15 -19.95 11.83
CA LEU B 372 -10.24 -18.88 11.73
C LEU B 372 -9.00 -19.24 12.52
N ARG B 373 -9.19 -19.88 13.67
CA ARG B 373 -8.05 -20.20 14.50
C ARG B 373 -7.21 -21.11 13.67
N ALA B 374 -7.85 -22.08 13.07
CA ALA B 374 -7.13 -23.12 12.36
C ALA B 374 -6.41 -22.60 11.13
N GLU B 375 -6.91 -21.61 10.42
CA GLU B 375 -6.13 -21.16 9.26
C GLU B 375 -5.03 -20.25 9.75
N GLY B 376 -5.20 -19.62 10.91
CA GLY B 376 -4.39 -18.48 11.31
C GLY B 376 -4.59 -17.24 10.43
N PRO B 377 -4.08 -16.09 10.91
CA PRO B 377 -4.36 -14.78 10.31
C PRO B 377 -3.99 -14.73 8.86
N GLN B 378 -4.64 -13.88 8.06
CA GLN B 378 -4.40 -13.88 6.64
C GLN B 378 -3.99 -12.54 6.18
N GLU B 379 -2.70 -12.44 5.83
CA GLU B 379 -2.14 -11.20 5.29
C GLU B 379 -2.87 -10.61 4.09
N TRP B 380 -3.28 -11.42 3.09
CA TRP B 380 -3.87 -10.81 1.89
C TRP B 380 -5.20 -10.14 2.21
N VAL B 381 -5.93 -10.76 3.15
CA VAL B 381 -7.16 -10.15 3.63
C VAL B 381 -6.87 -8.76 4.18
N PHE B 382 -6.00 -8.64 5.21
CA PHE B 382 -5.53 -7.35 5.71
C PHE B 382 -5.12 -6.39 4.60
N GLN B 383 -4.31 -6.87 3.66
CA GLN B 383 -3.91 -6.04 2.51
C GLN B 383 -5.07 -5.55 1.67
N GLU B 384 -6.06 -6.39 1.48
CA GLU B 384 -7.20 -6.00 0.73
C GLU B 384 -7.98 -4.90 1.46
N LEU B 385 -8.24 -5.11 2.74
CA LEU B 385 -8.81 -4.04 3.51
C LEU B 385 -7.94 -2.80 3.48
N LYS B 386 -6.62 -2.96 3.52
CA LYS B 386 -5.79 -1.78 3.41
C LYS B 386 -5.99 -0.97 2.07
N ASP B 387 -5.86 -1.65 0.94
CA ASP B 387 -5.92 -1.02 -0.30
C ASP B 387 -7.29 -0.34 -0.55
N LEU B 388 -8.39 -1.01 -0.09
CA LEU B 388 -9.74 -0.50 -0.22
C LEU B 388 -9.82 0.83 0.52
N ASN B 389 -9.34 0.86 1.77
CA ASN B 389 -9.36 2.07 2.55
C ASN B 389 -8.64 3.16 1.86
N ALA B 390 -7.47 2.84 1.29
CA ALA B 390 -6.67 3.85 0.59
C ALA B 390 -7.52 4.54 -0.52
N VAL B 391 -8.12 3.75 -1.41
CA VAL B 391 -8.95 4.31 -2.47
C VAL B 391 -10.13 5.05 -1.89
N ALA B 392 -10.78 4.47 -0.90
CA ALA B 392 -11.89 5.12 -0.26
C ALA B 392 -11.47 6.53 0.09
N PHE B 393 -10.34 6.63 0.82
CA PHE B 393 -9.85 7.90 1.35
C PHE B 393 -9.46 8.85 0.23
N ARG B 394 -8.79 8.29 -0.78
CA ARG B 394 -8.35 9.08 -1.85
C ARG B 394 -9.58 9.74 -2.47
N PHE B 395 -10.67 8.99 -2.73
CA PHE B 395 -11.82 9.57 -3.34
C PHE B 395 -13.04 9.87 -2.46
N LYS B 396 -12.90 10.12 -1.15
CA LYS B 396 -14.04 10.34 -0.22
C LYS B 396 -14.80 11.51 -0.78
N ASP B 397 -16.12 11.56 -0.68
CA ASP B 397 -16.83 12.77 -1.04
C ASP B 397 -16.48 13.94 -0.15
N LYS B 398 -16.66 15.17 -0.66
CA LYS B 398 -16.51 16.27 0.24
C LYS B 398 -17.68 16.28 1.27
N GLU B 399 -17.33 16.38 2.56
CA GLU B 399 -18.31 16.25 3.65
C GLU B 399 -18.98 17.59 3.85
N ARG B 400 -20.19 17.59 4.42
CA ARG B 400 -20.90 18.85 4.82
C ARG B 400 -20.25 19.46 6.03
N PRO B 401 -19.99 20.76 6.00
CA PRO B 401 -19.22 21.37 7.11
C PRO B 401 -19.59 20.98 8.59
N ARG B 402 -20.86 21.09 8.93
CA ARG B 402 -21.32 20.78 10.27
C ARG B 402 -20.96 19.35 10.81
N GLY B 403 -21.25 18.30 10.01
CA GLY B 403 -20.94 16.92 10.38
C GLY B 403 -19.43 16.75 10.51
N TYR B 404 -18.72 17.40 9.61
CA TYR B 404 -17.27 17.32 9.54
C TYR B 404 -16.64 17.95 10.78
N THR B 405 -17.05 19.17 11.14
CA THR B 405 -16.34 19.77 12.26
C THR B 405 -16.60 18.95 13.54
N SER B 406 -17.89 18.57 13.67
CA SER B 406 -18.30 17.74 14.75
C SER B 406 -17.52 16.44 14.87
N LYS B 407 -17.46 15.67 13.81
CA LYS B 407 -16.71 14.43 13.79
C LYS B 407 -15.25 14.65 14.19
N ILE B 408 -14.64 15.65 13.57
CA ILE B 408 -13.23 15.89 13.84
C ILE B 408 -12.99 16.38 15.28
N ALA B 409 -13.90 17.16 15.84
CA ALA B 409 -13.67 17.58 17.19
C ALA B 409 -13.61 16.33 18.08
N GLY B 410 -14.25 15.24 17.67
CA GLY B 410 -14.29 14.03 18.53
C GLY B 410 -12.97 13.31 18.41
N ILE B 411 -12.50 13.03 17.19
CA ILE B 411 -11.32 12.19 17.09
C ILE B 411 -10.00 12.90 17.46
N LEU B 412 -10.03 14.24 17.54
CA LEU B 412 -8.88 14.98 17.95
C LEU B 412 -8.35 14.61 19.33
N HIS B 413 -9.17 14.01 20.18
CA HIS B 413 -8.77 13.42 21.48
C HIS B 413 -8.08 12.07 21.35
N TYR B 414 -7.92 11.55 20.12
CA TYR B 414 -7.39 10.20 20.02
C TYR B 414 -6.19 10.09 19.15
N TYR B 415 -5.88 11.12 18.37
CA TYR B 415 -4.80 11.07 17.40
C TYR B 415 -4.07 12.37 17.44
N PRO B 416 -2.76 12.34 17.17
CA PRO B 416 -1.97 13.58 16.99
C PRO B 416 -2.58 14.48 15.90
N LEU B 417 -2.58 15.79 16.08
CA LEU B 417 -3.10 16.69 15.07
C LEU B 417 -2.83 16.28 13.61
N GLU B 418 -1.65 15.75 13.29
CA GLU B 418 -1.26 15.62 11.87
C GLU B 418 -1.94 14.38 11.30
N GLU B 419 -2.38 13.48 12.18
CA GLU B 419 -3.08 12.32 11.69
C GLU B 419 -4.59 12.28 11.80
N VAL B 420 -5.29 13.35 12.22
CA VAL B 420 -6.73 13.25 12.47
C VAL B 420 -7.56 12.94 11.23
N LEU B 421 -7.15 13.43 10.08
CA LEU B 421 -7.91 13.17 8.86
C LEU B 421 -7.71 11.79 8.36
N THR B 422 -6.69 11.09 8.76
CA THR B 422 -6.41 9.80 8.16
C THR B 422 -6.71 8.59 9.07
N ALA B 423 -6.77 8.86 10.36
CA ALA B 423 -6.90 7.83 11.36
C ALA B 423 -8.24 7.11 11.21
N GLU B 424 -9.28 7.74 10.76
CA GLU B 424 -10.39 6.80 10.60
C GLU B 424 -10.25 5.90 9.39
N TYR B 425 -9.42 6.28 8.44
CA TYR B 425 -9.39 5.53 7.19
C TYR B 425 -8.31 4.50 7.03
N LEU B 426 -7.17 4.67 7.64
CA LEU B 426 -6.04 4.02 7.05
C LEU B 426 -5.49 3.08 8.09
N LEU B 427 -5.66 1.79 7.81
CA LEU B 427 -4.97 0.70 8.44
C LEU B 427 -3.50 0.81 8.08
N GLU B 428 -2.58 0.18 8.83
CA GLU B 428 -1.14 0.36 8.55
C GLU B 428 -0.18 -0.86 8.65
N GLU B 429 -0.01 -1.49 9.83
CA GLU B 429 0.73 -2.74 9.97
C GLU B 429 -0.21 -3.93 10.26
N PHE B 430 0.08 -5.04 9.65
CA PHE B 430 -0.62 -6.24 9.94
C PHE B 430 -0.05 -6.77 11.21
N ARG B 431 -0.86 -7.10 12.19
CA ARG B 431 -0.24 -7.58 13.38
C ARG B 431 -0.85 -8.89 13.74
N PRO B 432 -0.30 -9.96 13.15
CA PRO B 432 -0.99 -11.26 13.43
C PRO B 432 -1.18 -11.61 14.93
N ASP B 433 -0.34 -11.07 15.81
CA ASP B 433 -0.36 -11.48 17.25
C ASP B 433 -1.53 -10.85 17.96
N LEU B 434 -1.88 -9.61 17.56
CA LEU B 434 -3.02 -8.95 18.09
C LEU B 434 -4.28 -9.65 17.57
N ILE B 435 -4.24 -10.07 16.31
CA ILE B 435 -5.34 -10.80 15.82
C ILE B 435 -5.54 -12.03 16.70
N GLU B 436 -4.50 -12.83 16.93
CA GLU B 436 -4.68 -13.98 17.78
C GLU B 436 -5.05 -13.58 19.19
N MET B 437 -4.47 -12.51 19.69
CA MET B 437 -4.78 -12.23 21.06
C MET B 437 -6.31 -11.92 21.26
N VAL B 438 -6.92 -11.37 20.22
CA VAL B 438 -8.33 -11.05 20.23
C VAL B 438 -9.20 -12.30 19.98
N LEU B 439 -8.87 -13.05 18.93
CA LEU B 439 -9.57 -14.28 18.67
C LEU B 439 -9.62 -15.15 19.90
N ASP B 440 -8.53 -15.14 20.62
CA ASP B 440 -8.45 -15.92 21.81
C ASP B 440 -9.46 -15.52 22.86
N LYS B 441 -9.88 -14.26 22.89
CA LYS B 441 -10.94 -13.80 23.78
C LYS B 441 -12.34 -14.36 23.32
N LEU B 442 -12.50 -14.61 22.04
CA LEU B 442 -13.79 -15.16 21.59
C LEU B 442 -14.04 -16.66 21.78
N ARG B 443 -14.39 -17.03 23.02
CA ARG B 443 -14.49 -18.43 23.44
C ARG B 443 -15.69 -18.64 24.37
N PRO B 444 -16.28 -19.86 24.32
CA PRO B 444 -17.49 -20.16 25.08
C PRO B 444 -17.42 -19.68 26.56
N GLU B 445 -16.34 -19.94 27.29
CA GLU B 445 -16.27 -19.45 28.66
C GLU B 445 -16.31 -17.92 28.82
N ASN B 446 -16.20 -17.16 27.72
CA ASN B 446 -16.13 -15.70 27.80
C ASN B 446 -17.42 -15.04 27.21
N VAL B 447 -18.52 -15.82 27.18
CA VAL B 447 -19.72 -15.46 26.37
C VAL B 447 -20.94 -15.09 27.18
N ARG B 448 -21.67 -14.12 26.62
CA ARG B 448 -22.97 -13.70 27.13
C ARG B 448 -23.90 -13.89 25.99
N VAL B 449 -25.11 -14.32 26.28
CA VAL B 449 -26.11 -14.64 25.25
C VAL B 449 -27.44 -13.99 25.60
N ALA B 450 -28.04 -13.31 24.64
CA ALA B 450 -29.35 -12.78 24.92
C ALA B 450 -30.39 -13.13 23.83
N ILE B 451 -31.54 -13.62 24.28
CA ILE B 451 -32.59 -13.95 23.33
C ILE B 451 -33.79 -13.01 23.43
N VAL B 452 -34.29 -12.46 22.30
CA VAL B 452 -35.53 -11.68 22.46
C VAL B 452 -36.73 -12.20 21.68
N SER B 453 -37.87 -12.33 22.33
CA SER B 453 -38.94 -13.03 21.66
C SER B 453 -40.18 -12.91 22.47
N LYS B 454 -41.33 -12.95 21.83
CA LYS B 454 -42.61 -12.81 22.56
C LYS B 454 -42.98 -14.08 23.31
N SER B 455 -42.46 -15.20 22.83
CA SER B 455 -42.67 -16.42 23.50
C SER B 455 -42.28 -16.34 24.97
N PHE B 456 -41.71 -15.25 25.43
CA PHE B 456 -41.18 -15.29 26.80
C PHE B 456 -42.14 -14.56 27.66
N GLU B 457 -43.11 -13.95 26.97
CA GLU B 457 -44.23 -13.24 27.60
C GLU B 457 -44.85 -14.18 28.69
N GLY B 458 -44.98 -13.63 29.89
CA GLY B 458 -45.26 -14.38 31.07
C GLY B 458 -44.25 -15.42 31.54
N LYS B 459 -42.96 -15.41 31.15
CA LYS B 459 -42.14 -16.52 31.68
C LYS B 459 -40.84 -16.06 32.21
N THR B 460 -40.87 -14.82 32.66
CA THR B 460 -39.72 -14.02 33.06
C THR B 460 -40.02 -13.54 34.49
N ASP B 461 -39.01 -13.24 35.30
CA ASP B 461 -39.25 -12.84 36.65
C ASP B 461 -38.46 -11.63 37.13
N ARG B 462 -37.68 -11.00 36.26
CA ARG B 462 -36.99 -9.78 36.60
C ARG B 462 -37.61 -8.67 35.82
N THR B 463 -37.41 -7.43 36.23
CA THR B 463 -37.85 -6.33 35.39
C THR B 463 -36.84 -5.18 35.56
N GLU B 464 -36.30 -4.58 34.51
CA GLU B 464 -35.19 -3.61 34.67
C GLU B 464 -35.78 -2.32 35.08
N GLU B 465 -35.10 -1.56 35.92
CA GLU B 465 -35.82 -0.44 36.58
C GLU B 465 -36.13 0.81 35.66
N TRP B 466 -35.21 1.34 34.87
CA TRP B 466 -35.49 2.56 34.10
C TRP B 466 -36.41 2.41 32.91
N TYR B 467 -36.51 1.20 32.39
CA TYR B 467 -37.36 0.97 31.21
C TYR B 467 -38.49 0.01 31.46
N GLY B 468 -38.35 -0.81 32.51
CA GLY B 468 -39.36 -1.72 32.90
C GLY B 468 -39.29 -2.99 32.11
N THR B 469 -38.15 -3.28 31.51
CA THR B 469 -38.06 -4.30 30.53
C THR B 469 -38.24 -5.65 31.19
N GLN B 470 -39.07 -6.55 30.67
CA GLN B 470 -39.25 -7.89 31.33
C GLN B 470 -38.18 -8.90 30.96
N TYR B 471 -37.65 -9.61 31.91
CA TYR B 471 -36.74 -10.64 31.46
C TYR B 471 -36.42 -11.70 32.52
N LYS B 472 -35.57 -12.65 32.13
CA LYS B 472 -35.15 -13.63 33.02
C LYS B 472 -33.66 -13.90 32.77
N GLN B 473 -32.98 -14.49 33.74
CA GLN B 473 -31.57 -14.75 33.61
C GLN B 473 -31.12 -16.12 34.08
N GLU B 474 -30.40 -16.87 33.25
CA GLU B 474 -29.95 -18.20 33.66
C GLU B 474 -28.45 -18.37 33.48
N ALA B 475 -27.85 -19.34 34.15
CA ALA B 475 -26.46 -19.67 33.93
C ALA B 475 -26.47 -20.56 32.72
N ILE B 476 -25.55 -20.42 31.80
CA ILE B 476 -25.58 -21.35 30.73
C ILE B 476 -25.00 -22.66 31.30
N PRO B 477 -25.67 -23.82 31.07
CA PRO B 477 -25.17 -25.00 31.76
C PRO B 477 -23.82 -25.57 31.19
N ASP B 478 -22.97 -26.13 32.06
CA ASP B 478 -21.60 -26.54 31.66
C ASP B 478 -21.57 -27.46 30.53
N GLU B 479 -22.59 -28.33 30.49
CA GLU B 479 -22.71 -29.26 29.40
C GLU B 479 -22.80 -28.46 28.09
N VAL B 480 -23.41 -27.26 28.17
CA VAL B 480 -23.63 -26.54 26.92
C VAL B 480 -22.35 -25.80 26.53
N ILE B 481 -21.72 -25.20 27.55
CA ILE B 481 -20.39 -24.62 27.35
C ILE B 481 -19.38 -25.62 26.72
N LYS B 482 -19.30 -26.80 27.34
CA LYS B 482 -18.39 -27.85 26.94
C LYS B 482 -18.58 -28.24 25.46
N LYS B 483 -19.86 -28.39 25.06
CA LYS B 483 -20.19 -28.80 23.70
C LYS B 483 -19.72 -27.74 22.69
N TRP B 484 -19.91 -26.47 23.07
CA TRP B 484 -19.41 -25.32 22.27
C TRP B 484 -17.86 -25.20 22.20
N GLN B 485 -17.16 -25.37 23.33
CA GLN B 485 -15.70 -25.50 23.33
C GLN B 485 -15.20 -26.63 22.51
N ASN B 486 -16.03 -27.62 22.16
CA ASN B 486 -15.54 -28.64 21.23
C ASN B 486 -15.79 -28.40 19.76
N ALA B 487 -16.16 -27.18 19.42
CA ALA B 487 -16.60 -26.91 18.06
C ALA B 487 -15.58 -27.37 16.99
N ASP B 488 -16.05 -28.08 15.99
CA ASP B 488 -15.08 -28.55 15.07
C ASP B 488 -15.14 -27.87 13.77
N LEU B 489 -14.25 -28.19 12.83
CA LEU B 489 -14.34 -27.50 11.55
C LEU B 489 -15.49 -28.05 10.79
N ASN B 490 -16.24 -27.22 10.07
CA ASN B 490 -17.38 -27.64 9.32
C ASN B 490 -17.19 -27.21 7.85
N GLY B 491 -17.15 -28.19 6.94
CA GLY B 491 -16.73 -27.98 5.56
C GLY B 491 -17.56 -26.90 4.89
N LYS B 492 -18.56 -26.39 5.59
CA LYS B 492 -19.38 -25.36 4.96
C LYS B 492 -18.73 -23.94 5.09
N PHE B 493 -17.75 -23.82 5.98
CA PHE B 493 -17.13 -22.54 6.21
C PHE B 493 -15.78 -22.41 5.59
N LYS B 494 -15.71 -21.53 4.59
CA LYS B 494 -14.49 -21.11 3.88
C LYS B 494 -14.15 -19.62 4.17
N LEU B 495 -12.93 -19.21 3.90
CA LEU B 495 -12.57 -17.82 4.04
C LEU B 495 -13.12 -17.13 2.79
N PRO B 496 -13.32 -15.80 2.79
CA PRO B 496 -13.82 -15.25 1.50
C PRO B 496 -12.78 -15.45 0.46
N THR B 497 -13.14 -15.41 -0.80
CA THR B 497 -12.12 -15.43 -1.80
C THR B 497 -11.81 -13.97 -2.20
N LYS B 498 -10.81 -13.74 -3.03
CA LYS B 498 -10.38 -12.39 -3.33
C LYS B 498 -11.57 -11.60 -3.90
N ASN B 499 -11.70 -10.32 -3.66
CA ASN B 499 -12.82 -9.61 -4.09
C ASN B 499 -12.59 -9.15 -5.49
N GLU B 500 -13.34 -9.74 -6.44
CA GLU B 500 -13.22 -9.31 -7.84
C GLU B 500 -13.83 -7.92 -8.09
N PHE B 501 -14.52 -7.31 -7.17
CA PHE B 501 -15.13 -6.00 -7.56
C PHE B 501 -14.31 -4.79 -7.23
N ILE B 502 -13.13 -4.99 -6.62
CA ILE B 502 -12.23 -3.87 -6.35
C ILE B 502 -12.02 -3.09 -7.61
N PRO B 503 -12.31 -1.77 -7.65
CA PRO B 503 -12.14 -0.96 -8.87
C PRO B 503 -10.68 -0.67 -9.17
N THR B 504 -10.30 -0.61 -10.45
CA THR B 504 -8.89 -0.35 -10.68
C THR B 504 -8.78 0.63 -11.76
N ASN B 505 -9.74 1.50 -11.90
CA ASN B 505 -9.75 2.40 -13.04
C ASN B 505 -10.52 3.67 -12.68
N PHE B 506 -9.74 4.75 -12.46
CA PHE B 506 -10.25 5.91 -11.83
C PHE B 506 -10.03 7.00 -12.78
N GLU B 507 -9.90 6.62 -14.03
CA GLU B 507 -9.79 7.68 -15.01
C GLU B 507 -11.03 8.60 -15.03
N ILE B 508 -10.84 9.88 -14.84
CA ILE B 508 -11.93 10.81 -15.12
C ILE B 508 -11.97 11.15 -16.62
N LEU B 509 -13.01 10.78 -17.38
CA LEU B 509 -13.07 11.17 -18.83
C LEU B 509 -13.18 12.69 -19.02
N PRO B 510 -12.51 13.25 -20.04
CA PRO B 510 -12.54 14.75 -20.18
C PRO B 510 -13.94 15.22 -20.57
N LEU B 511 -14.36 16.36 -20.03
CA LEU B 511 -15.63 16.94 -20.32
C LEU B 511 -15.84 17.02 -21.85
N GLU B 512 -17.03 16.63 -22.33
CA GLU B 512 -17.40 16.64 -23.79
C GLU B 512 -17.88 17.97 -24.34
N LYS B 513 -17.57 18.31 -25.63
CA LYS B 513 -18.00 19.65 -26.25
C LYS B 513 -19.49 19.93 -26.02
N GLU B 514 -20.29 18.89 -26.23
CA GLU B 514 -21.75 18.94 -26.11
C GLU B 514 -22.27 18.85 -24.61
N ALA B 515 -21.50 19.30 -23.61
CA ALA B 515 -21.80 18.97 -22.20
C ALA B 515 -22.70 20.03 -21.56
N THR B 516 -23.73 19.63 -20.80
CA THR B 516 -24.75 20.61 -20.28
C THR B 516 -24.65 20.86 -18.78
N PRO B 517 -24.99 22.06 -18.31
CA PRO B 517 -25.00 22.41 -16.89
C PRO B 517 -26.03 21.60 -16.09
N TYR B 518 -27.22 21.38 -16.69
CA TYR B 518 -28.21 20.54 -16.08
C TYR B 518 -28.36 19.32 -16.91
N PRO B 519 -29.15 18.35 -16.42
CA PRO B 519 -29.34 17.10 -17.17
C PRO B 519 -30.08 17.36 -18.45
N ALA B 520 -29.75 16.62 -19.48
CA ALA B 520 -30.37 16.82 -20.76
C ALA B 520 -31.15 15.58 -21.05
N LEU B 521 -32.26 15.78 -21.77
CA LEU B 521 -33.08 14.66 -22.18
C LEU B 521 -32.59 13.97 -23.44
N ILE B 522 -31.64 13.06 -23.34
CA ILE B 522 -30.96 12.53 -24.51
C ILE B 522 -31.66 11.33 -25.16
N LYS B 523 -32.79 10.87 -24.62
CA LYS B 523 -33.51 9.78 -25.29
C LYS B 523 -34.95 9.70 -24.76
N ASP B 524 -35.86 9.44 -25.68
CA ASP B 524 -37.30 9.66 -25.46
C ASP B 524 -38.13 8.72 -26.27
N THR B 525 -37.99 7.41 -26.10
CA THR B 525 -38.84 6.50 -26.78
C THR B 525 -40.03 6.24 -25.88
N ALA B 526 -40.91 5.35 -26.33
CA ALA B 526 -42.11 4.98 -25.63
C ALA B 526 -41.70 4.15 -24.47
N MET B 527 -40.67 3.35 -24.68
CA MET B 527 -40.15 2.53 -23.61
C MET B 527 -39.25 3.33 -22.60
N SER B 528 -38.59 4.40 -23.01
CA SER B 528 -37.76 4.97 -22.02
C SER B 528 -37.40 6.40 -22.26
N LYS B 529 -37.42 7.17 -21.18
CA LYS B 529 -37.01 8.53 -21.19
C LYS B 529 -35.69 8.64 -20.37
N LEU B 530 -34.61 9.12 -21.02
CA LEU B 530 -33.29 9.16 -20.40
C LEU B 530 -32.74 10.53 -20.21
N TRP B 531 -32.59 10.95 -18.94
CA TRP B 531 -31.92 12.21 -18.61
C TRP B 531 -30.46 11.90 -18.30
N PHE B 532 -29.57 12.82 -18.70
CA PHE B 532 -28.13 12.53 -18.63
C PHE B 532 -27.30 13.75 -18.32
N LYS B 533 -26.28 13.60 -17.47
CA LYS B 533 -25.33 14.70 -17.21
C LYS B 533 -23.95 14.22 -16.77
N GLN B 534 -22.92 14.59 -17.51
CA GLN B 534 -21.50 14.40 -17.10
C GLN B 534 -21.19 15.28 -15.96
N ASP B 535 -20.65 14.72 -14.88
CA ASP B 535 -20.33 15.54 -13.70
C ASP B 535 -19.46 16.69 -14.13
N ASP B 536 -19.73 17.92 -13.73
CA ASP B 536 -18.76 19.00 -14.09
C ASP B 536 -18.31 19.77 -12.87
N LYS B 537 -18.53 19.20 -11.70
CA LYS B 537 -18.19 19.87 -10.43
C LYS B 537 -17.20 19.08 -9.63
N PHE B 538 -17.30 17.74 -9.58
CA PHE B 538 -16.59 17.03 -8.47
C PHE B 538 -15.41 16.25 -8.94
N PHE B 539 -15.46 15.74 -10.15
CA PHE B 539 -14.35 15.03 -10.71
C PHE B 539 -13.86 13.85 -9.92
N LEU B 540 -14.76 13.07 -9.34
CA LEU B 540 -14.36 11.80 -8.77
C LEU B 540 -14.75 10.63 -9.69
N PRO B 541 -14.08 9.49 -9.54
CA PRO B 541 -14.37 8.46 -10.52
C PRO B 541 -15.63 7.57 -10.09
N LYS B 542 -16.80 8.21 -10.17
CA LYS B 542 -18.02 7.70 -9.55
C LYS B 542 -19.25 8.08 -10.34
N ALA B 543 -20.30 7.27 -10.26
CA ALA B 543 -21.51 7.67 -10.95
C ALA B 543 -22.79 7.24 -10.20
N ASN B 544 -23.84 8.00 -10.43
CA ASN B 544 -25.13 7.67 -9.96
C ASN B 544 -25.99 7.22 -11.11
N LEU B 545 -26.60 6.06 -10.94
CA LEU B 545 -27.48 5.58 -11.94
C LEU B 545 -28.94 5.35 -11.45
N ASN B 546 -29.84 6.20 -11.92
CA ASN B 546 -31.16 6.09 -11.35
C ASN B 546 -32.21 5.75 -12.32
N PHE B 547 -33.10 4.85 -11.90
CA PHE B 547 -34.17 4.40 -12.76
C PHE B 547 -35.44 4.17 -12.05
N GLU B 548 -36.50 4.82 -12.55
CA GLU B 548 -37.92 4.54 -12.14
C GLU B 548 -38.49 3.62 -13.20
N PHE B 549 -39.01 2.46 -12.81
CA PHE B 549 -39.73 1.58 -13.77
C PHE B 549 -41.23 1.65 -13.44
N PHE B 550 -42.11 2.23 -14.30
CA PHE B 550 -43.57 2.22 -14.04
C PHE B 550 -44.29 0.94 -14.44
N SER B 551 -45.21 0.49 -13.61
CA SER B 551 -46.20 -0.43 -14.05
C SER B 551 -47.41 -0.16 -13.22
N PRO B 552 -48.61 -0.25 -13.83
CA PRO B 552 -49.90 -0.16 -13.08
C PRO B 552 -50.09 -1.38 -12.15
N PHE B 553 -49.34 -2.42 -12.47
CA PHE B 553 -49.41 -3.64 -11.73
C PHE B 553 -48.75 -3.66 -10.34
N ALA B 554 -48.02 -2.60 -10.02
CA ALA B 554 -47.28 -2.60 -8.79
C ALA B 554 -48.18 -2.19 -7.62
N TYR B 555 -49.02 -1.17 -7.83
CA TYR B 555 -49.82 -0.71 -6.76
C TYR B 555 -51.34 -0.92 -7.01
N VAL B 556 -51.64 -1.69 -8.05
CA VAL B 556 -53.05 -1.88 -8.40
C VAL B 556 -53.95 -2.30 -7.25
N ASP B 557 -53.43 -2.96 -6.23
CA ASP B 557 -54.31 -3.43 -5.16
C ASP B 557 -53.45 -4.05 -4.07
N PRO B 558 -53.92 -4.05 -2.80
CA PRO B 558 -53.13 -4.64 -1.69
C PRO B 558 -52.37 -5.90 -2.00
N LEU B 559 -53.01 -6.86 -2.62
CA LEU B 559 -52.30 -8.06 -3.00
C LEU B 559 -51.09 -7.79 -3.97
N HIS B 560 -51.30 -6.95 -4.94
CA HIS B 560 -50.22 -6.67 -5.82
C HIS B 560 -49.20 -5.79 -5.21
N SER B 561 -49.58 -5.08 -4.17
CA SER B 561 -48.61 -4.30 -3.45
C SER B 561 -47.71 -5.25 -2.71
N ASN B 562 -48.35 -6.17 -1.99
CA ASN B 562 -47.59 -7.17 -1.27
C ASN B 562 -46.64 -7.91 -2.16
N MET B 563 -47.06 -8.07 -3.40
CA MET B 563 -46.33 -8.94 -4.24
C MET B 563 -45.15 -8.21 -4.81
N ALA B 564 -45.33 -6.95 -5.17
CA ALA B 564 -44.24 -6.18 -5.62
C ALA B 564 -43.15 -6.17 -4.49
N TYR B 565 -43.54 -6.11 -3.23
CA TYR B 565 -42.56 -5.84 -2.23
C TYR B 565 -41.79 -7.15 -2.06
N LEU B 566 -42.51 -8.24 -2.01
CA LEU B 566 -41.97 -9.54 -1.70
C LEU B 566 -40.99 -9.94 -2.80
N TYR B 567 -41.38 -9.69 -4.03
CA TYR B 567 -40.57 -10.02 -5.16
C TYR B 567 -39.19 -9.32 -4.99
N LEU B 568 -39.22 -7.98 -4.69
CA LEU B 568 -38.02 -7.16 -4.49
C LEU B 568 -37.14 -7.64 -3.37
N GLU B 569 -37.74 -8.23 -2.33
CA GLU B 569 -36.96 -8.61 -1.21
C GLU B 569 -36.32 -9.89 -1.58
N LEU B 570 -37.03 -10.69 -2.34
CA LEU B 570 -36.51 -12.05 -2.55
C LEU B 570 -35.38 -11.95 -3.57
N LEU B 571 -35.50 -11.05 -4.50
CA LEU B 571 -34.45 -10.79 -5.38
C LEU B 571 -33.18 -10.37 -4.59
N LYS B 572 -33.34 -9.38 -3.69
CA LYS B 572 -32.21 -8.92 -2.90
C LYS B 572 -31.71 -10.07 -2.02
N ASP B 573 -32.62 -10.83 -1.48
CA ASP B 573 -32.12 -11.89 -0.69
C ASP B 573 -31.19 -12.73 -1.54
N SER B 574 -31.57 -13.03 -2.77
CA SER B 574 -30.74 -13.93 -3.51
C SER B 574 -29.50 -13.31 -4.16
N LEU B 575 -29.46 -12.03 -4.45
CA LEU B 575 -28.32 -11.41 -4.99
C LEU B 575 -27.35 -11.08 -3.86
N ASN B 576 -27.81 -11.21 -2.63
CA ASN B 576 -26.99 -10.70 -1.53
C ASN B 576 -25.52 -11.28 -1.45
N GLU B 577 -25.37 -12.59 -1.57
CA GLU B 577 -24.00 -13.13 -1.55
C GLU B 577 -23.17 -12.56 -2.70
N TYR B 578 -23.75 -12.23 -3.80
CA TYR B 578 -22.97 -11.64 -4.87
C TYR B 578 -22.73 -10.18 -4.64
N ALA B 579 -23.70 -9.39 -4.15
CA ALA B 579 -23.50 -7.92 -4.07
C ALA B 579 -22.68 -7.50 -2.82
N TYR B 580 -22.42 -8.46 -1.92
CA TYR B 580 -21.82 -8.10 -0.70
C TYR B 580 -20.43 -7.56 -1.02
N ALA B 581 -19.73 -8.32 -1.89
CA ALA B 581 -18.38 -8.02 -2.30
C ALA B 581 -18.36 -6.64 -2.99
N ALA B 582 -19.35 -6.41 -3.84
CA ALA B 582 -19.40 -5.16 -4.60
C ALA B 582 -19.52 -4.02 -3.61
N GLU B 583 -20.30 -4.24 -2.58
CA GLU B 583 -20.59 -3.16 -1.68
C GLU B 583 -19.32 -2.83 -0.87
N LEU B 584 -18.65 -3.90 -0.37
CA LEU B 584 -17.27 -3.77 0.14
C LEU B 584 -16.40 -2.90 -0.79
N ALA B 585 -16.59 -2.96 -2.09
CA ALA B 585 -15.70 -2.28 -2.94
C ALA B 585 -16.27 -0.95 -3.32
N GLY B 586 -17.23 -0.43 -2.56
CA GLY B 586 -17.69 0.95 -2.86
C GLY B 586 -18.61 1.05 -4.05
N LEU B 587 -19.24 -0.08 -4.40
CA LEU B 587 -20.26 -0.18 -5.45
C LEU B 587 -21.59 -0.61 -4.86
N SER B 588 -22.58 0.29 -4.82
CA SER B 588 -23.87 0.01 -4.17
C SER B 588 -25.06 0.00 -5.07
N TYR B 589 -26.08 -0.75 -4.60
CA TYR B 589 -27.42 -0.57 -5.14
C TYR B 589 -28.53 -0.61 -4.11
N ASP B 590 -29.58 0.06 -4.53
CA ASP B 590 -30.84 0.20 -3.84
C ASP B 590 -32.04 -0.20 -4.79
N LEU B 591 -32.90 -1.09 -4.34
CA LEU B 591 -34.03 -1.57 -5.15
C LEU B 591 -35.32 -1.59 -4.31
N GLN B 592 -36.29 -0.70 -4.54
CA GLN B 592 -37.55 -0.77 -3.75
C GLN B 592 -38.79 -0.66 -4.58
N ASN B 593 -39.86 -1.32 -4.15
CA ASN B 593 -41.19 -1.03 -4.77
C ASN B 593 -41.66 0.35 -4.41
N THR B 594 -42.20 1.04 -5.40
CA THR B 594 -42.83 2.33 -5.20
C THR B 594 -44.35 2.27 -5.45
N ILE B 595 -45.04 3.36 -5.14
CA ILE B 595 -46.49 3.32 -5.46
C ILE B 595 -46.69 3.31 -7.00
N TYR B 596 -45.65 3.63 -7.80
CA TYR B 596 -45.73 3.48 -9.26
C TYR B 596 -45.03 2.32 -9.88
N GLY B 597 -44.52 1.40 -9.05
CA GLY B 597 -43.68 0.32 -9.57
C GLY B 597 -42.41 -0.01 -8.79
N MET B 598 -41.24 0.34 -9.36
CA MET B 598 -39.99 0.07 -8.68
C MET B 598 -38.91 1.00 -9.01
N TYR B 599 -38.11 1.22 -7.98
CA TYR B 599 -36.94 2.08 -8.06
C TYR B 599 -35.65 1.29 -7.91
N LEU B 600 -34.68 1.63 -8.73
CA LEU B 600 -33.36 1.05 -8.69
C LEU B 600 -32.32 2.14 -8.77
N SER B 601 -31.36 2.12 -7.86
CA SER B 601 -30.16 2.97 -8.12
C SER B 601 -28.91 2.22 -7.83
N VAL B 602 -27.94 2.43 -8.69
CA VAL B 602 -26.57 1.97 -8.52
C VAL B 602 -25.67 3.17 -8.29
N LYS B 603 -25.04 3.17 -7.14
CA LYS B 603 -24.19 4.30 -6.71
C LYS B 603 -22.70 3.80 -6.49
N GLY B 604 -21.70 4.60 -6.89
CA GLY B 604 -20.31 4.34 -6.41
C GLY B 604 -19.29 4.54 -7.50
N TYR B 605 -18.17 3.82 -7.43
CA TYR B 605 -17.16 3.89 -8.48
C TYR B 605 -17.65 3.38 -9.83
N ASN B 606 -17.38 4.12 -10.89
CA ASN B 606 -18.09 3.81 -12.09
C ASN B 606 -17.58 2.55 -12.75
N ASP B 607 -16.29 2.27 -12.60
CA ASP B 607 -15.62 1.16 -13.23
C ASP B 607 -16.36 -0.20 -13.34
N LYS B 608 -16.88 -0.80 -12.28
CA LYS B 608 -17.57 -2.11 -12.44
C LYS B 608 -19.12 -1.98 -12.39
N GLN B 609 -19.59 -0.76 -12.45
CA GLN B 609 -21.03 -0.44 -12.47
C GLN B 609 -21.83 -1.23 -13.53
N PRO B 610 -21.38 -1.21 -14.79
CA PRO B 610 -22.10 -2.06 -15.73
C PRO B 610 -22.24 -3.52 -15.29
N ILE B 611 -21.19 -4.17 -14.81
CA ILE B 611 -21.29 -5.61 -14.52
C ILE B 611 -22.47 -5.80 -13.53
N LEU B 612 -22.46 -5.00 -12.49
CA LEU B 612 -23.39 -5.25 -11.40
C LEU B 612 -24.86 -4.93 -11.82
N LEU B 613 -25.04 -3.83 -12.54
CA LEU B 613 -26.32 -3.44 -13.08
C LEU B 613 -26.83 -4.56 -13.92
N LYS B 614 -25.99 -5.06 -14.87
CA LYS B 614 -26.45 -5.99 -15.90
C LYS B 614 -26.93 -7.14 -15.15
N LYS B 615 -26.19 -7.45 -14.08
CA LYS B 615 -26.47 -8.60 -13.30
C LYS B 615 -27.85 -8.46 -12.59
N ILE B 616 -28.14 -7.26 -12.08
CA ILE B 616 -29.40 -7.04 -11.35
C ILE B 616 -30.64 -7.21 -12.31
N ILE B 617 -30.65 -6.47 -13.44
CA ILE B 617 -31.67 -6.59 -14.46
C ILE B 617 -31.74 -8.01 -14.91
N GLU B 618 -30.64 -8.69 -15.07
CA GLU B 618 -30.76 -10.05 -15.57
C GLU B 618 -31.47 -10.91 -14.59
N LYS B 619 -31.05 -10.77 -13.33
CA LYS B 619 -31.61 -11.53 -12.24
C LYS B 619 -33.12 -11.19 -12.09
N MET B 620 -33.47 -9.93 -12.30
CA MET B 620 -34.88 -9.51 -12.20
C MET B 620 -35.74 -10.26 -13.17
N ALA B 621 -35.24 -10.31 -14.41
CA ALA B 621 -36.01 -10.80 -15.50
C ALA B 621 -36.06 -12.33 -15.60
N THR B 622 -35.45 -13.13 -14.73
CA THR B 622 -35.29 -14.60 -14.95
C THR B 622 -35.32 -15.20 -13.59
N PHE B 623 -35.78 -14.41 -12.63
CA PHE B 623 -35.68 -14.75 -11.19
C PHE B 623 -36.35 -16.11 -10.85
N GLU B 624 -35.69 -17.09 -10.26
CA GLU B 624 -36.54 -18.25 -9.87
C GLU B 624 -36.64 -18.42 -8.34
N ILE B 625 -37.83 -18.32 -7.76
CA ILE B 625 -37.98 -18.19 -6.30
C ILE B 625 -37.60 -19.40 -5.42
N ASP B 626 -36.94 -19.27 -4.29
CA ASP B 626 -36.80 -20.46 -3.51
C ASP B 626 -37.96 -20.59 -2.49
N GLU B 627 -38.61 -21.76 -2.43
CA GLU B 627 -39.81 -21.86 -1.59
C GLU B 627 -39.58 -21.50 -0.10
N LYS B 628 -38.45 -21.88 0.50
CA LYS B 628 -38.21 -21.60 1.93
C LYS B 628 -37.97 -20.12 2.14
N ARG B 629 -37.08 -19.61 1.30
CA ARG B 629 -36.80 -18.21 1.21
C ARG B 629 -38.12 -17.40 1.27
N PHE B 630 -39.04 -17.76 0.37
CA PHE B 630 -40.36 -17.15 0.25
C PHE B 630 -41.14 -17.20 1.56
N GLU B 631 -41.29 -18.38 2.16
CA GLU B 631 -42.03 -18.47 3.39
C GLU B 631 -41.45 -17.55 4.52
N ILE B 632 -40.12 -17.45 4.53
CA ILE B 632 -39.43 -16.84 5.63
C ILE B 632 -39.63 -15.32 5.63
N ILE B 633 -39.46 -14.83 4.42
CA ILE B 633 -39.55 -13.45 4.15
C ILE B 633 -40.98 -13.04 4.36
N LYS B 634 -41.96 -13.88 3.99
CA LYS B 634 -43.34 -13.51 4.07
C LYS B 634 -43.66 -13.37 5.52
N GLU B 635 -43.16 -14.30 6.31
CA GLU B 635 -43.50 -14.26 7.71
C GLU B 635 -42.85 -13.02 8.37
N ALA B 636 -41.68 -12.59 7.89
CA ALA B 636 -40.98 -11.44 8.42
C ALA B 636 -41.72 -10.12 7.99
N TYR B 637 -42.23 -10.07 6.76
CA TYR B 637 -43.11 -8.99 6.31
C TYR B 637 -44.45 -8.77 7.13
N MET B 638 -45.01 -9.90 7.60
CA MET B 638 -46.24 -9.97 8.31
C MET B 638 -45.93 -9.27 9.64
N ARG B 639 -44.88 -9.71 10.35
CA ARG B 639 -44.46 -9.06 11.62
C ARG B 639 -44.18 -7.54 11.47
N SER B 640 -43.55 -7.20 10.38
CA SER B 640 -43.22 -5.87 10.09
C SER B 640 -44.43 -4.96 10.00
N LEU B 641 -45.43 -5.37 9.16
CA LEU B 641 -46.75 -4.73 9.13
C LEU B 641 -47.43 -4.69 10.52
N ASN B 642 -47.56 -5.75 11.29
CA ASN B 642 -48.05 -5.54 12.66
C ASN B 642 -47.18 -4.64 13.55
N ASN B 643 -45.85 -4.60 13.34
CA ASN B 643 -45.03 -3.85 14.23
C ASN B 643 -45.32 -2.39 14.08
N PHE B 644 -46.04 -2.00 13.04
CA PHE B 644 -46.34 -0.62 12.96
C PHE B 644 -47.17 -0.09 14.20
N ARG B 645 -47.85 -0.99 14.96
CA ARG B 645 -48.65 -0.51 16.10
C ARG B 645 -47.73 0.04 17.15
N ALA B 646 -46.47 -0.41 17.14
CA ALA B 646 -45.49 0.09 18.08
C ALA B 646 -44.70 1.25 17.60
N GLU B 647 -44.84 1.73 16.38
CA GLU B 647 -44.27 3.04 16.03
C GLU B 647 -44.70 4.18 16.98
N GLN B 648 -44.13 5.34 16.82
CA GLN B 648 -44.34 6.43 17.74
C GLN B 648 -45.60 7.28 17.37
N PRO B 649 -46.31 7.86 18.34
CA PRO B 649 -47.54 8.58 17.99
C PRO B 649 -47.45 9.56 16.87
N HIS B 650 -46.34 10.29 16.77
CA HIS B 650 -46.24 11.36 15.74
C HIS B 650 -45.99 10.66 14.41
N GLN B 651 -45.32 9.52 14.47
CA GLN B 651 -45.17 8.77 13.24
C GLN B 651 -46.56 8.24 12.72
N HIS B 652 -47.38 7.68 13.61
CA HIS B 652 -48.74 7.43 13.27
C HIS B 652 -49.43 8.69 12.76
N ALA B 653 -49.36 9.82 13.42
CA ALA B 653 -50.02 10.97 12.82
C ALA B 653 -49.64 11.18 11.35
N MET B 654 -48.35 11.13 11.00
CA MET B 654 -47.93 11.46 9.64
C MET B 654 -48.53 10.45 8.64
N TYR B 655 -48.60 9.21 9.12
CA TYR B 655 -49.00 8.11 8.28
C TYR B 655 -50.51 8.24 7.87
N TYR B 656 -51.35 8.48 8.87
CA TYR B 656 -52.76 8.77 8.62
C TYR B 656 -52.95 9.93 7.67
N LEU B 657 -52.26 11.04 7.91
CA LEU B 657 -52.39 12.16 7.03
C LEU B 657 -52.09 11.76 5.55
N ARG B 658 -51.09 10.92 5.31
CA ARG B 658 -50.75 10.58 3.94
C ARG B 658 -51.94 9.75 3.36
N LEU B 659 -52.50 8.85 4.19
CA LEU B 659 -53.56 8.03 3.79
C LEU B 659 -54.75 8.90 3.51
N LEU B 660 -54.94 9.95 4.29
CA LEU B 660 -56.07 10.80 4.09
C LEU B 660 -55.86 11.70 2.91
N MET B 661 -54.65 12.12 2.57
CA MET B 661 -54.63 13.16 1.55
C MET B 661 -54.34 12.69 0.17
N THR B 662 -54.20 11.39 -0.04
CA THR B 662 -53.71 10.88 -1.33
C THR B 662 -54.79 10.10 -2.01
N GLU B 663 -54.90 10.29 -3.30
CA GLU B 663 -55.96 9.66 -4.00
C GLU B 663 -56.01 8.17 -3.78
N VAL B 664 -54.88 7.50 -3.85
CA VAL B 664 -54.91 6.05 -3.69
C VAL B 664 -53.85 5.68 -2.73
N ALA B 665 -54.13 4.77 -1.81
CA ALA B 665 -53.19 4.50 -0.73
C ALA B 665 -53.68 3.29 0.01
N TRP B 666 -52.89 2.24 0.12
CA TRP B 666 -53.37 1.08 0.84
C TRP B 666 -52.94 1.13 2.28
N THR B 667 -53.80 0.88 3.23
CA THR B 667 -53.38 0.89 4.60
C THR B 667 -52.62 -0.37 5.02
N LYS B 668 -51.82 -0.25 6.07
CA LYS B 668 -51.20 -1.41 6.71
C LYS B 668 -52.23 -2.53 6.99
N ASP B 669 -53.43 -2.26 7.49
CA ASP B 669 -54.38 -3.37 7.70
C ASP B 669 -54.83 -4.10 6.44
N GLU B 670 -55.06 -3.30 5.39
CA GLU B 670 -55.41 -3.75 4.08
C GLU B 670 -54.33 -4.70 3.57
N LEU B 671 -53.09 -4.22 3.49
CA LEU B 671 -51.93 -5.06 3.11
C LEU B 671 -51.81 -6.25 4.01
N LYS B 672 -51.97 -6.07 5.29
CA LYS B 672 -51.88 -7.25 6.18
C LYS B 672 -52.88 -8.35 5.96
N GLU B 673 -54.12 -7.99 5.64
CA GLU B 673 -55.14 -9.00 5.27
C GLU B 673 -54.82 -9.74 3.96
N ALA B 674 -54.49 -9.01 2.88
CA ALA B 674 -54.09 -9.59 1.58
C ALA B 674 -52.84 -10.48 1.61
N LEU B 675 -51.99 -10.32 2.61
CA LEU B 675 -50.78 -11.06 2.60
C LEU B 675 -51.10 -12.54 2.77
N ASP B 676 -52.13 -12.82 3.56
CA ASP B 676 -52.56 -14.20 3.74
C ASP B 676 -52.89 -15.01 2.50
N ASP B 677 -53.31 -14.34 1.45
CA ASP B 677 -53.56 -14.96 0.20
C ASP B 677 -52.41 -15.00 -0.80
N VAL B 678 -51.33 -14.26 -0.58
CA VAL B 678 -50.14 -14.35 -1.48
C VAL B 678 -49.49 -15.73 -1.36
N THR B 679 -49.52 -16.51 -2.44
CA THR B 679 -48.98 -17.89 -2.45
C THR B 679 -47.81 -18.03 -3.42
N LEU B 680 -46.97 -19.05 -3.24
CA LEU B 680 -45.86 -19.19 -4.21
C LEU B 680 -46.33 -19.06 -5.66
N PRO B 681 -47.35 -19.88 -6.04
CA PRO B 681 -47.87 -19.72 -7.40
C PRO B 681 -48.41 -18.34 -7.69
N ARG B 682 -49.28 -17.75 -6.83
CA ARG B 682 -49.78 -16.41 -7.27
C ARG B 682 -48.58 -15.42 -7.57
N LEU B 683 -47.43 -15.63 -6.91
CA LEU B 683 -46.22 -14.76 -7.10
C LEU B 683 -45.42 -15.03 -8.36
N LYS B 684 -45.11 -16.31 -8.65
CA LYS B 684 -44.49 -16.69 -9.94
C LYS B 684 -45.30 -16.18 -11.08
N ALA B 685 -46.60 -16.41 -11.00
CA ALA B 685 -47.51 -15.72 -11.93
C ALA B 685 -47.36 -14.20 -11.98
N PHE B 686 -47.32 -13.54 -10.82
CA PHE B 686 -47.13 -12.07 -10.78
C PHE B 686 -45.92 -11.46 -11.50
N ILE B 687 -44.73 -12.04 -11.36
CA ILE B 687 -43.54 -11.41 -11.93
C ILE B 687 -43.59 -11.13 -13.46
N PRO B 688 -43.86 -12.17 -14.28
CA PRO B 688 -43.90 -11.82 -15.73
C PRO B 688 -45.01 -10.77 -16.03
N GLN B 689 -46.18 -10.92 -15.36
CA GLN B 689 -47.22 -9.88 -15.48
C GLN B 689 -46.58 -8.53 -15.18
N LEU B 690 -45.93 -8.41 -14.02
CA LEU B 690 -45.28 -7.17 -13.66
C LEU B 690 -44.29 -6.69 -14.71
N LEU B 691 -43.58 -7.58 -15.36
CA LEU B 691 -42.49 -7.15 -16.21
C LEU B 691 -42.79 -6.81 -17.66
N SER B 692 -43.88 -7.43 -18.16
CA SER B 692 -44.30 -7.41 -19.60
C SER B 692 -44.57 -6.05 -20.16
N ARG B 693 -45.04 -5.14 -19.36
CA ARG B 693 -45.03 -3.75 -19.78
C ARG B 693 -44.53 -2.78 -18.74
N LEU B 694 -43.66 -1.87 -19.20
CA LEU B 694 -42.93 -0.90 -18.40
C LEU B 694 -42.69 0.43 -19.14
N HIS B 695 -42.58 1.51 -18.41
CA HIS B 695 -41.86 2.66 -18.96
C HIS B 695 -40.68 2.83 -18.00
N ILE B 696 -39.61 3.42 -18.49
CA ILE B 696 -38.46 3.56 -17.68
C ILE B 696 -38.05 4.99 -17.78
N GLU B 697 -38.00 5.70 -16.64
CA GLU B 697 -37.32 7.00 -16.59
C GLU B 697 -35.99 6.87 -15.81
N ALA B 698 -34.91 7.53 -16.29
CA ALA B 698 -33.57 7.35 -15.75
C ALA B 698 -32.85 8.67 -15.70
N LEU B 699 -32.06 8.83 -14.63
CA LEU B 699 -31.04 9.88 -14.52
C LEU B 699 -29.70 9.17 -14.43
N LEU B 700 -28.80 9.48 -15.33
CA LEU B 700 -27.46 8.93 -15.17
C LEU B 700 -26.58 10.10 -15.05
N HIS B 701 -25.88 10.18 -13.92
CA HIS B 701 -25.18 11.42 -13.55
C HIS B 701 -23.88 10.98 -12.98
N GLY B 702 -22.80 11.55 -13.46
CA GLY B 702 -21.49 11.18 -12.98
C GLY B 702 -20.39 11.36 -14.01
N ASN B 703 -19.35 10.54 -13.85
CA ASN B 703 -18.21 10.50 -14.69
C ASN B 703 -18.56 9.52 -15.78
N ILE B 704 -19.31 9.94 -16.81
CA ILE B 704 -19.83 9.06 -17.90
C ILE B 704 -20.14 9.93 -19.09
N THR B 705 -20.05 9.32 -20.23
CA THR B 705 -20.14 10.11 -21.43
C THR B 705 -21.56 9.87 -21.97
N LYS B 706 -22.08 10.82 -22.74
CA LYS B 706 -23.41 10.66 -23.37
C LYS B 706 -23.61 9.27 -24.05
N GLN B 707 -22.58 8.86 -24.75
CA GLN B 707 -22.69 7.68 -25.48
C GLN B 707 -22.53 6.46 -24.54
N ALA B 708 -21.78 6.55 -23.43
CA ALA B 708 -21.78 5.40 -22.53
C ALA B 708 -23.17 5.33 -21.92
N ALA B 709 -23.78 6.50 -21.78
CA ALA B 709 -25.08 6.54 -21.10
C ALA B 709 -26.10 5.80 -21.90
N LEU B 710 -26.16 6.16 -23.20
CA LEU B 710 -27.02 5.48 -24.18
C LEU B 710 -26.72 4.01 -24.15
N GLY B 711 -25.46 3.63 -24.05
CA GLY B 711 -25.18 2.21 -23.94
C GLY B 711 -25.75 1.49 -22.72
N ILE B 712 -25.77 2.18 -21.57
CA ILE B 712 -26.29 1.63 -20.35
C ILE B 712 -27.79 1.37 -20.52
N MET B 713 -28.47 2.40 -21.02
CA MET B 713 -29.88 2.34 -21.15
C MET B 713 -30.23 1.23 -22.15
N GLN B 714 -29.53 1.16 -23.29
CA GLN B 714 -29.76 0.11 -24.22
C GLN B 714 -29.63 -1.27 -23.57
N MET B 715 -28.55 -1.45 -22.80
CA MET B 715 -28.32 -2.73 -22.13
C MET B 715 -29.51 -3.06 -21.21
N VAL B 716 -29.94 -2.05 -20.41
CA VAL B 716 -31.14 -2.19 -19.58
C VAL B 716 -32.38 -2.64 -20.37
N GLU B 717 -32.78 -1.84 -21.39
CA GLU B 717 -33.88 -2.22 -22.33
C GLU B 717 -33.66 -3.65 -22.89
N ASP B 718 -32.51 -3.89 -23.53
CA ASP B 718 -32.29 -5.14 -24.23
C ASP B 718 -32.44 -6.28 -23.33
N THR B 719 -31.91 -6.20 -22.13
CA THR B 719 -32.06 -7.34 -21.19
C THR B 719 -33.50 -7.59 -20.77
N LEU B 720 -34.28 -6.53 -20.52
CA LEU B 720 -35.65 -6.78 -20.15
C LEU B 720 -36.39 -7.40 -21.35
N ILE B 721 -36.17 -6.78 -22.51
CA ILE B 721 -36.84 -7.19 -23.74
C ILE B 721 -36.62 -8.66 -24.03
N GLU B 722 -35.35 -8.97 -24.24
CA GLU B 722 -34.73 -10.28 -24.11
C GLU B 722 -35.13 -11.34 -23.12
N HIS B 723 -35.58 -11.04 -21.89
CA HIS B 723 -35.86 -12.15 -20.99
C HIS B 723 -37.26 -12.05 -20.47
N ALA B 724 -37.86 -10.89 -20.65
CA ALA B 724 -39.14 -10.62 -20.04
C ALA B 724 -40.11 -10.20 -21.13
N HIS B 725 -39.59 -9.98 -22.32
CA HIS B 725 -40.44 -9.64 -23.44
C HIS B 725 -41.16 -8.33 -23.13
N THR B 726 -40.50 -7.47 -22.39
CA THR B 726 -41.07 -6.20 -22.07
C THR B 726 -41.44 -5.40 -23.34
N LYS B 727 -42.64 -4.82 -23.39
CA LYS B 727 -43.08 -3.90 -24.49
C LYS B 727 -43.60 -2.59 -23.85
N PRO B 728 -43.56 -1.45 -24.58
CA PRO B 728 -43.85 -0.15 -23.94
C PRO B 728 -45.30 0.04 -23.42
N LEU B 729 -45.47 0.89 -22.41
CA LEU B 729 -46.73 1.23 -21.82
C LEU B 729 -47.46 2.25 -22.66
N LEU B 730 -48.74 2.39 -22.50
CA LEU B 730 -49.43 3.46 -23.25
C LEU B 730 -49.27 4.81 -22.52
N PRO B 731 -48.99 5.92 -23.24
CA PRO B 731 -48.85 7.22 -22.53
C PRO B 731 -49.86 7.41 -21.41
N SER B 732 -51.12 7.21 -21.75
CA SER B 732 -52.29 7.36 -20.84
C SER B 732 -52.33 6.37 -19.67
N GLN B 733 -51.52 5.32 -19.67
CA GLN B 733 -51.43 4.47 -18.48
C GLN B 733 -50.43 5.03 -17.51
N LEU B 734 -49.71 6.11 -17.79
CA LEU B 734 -48.74 6.65 -16.80
C LEU B 734 -49.34 7.68 -15.83
N VAL B 735 -50.48 7.33 -15.21
CA VAL B 735 -51.26 8.22 -14.28
C VAL B 735 -50.42 8.37 -12.97
N ARG B 736 -50.17 9.62 -12.57
CA ARG B 736 -49.68 9.98 -11.24
C ARG B 736 -50.85 10.26 -10.25
N TYR B 737 -50.66 10.23 -8.94
CA TYR B 737 -51.82 10.42 -8.04
C TYR B 737 -52.13 11.84 -7.62
N ARG B 738 -53.38 12.07 -7.19
CA ARG B 738 -53.78 13.43 -6.81
C ARG B 738 -53.96 13.71 -5.27
N GLU B 739 -53.85 14.96 -4.87
CA GLU B 739 -54.21 15.27 -3.53
C GLU B 739 -55.70 15.64 -3.48
N VAL B 740 -56.32 15.16 -2.42
CA VAL B 740 -57.66 15.56 -1.96
C VAL B 740 -57.73 17.05 -1.86
N GLN B 741 -58.81 17.67 -2.29
CA GLN B 741 -58.86 19.13 -2.30
C GLN B 741 -59.78 19.65 -1.18
N LEU B 742 -59.25 20.21 -0.11
CA LEU B 742 -60.06 20.60 0.98
C LEU B 742 -60.95 21.78 0.65
N PRO B 743 -62.22 21.82 1.18
CA PRO B 743 -63.08 22.99 1.00
C PRO B 743 -62.65 24.22 1.81
N ASP B 744 -62.86 25.40 1.25
CA ASP B 744 -62.69 26.64 2.02
C ASP B 744 -63.35 26.64 3.38
N ARG B 745 -62.58 26.96 4.42
CA ARG B 745 -63.06 27.02 5.79
C ARG B 745 -63.41 25.67 6.34
N GLY B 746 -63.04 24.58 5.67
CA GLY B 746 -63.36 23.31 6.28
C GLY B 746 -62.41 23.05 7.42
N TRP B 747 -62.76 22.16 8.32
CA TRP B 747 -61.79 21.71 9.30
C TRP B 747 -62.17 20.31 9.68
N PHE B 748 -61.36 19.33 9.32
CA PHE B 748 -61.65 17.97 9.70
C PHE B 748 -60.57 17.38 10.64
N VAL B 749 -61.01 16.48 11.48
CA VAL B 749 -60.18 15.79 12.45
C VAL B 749 -60.38 14.28 12.22
N TYR B 750 -59.26 13.57 12.10
CA TYR B 750 -59.26 12.12 12.16
C TYR B 750 -58.56 11.75 13.45
N GLN B 751 -59.10 10.79 14.16
CA GLN B 751 -58.60 10.50 15.48
C GLN B 751 -58.30 9.00 15.70
N GLN B 752 -57.12 8.70 16.22
CA GLN B 752 -56.84 7.33 16.49
C GLN B 752 -56.14 7.18 17.82
N ARG B 753 -55.93 5.95 18.24
CA ARG B 753 -55.22 5.75 19.48
C ARG B 753 -53.97 4.93 19.21
N ASN B 754 -52.80 5.42 19.66
CA ASN B 754 -51.60 4.61 19.70
C ASN B 754 -51.77 3.62 20.86
N GLU B 755 -51.58 2.34 20.63
CA GLU B 755 -51.82 1.40 21.72
C GLU B 755 -50.62 1.06 22.61
N VAL B 756 -49.48 1.69 22.44
CA VAL B 756 -48.23 1.22 23.02
C VAL B 756 -47.60 2.36 23.75
N HIS B 757 -47.48 3.49 23.11
CA HIS B 757 -46.89 4.62 23.75
C HIS B 757 -47.89 5.38 24.61
N ASN B 758 -47.56 5.74 25.84
CA ASN B 758 -48.37 6.67 26.52
C ASN B 758 -48.08 8.15 26.17
N ASN B 759 -47.91 8.51 24.91
CA ASN B 759 -47.92 9.92 24.60
C ASN B 759 -48.92 10.23 23.50
N SER B 760 -49.24 11.48 23.31
CA SER B 760 -50.02 11.83 22.15
C SER B 760 -49.17 12.36 21.07
N GLY B 761 -49.67 12.29 19.84
CA GLY B 761 -49.08 12.99 18.70
C GLY B 761 -50.19 13.68 17.93
N ILE B 762 -49.82 14.59 17.05
CA ILE B 762 -50.72 15.35 16.26
C ILE B 762 -50.01 15.91 15.06
N GLU B 763 -50.65 15.89 13.91
CA GLU B 763 -50.21 16.66 12.73
C GLU B 763 -51.33 17.60 12.37
N ILE B 764 -50.99 18.86 12.07
CA ILE B 764 -51.97 19.86 11.66
C ILE B 764 -51.54 20.34 10.30
N TYR B 765 -52.43 20.36 9.33
CA TYR B 765 -52.01 20.73 7.97
C TYR B 765 -52.97 21.76 7.44
N TYR B 766 -52.36 22.86 6.99
CA TYR B 766 -53.02 23.99 6.41
C TYR B 766 -52.69 23.96 4.94
N GLN B 767 -53.64 23.41 4.16
CA GLN B 767 -53.42 23.22 2.75
C GLN B 767 -53.48 24.58 2.09
N THR B 768 -52.47 24.96 1.34
CA THR B 768 -52.59 26.22 0.62
C THR B 768 -53.05 25.99 -0.82
N ASP B 769 -52.14 25.64 -1.74
CA ASP B 769 -52.50 25.52 -3.18
C ASP B 769 -51.53 24.70 -3.97
N MET B 770 -51.79 24.54 -5.25
CA MET B 770 -50.93 23.79 -6.14
C MET B 770 -49.57 24.46 -6.13
N GLN B 771 -48.50 23.71 -6.39
CA GLN B 771 -47.17 24.31 -6.29
C GLN B 771 -47.04 25.17 -7.52
N SER B 772 -46.46 26.36 -7.35
CA SER B 772 -46.14 27.32 -8.44
C SER B 772 -45.05 28.19 -7.82
N THR B 773 -44.30 28.94 -8.62
CA THR B 773 -43.21 29.76 -8.09
C THR B 773 -43.59 30.71 -6.95
N SER B 774 -44.75 31.37 -7.09
CA SER B 774 -45.23 32.29 -6.06
C SER B 774 -45.77 31.53 -4.84
N GLU B 775 -46.58 30.50 -5.09
CA GLU B 775 -47.20 29.82 -4.00
C GLU B 775 -46.06 29.18 -3.18
N ASN B 776 -45.10 28.57 -3.86
CA ASN B 776 -43.94 28.09 -3.15
C ASN B 776 -43.24 29.10 -2.28
N MET B 777 -43.08 30.35 -2.72
CA MET B 777 -42.18 31.24 -1.93
C MET B 777 -42.90 31.95 -0.76
N PHE B 778 -44.16 32.33 -0.95
CA PHE B 778 -45.00 32.71 0.17
C PHE B 778 -44.82 31.68 1.30
N LEU B 779 -45.01 30.42 0.94
CA LEU B 779 -45.05 29.39 1.89
C LEU B 779 -43.71 29.24 2.61
N GLU B 780 -42.66 29.06 1.83
CA GLU B 780 -41.31 28.82 2.30
C GLU B 780 -40.87 29.97 3.08
N LEU B 781 -41.22 31.18 2.67
CA LEU B 781 -40.90 32.38 3.45
C LEU B 781 -41.66 32.54 4.81
N PHE B 782 -43.00 32.45 4.78
CA PHE B 782 -43.68 32.26 6.01
C PHE B 782 -42.94 31.23 6.86
N ALA B 783 -42.74 30.02 6.33
CA ALA B 783 -42.14 28.96 7.17
C ALA B 783 -40.81 29.38 7.81
N GLN B 784 -40.05 30.20 7.10
CA GLN B 784 -38.71 30.60 7.54
C GLN B 784 -38.93 31.52 8.72
N ILE B 785 -39.85 32.48 8.57
CA ILE B 785 -40.09 33.39 9.63
C ILE B 785 -40.47 32.73 10.98
N ILE B 786 -41.41 31.80 10.92
CA ILE B 786 -42.06 31.29 12.13
C ILE B 786 -41.25 30.12 12.61
N SER B 787 -40.30 29.71 11.79
CA SER B 787 -39.51 28.53 12.19
C SER B 787 -38.97 28.45 13.62
N GLU B 788 -38.03 29.35 13.93
CA GLU B 788 -37.44 29.21 15.27
C GLU B 788 -38.47 29.67 16.37
N PRO B 789 -39.20 30.79 16.11
CA PRO B 789 -40.25 31.16 17.12
C PRO B 789 -41.14 29.95 17.52
N ALA B 790 -41.43 29.10 16.51
CA ALA B 790 -42.34 27.98 16.66
C ALA B 790 -41.77 27.06 17.67
N PHE B 791 -40.52 26.71 17.48
CA PHE B 791 -39.78 25.84 18.37
C PHE B 791 -39.64 26.55 19.74
N ASN B 792 -39.24 27.81 19.70
CA ASN B 792 -39.05 28.49 20.94
C ASN B 792 -40.24 28.54 21.83
N THR B 793 -41.37 29.03 21.27
CA THR B 793 -42.65 29.03 21.98
C THR B 793 -43.10 27.64 22.45
N LEU B 794 -43.27 26.72 21.51
CA LEU B 794 -44.07 25.52 21.77
C LEU B 794 -43.27 24.50 22.52
N ARG B 795 -41.96 24.50 22.23
CA ARG B 795 -41.05 23.65 22.99
C ARG B 795 -40.38 24.35 24.18
N THR B 796 -39.54 25.35 23.94
CA THR B 796 -38.76 25.99 25.00
C THR B 796 -39.60 26.73 26.04
N LYS B 797 -40.51 27.63 25.65
CA LYS B 797 -41.43 28.26 26.60
C LYS B 797 -42.41 27.28 27.12
N GLU B 798 -43.29 26.76 26.25
CA GLU B 798 -44.44 25.97 26.73
C GLU B 798 -44.17 24.52 27.05
N GLN B 799 -42.98 24.02 26.71
CA GLN B 799 -42.61 22.61 26.91
C GLN B 799 -43.76 21.63 26.55
N LEU B 800 -44.29 21.69 25.32
CA LEU B 800 -45.36 20.73 24.99
C LEU B 800 -44.84 19.27 24.84
N GLY B 801 -43.61 19.12 24.34
CA GLY B 801 -42.98 17.79 24.21
C GLY B 801 -41.64 17.97 23.56
N TYR B 802 -40.81 16.98 23.73
CA TYR B 802 -39.49 16.95 23.14
C TYR B 802 -39.49 17.15 21.59
N ILE B 803 -40.60 16.85 20.92
CA ILE B 803 -40.70 17.03 19.49
C ILE B 803 -41.70 18.08 19.11
N VAL B 804 -41.31 18.99 18.26
CA VAL B 804 -42.18 20.08 17.87
C VAL B 804 -41.62 20.54 16.57
N PHE B 805 -42.38 20.60 15.49
CA PHE B 805 -41.84 20.78 14.18
C PHE B 805 -42.84 21.61 13.37
N SER B 806 -42.39 22.48 12.52
CA SER B 806 -43.27 23.20 11.65
C SER B 806 -42.56 23.29 10.28
N GLY B 807 -43.11 23.88 9.24
CA GLY B 807 -42.41 23.90 7.94
C GLY B 807 -43.28 23.38 6.82
N PRO B 808 -42.93 23.62 5.52
CA PRO B 808 -43.74 23.18 4.33
C PRO B 808 -44.13 21.68 4.35
N ARG B 809 -45.28 21.32 3.79
CA ARG B 809 -45.60 19.94 3.48
C ARG B 809 -45.75 19.95 1.97
N ARG B 810 -45.01 19.09 1.24
CA ARG B 810 -45.23 18.97 -0.25
C ARG B 810 -45.55 17.58 -0.64
N ALA B 811 -46.69 17.38 -1.27
CA ALA B 811 -47.11 16.04 -1.75
C ALA B 811 -47.92 16.26 -3.05
N ASN B 812 -47.57 15.48 -4.09
CA ASN B 812 -48.43 15.27 -5.24
C ASN B 812 -48.67 16.54 -5.97
N GLY B 813 -47.94 17.62 -5.70
CA GLY B 813 -47.98 18.79 -6.57
C GLY B 813 -48.66 19.87 -5.82
N ILE B 814 -49.30 19.47 -4.72
CA ILE B 814 -49.85 20.44 -3.78
C ILE B 814 -48.88 20.68 -2.62
N GLN B 815 -49.26 21.66 -1.77
CA GLN B 815 -48.47 22.02 -0.61
C GLN B 815 -49.23 22.74 0.47
N GLY B 816 -48.56 23.01 1.58
CA GLY B 816 -49.12 23.87 2.62
C GLY B 816 -48.36 23.75 3.93
N LEU B 817 -48.96 24.13 5.04
CA LEU B 817 -48.11 24.35 6.18
C LEU B 817 -48.49 23.37 7.22
N ARG B 818 -47.48 22.77 7.86
CA ARG B 818 -47.81 21.78 8.86
C ARG B 818 -47.06 21.86 10.20
N PHE B 819 -47.64 21.30 11.24
CA PHE B 819 -46.97 21.26 12.50
C PHE B 819 -47.14 19.86 13.00
N ILE B 820 -46.09 19.37 13.66
CA ILE B 820 -46.10 18.06 14.29
C ILE B 820 -45.61 18.22 15.71
N ILE B 821 -46.33 17.68 16.71
CA ILE B 821 -45.89 17.78 18.04
C ILE B 821 -46.12 16.40 18.56
N GLN B 822 -45.28 15.94 19.47
CA GLN B 822 -45.59 14.79 20.28
C GLN B 822 -45.54 15.18 21.76
N SER B 823 -46.53 14.79 22.53
CA SER B 823 -46.77 15.43 23.79
C SER B 823 -47.42 14.57 24.89
N GLU B 824 -47.53 15.08 26.10
CA GLU B 824 -48.26 14.35 27.09
C GLU B 824 -49.58 15.08 27.24
N LYS B 825 -49.66 16.36 26.91
CA LYS B 825 -50.95 17.00 26.81
C LYS B 825 -51.86 16.31 25.69
N PRO B 826 -53.21 16.23 25.92
CA PRO B 826 -54.22 15.90 24.88
C PRO B 826 -54.10 16.76 23.61
N PRO B 827 -54.41 16.21 22.42
CA PRO B 827 -54.39 16.99 21.18
C PRO B 827 -55.39 18.10 21.02
N HIS B 828 -56.57 18.08 21.66
CA HIS B 828 -57.41 19.28 21.51
C HIS B 828 -56.62 20.45 22.17
N TYR B 829 -55.84 20.11 23.20
CA TYR B 829 -55.07 21.16 23.86
C TYR B 829 -53.99 21.69 22.95
N LEU B 830 -53.22 20.75 22.38
CA LEU B 830 -52.09 21.09 21.49
C LEU B 830 -52.59 21.99 20.35
N GLU B 831 -53.73 21.60 19.86
CA GLU B 831 -54.33 22.29 18.78
C GLU B 831 -54.60 23.79 19.11
N SER B 832 -55.06 24.08 20.32
CA SER B 832 -55.36 25.47 20.63
C SER B 832 -54.08 26.28 20.81
N ARG B 833 -53.06 25.71 21.49
CA ARG B 833 -51.72 26.35 21.56
C ARG B 833 -51.11 26.74 20.20
N VAL B 834 -51.07 25.75 19.29
CA VAL B 834 -50.69 26.08 17.92
C VAL B 834 -51.50 27.25 17.40
N GLU B 835 -52.80 27.28 17.66
CA GLU B 835 -53.58 28.37 17.11
C GLU B 835 -53.22 29.65 17.82
N ALA B 836 -52.89 29.60 19.11
CA ALA B 836 -52.45 30.77 19.87
C ALA B 836 -51.12 31.28 19.32
N PHE B 837 -50.18 30.35 19.13
CA PHE B 837 -48.97 30.68 18.46
C PHE B 837 -49.18 31.47 17.17
N LEU B 838 -50.11 31.00 16.34
CA LEU B 838 -50.35 31.60 15.02
C LEU B 838 -50.72 33.05 15.18
N ILE B 839 -51.48 33.34 16.21
CA ILE B 839 -51.84 34.72 16.49
C ILE B 839 -50.60 35.64 16.84
N THR B 840 -49.91 35.29 17.93
CA THR B 840 -48.58 35.80 18.23
C THR B 840 -47.70 35.96 17.01
N MET B 841 -47.90 35.12 16.01
CA MET B 841 -46.98 35.20 14.90
C MET B 841 -47.46 36.33 14.04
N GLU B 842 -48.78 36.54 13.99
CA GLU B 842 -49.34 37.62 13.22
C GLU B 842 -48.76 38.91 13.76
N LYS B 843 -48.79 39.03 15.09
CA LYS B 843 -48.44 40.30 15.67
C LYS B 843 -46.95 40.46 15.43
N SER B 844 -46.18 39.39 15.62
CA SER B 844 -44.71 39.49 15.45
C SER B 844 -44.26 40.04 14.11
N ILE B 845 -45.02 39.71 13.08
CA ILE B 845 -44.75 40.13 11.71
C ILE B 845 -45.24 41.55 11.50
N GLU B 846 -46.30 41.89 12.19
CA GLU B 846 -46.79 43.25 12.30
C GLU B 846 -45.65 44.26 12.65
N ASP B 847 -44.87 43.85 13.64
CA ASP B 847 -44.05 44.74 14.38
C ASP B 847 -42.66 44.44 13.95
N MET B 848 -42.52 43.54 13.01
CA MET B 848 -41.20 43.18 12.59
C MET B 848 -40.68 44.31 11.72
N THR B 849 -39.45 44.75 11.96
CA THR B 849 -38.84 45.78 11.08
C THR B 849 -38.37 45.26 9.70
N GLU B 850 -38.16 46.20 8.79
CA GLU B 850 -37.65 45.87 7.46
C GLU B 850 -36.29 45.14 7.53
N GLU B 851 -35.47 45.55 8.48
CA GLU B 851 -34.16 44.92 8.68
C GLU B 851 -34.38 43.43 8.99
N ALA B 852 -35.25 43.18 9.98
CA ALA B 852 -35.62 41.84 10.43
C ALA B 852 -36.18 41.01 9.23
N PHE B 853 -37.19 41.54 8.56
CA PHE B 853 -37.68 40.95 7.36
C PHE B 853 -36.68 40.46 6.28
N GLN B 854 -35.61 41.21 6.09
CA GLN B 854 -34.78 40.96 4.96
C GLN B 854 -33.75 39.94 5.34
N LYS B 855 -33.49 39.89 6.65
CA LYS B 855 -32.56 38.88 7.20
C LYS B 855 -33.16 37.52 6.86
N HIS B 856 -34.50 37.45 6.95
CA HIS B 856 -35.24 36.21 6.71
C HIS B 856 -35.17 35.86 5.23
N ILE B 857 -35.57 36.81 4.37
CA ILE B 857 -35.44 36.64 2.95
C ILE B 857 -34.01 36.15 2.70
N GLN B 858 -33.07 36.82 3.35
CA GLN B 858 -31.70 36.52 3.08
C GLN B 858 -31.38 35.12 3.58
N ALA B 859 -32.05 34.69 4.65
CA ALA B 859 -31.60 33.40 5.24
C ALA B 859 -32.17 32.31 4.37
N LEU B 860 -33.46 32.41 4.05
CA LEU B 860 -34.06 31.51 3.04
C LEU B 860 -33.21 31.37 1.76
N ALA B 861 -32.91 32.52 1.17
CA ALA B 861 -32.03 32.60 0.03
C ALA B 861 -30.72 31.82 0.20
N ILE B 862 -29.99 32.04 1.28
CA ILE B 862 -28.79 31.28 1.44
C ILE B 862 -29.01 29.76 1.52
N ARG B 863 -30.10 29.32 2.18
CA ARG B 863 -30.49 27.85 2.25
C ARG B 863 -30.80 27.25 0.86
N ARG B 864 -31.59 27.93 0.03
CA ARG B 864 -32.03 27.31 -1.21
C ARG B 864 -30.89 27.25 -2.19
N LEU B 865 -30.07 28.30 -2.14
CA LEU B 865 -28.92 28.50 -3.04
C LEU B 865 -27.63 27.78 -2.76
N ASP B 866 -27.57 27.17 -1.61
CA ASP B 866 -26.38 26.55 -1.12
C ASP B 866 -25.91 25.40 -2.00
N LYS B 867 -24.78 25.56 -2.71
CA LYS B 867 -24.18 24.45 -3.54
C LYS B 867 -24.18 23.00 -2.92
N PRO B 868 -24.48 21.97 -3.74
CA PRO B 868 -24.28 20.56 -3.38
C PRO B 868 -22.81 20.16 -3.26
N LYS B 869 -22.37 19.55 -2.19
CA LYS B 869 -20.92 19.32 -1.98
C LYS B 869 -20.43 17.95 -2.47
N LYS B 870 -21.33 16.94 -2.58
CA LYS B 870 -21.05 15.68 -3.24
C LYS B 870 -21.93 15.34 -4.42
N LEU B 871 -21.46 14.46 -5.29
CA LEU B 871 -22.23 14.08 -6.46
C LEU B 871 -23.71 13.71 -6.10
N SER B 872 -23.87 12.76 -5.21
CA SER B 872 -25.19 12.25 -5.00
C SER B 872 -26.15 13.25 -4.34
N ALA B 873 -25.63 14.32 -3.74
CA ALA B 873 -26.52 15.46 -3.41
C ALA B 873 -27.07 16.19 -4.71
N GLU B 874 -26.22 16.55 -5.68
CA GLU B 874 -26.70 17.05 -6.94
C GLU B 874 -27.70 16.05 -7.63
N SER B 875 -27.42 14.76 -7.78
CA SER B 875 -28.43 13.80 -8.26
C SER B 875 -29.76 13.78 -7.53
N ALA B 876 -29.75 13.92 -6.21
CA ALA B 876 -30.99 13.94 -5.40
C ALA B 876 -31.82 15.16 -5.83
N LYS B 877 -31.17 16.29 -5.95
CA LYS B 877 -31.75 17.48 -6.50
C LYS B 877 -32.36 17.21 -7.86
N TYR B 878 -31.66 16.56 -8.80
CA TYR B 878 -32.26 16.38 -10.13
C TYR B 878 -33.36 15.30 -10.10
N TRP B 879 -33.01 14.19 -9.49
CA TRP B 879 -33.97 13.16 -9.26
C TRP B 879 -35.36 13.66 -8.72
N GLY B 880 -35.37 14.62 -7.76
CA GLY B 880 -36.59 15.29 -7.26
C GLY B 880 -37.45 15.85 -8.38
N GLU B 881 -36.84 16.73 -9.20
CA GLU B 881 -37.45 17.36 -10.34
C GLU B 881 -38.02 16.30 -11.28
N ILE B 882 -37.29 15.18 -11.45
CA ILE B 882 -37.71 14.11 -12.32
C ILE B 882 -38.89 13.23 -11.79
N ILE B 883 -38.75 12.58 -10.63
CA ILE B 883 -39.83 11.84 -10.14
C ILE B 883 -40.99 12.72 -9.81
N SER B 884 -40.86 13.99 -9.47
CA SER B 884 -42.08 14.83 -9.29
C SER B 884 -42.59 15.31 -10.66
N GLN B 885 -41.87 14.98 -11.71
CA GLN B 885 -42.21 15.49 -13.04
C GLN B 885 -42.40 16.93 -13.19
N GLN B 886 -41.79 17.74 -12.38
CA GLN B 886 -41.83 19.14 -12.68
C GLN B 886 -40.60 19.54 -13.51
N TYR B 887 -39.53 18.74 -13.52
CA TYR B 887 -38.41 19.06 -14.40
C TYR B 887 -37.83 20.46 -14.28
N ASN B 888 -38.05 21.12 -13.18
CA ASN B 888 -37.57 22.49 -13.06
C ASN B 888 -36.10 22.64 -12.51
N PHE B 889 -35.14 22.18 -13.30
CA PHE B 889 -33.73 22.06 -12.92
C PHE B 889 -33.02 23.30 -12.48
N ASP B 890 -33.59 24.47 -12.81
CA ASP B 890 -32.99 25.76 -12.52
C ASP B 890 -33.86 26.51 -11.46
N ARG B 891 -34.54 25.71 -10.63
CA ARG B 891 -35.61 26.14 -9.76
C ARG B 891 -35.16 27.17 -8.74
N ASP B 892 -33.93 26.96 -8.29
CA ASP B 892 -33.35 27.72 -7.18
C ASP B 892 -33.09 29.16 -7.57
N ASN B 893 -32.54 29.37 -8.77
CA ASN B 893 -32.47 30.75 -9.26
C ASN B 893 -33.80 31.40 -9.52
N THR B 894 -34.74 30.71 -10.17
CA THR B 894 -35.91 31.49 -10.47
C THR B 894 -36.63 31.71 -9.15
N GLU B 895 -36.67 30.69 -8.30
CA GLU B 895 -37.38 30.89 -7.05
C GLU B 895 -36.78 31.94 -6.09
N VAL B 896 -35.46 31.96 -5.98
CA VAL B 896 -34.80 32.89 -5.07
C VAL B 896 -34.97 34.33 -5.60
N ALA B 897 -34.73 34.53 -6.94
CA ALA B 897 -34.95 35.80 -7.63
C ALA B 897 -36.35 36.19 -7.34
N TYR B 898 -37.35 35.39 -7.67
CA TYR B 898 -38.69 35.82 -7.26
C TYR B 898 -38.86 36.21 -5.77
N LEU B 899 -38.53 35.29 -4.82
CA LEU B 899 -38.47 35.55 -3.35
C LEU B 899 -38.03 36.98 -3.01
N LYS B 900 -36.80 37.31 -3.45
CA LYS B 900 -36.29 38.68 -3.33
C LYS B 900 -37.31 39.83 -3.56
N THR B 901 -38.25 39.69 -4.52
CA THR B 901 -39.42 40.58 -4.66
C THR B 901 -40.33 40.73 -3.47
N LEU B 902 -40.46 39.70 -2.64
CA LEU B 902 -41.64 39.66 -1.72
C LEU B 902 -41.59 40.70 -0.60
N THR B 903 -42.70 41.41 -0.33
CA THR B 903 -42.70 42.39 0.77
C THR B 903 -43.29 41.85 2.07
N LYS B 904 -42.99 42.45 3.22
CA LYS B 904 -43.67 42.11 4.48
C LYS B 904 -45.23 42.21 4.32
N GLU B 905 -45.66 43.29 3.73
CA GLU B 905 -46.99 43.43 3.21
C GLU B 905 -47.54 42.18 2.45
N ASP B 906 -46.71 41.51 1.64
CA ASP B 906 -47.20 40.35 0.90
C ASP B 906 -47.46 39.19 1.82
N ILE B 907 -46.44 38.78 2.54
CA ILE B 907 -46.59 37.71 3.50
C ILE B 907 -47.80 37.92 4.38
N ILE B 908 -47.96 39.10 4.99
CA ILE B 908 -49.18 39.34 5.76
C ILE B 908 -50.49 39.02 5.01
N LYS B 909 -50.61 39.56 3.81
CA LYS B 909 -51.82 39.36 3.02
C LYS B 909 -52.07 37.85 2.80
N PHE B 910 -51.05 37.14 2.27
CA PHE B 910 -51.10 35.69 2.12
C PHE B 910 -51.56 34.95 3.41
N TYR B 911 -50.87 35.19 4.53
CA TYR B 911 -51.39 34.78 5.86
C TYR B 911 -52.89 34.96 6.10
N LYS B 912 -53.40 36.18 5.92
CA LYS B 912 -54.76 36.45 6.29
C LYS B 912 -55.67 35.85 5.26
N GLU B 913 -55.21 35.62 4.04
CA GLU B 913 -56.11 34.89 3.12
C GLU B 913 -56.13 33.34 3.24
N MET B 914 -55.04 32.72 3.71
CA MET B 914 -54.95 31.25 3.79
C MET B 914 -54.78 30.62 5.10
N LEU B 915 -54.19 31.28 6.12
CA LEU B 915 -53.86 30.56 7.37
C LEU B 915 -54.53 31.02 8.64
N ALA B 916 -54.84 32.30 8.69
CA ALA B 916 -55.45 32.88 9.89
C ALA B 916 -56.77 32.18 10.22
N VAL B 917 -57.00 32.02 11.51
CA VAL B 917 -58.15 31.29 12.02
C VAL B 917 -59.45 31.66 11.29
N ASP B 918 -59.51 32.84 10.63
CA ASP B 918 -60.75 33.24 9.99
C ASP B 918 -60.54 33.65 8.57
N ALA B 919 -59.62 32.99 7.90
CA ALA B 919 -59.29 33.29 6.52
C ALA B 919 -60.36 32.77 5.58
N PRO B 920 -60.58 33.43 4.44
CA PRO B 920 -61.67 32.87 3.64
C PRO B 920 -61.24 31.53 3.02
N ARG B 921 -59.95 31.31 2.87
CA ARG B 921 -59.55 30.08 2.23
C ARG B 921 -58.79 29.09 3.11
N ARG B 922 -59.00 29.12 4.43
CA ARG B 922 -58.29 28.22 5.31
C ARG B 922 -58.74 26.78 5.03
N HIS B 923 -57.79 25.88 4.77
CA HIS B 923 -58.10 24.49 4.61
C HIS B 923 -57.40 23.70 5.69
N LYS B 924 -58.08 23.33 6.73
CA LYS B 924 -57.36 22.72 7.79
C LYS B 924 -57.77 21.27 7.93
N VAL B 925 -56.79 20.34 8.06
CA VAL B 925 -57.03 18.94 8.58
C VAL B 925 -56.10 18.61 9.76
N SER B 926 -56.57 17.81 10.71
CA SER B 926 -55.81 17.51 11.88
C SER B 926 -55.96 16.04 12.15
N VAL B 927 -54.82 15.38 12.40
CA VAL B 927 -54.80 14.02 12.81
C VAL B 927 -54.38 13.98 14.29
N HIS B 928 -55.22 13.42 15.15
CA HIS B 928 -54.94 13.33 16.56
C HIS B 928 -54.61 11.90 16.95
N VAL B 929 -53.51 11.72 17.65
CA VAL B 929 -53.26 10.36 18.03
C VAL B 929 -53.20 10.23 19.56
N LEU B 930 -54.27 9.72 20.16
CA LEU B 930 -54.34 9.62 21.59
C LEU B 930 -53.32 8.68 22.14
N ALA B 931 -52.84 9.01 23.33
CA ALA B 931 -51.99 8.12 24.14
C ALA B 931 -52.67 6.83 24.54
N ARG B 932 -51.86 5.82 24.78
CA ARG B 932 -52.29 4.53 25.17
C ARG B 932 -53.48 4.67 26.12
N GLU B 933 -53.49 5.66 27.01
CA GLU B 933 -54.68 5.72 27.87
C GLU B 933 -55.41 7.01 28.03
N MET B 934 -56.28 7.38 27.10
CA MET B 934 -57.06 8.59 27.19
C MET B 934 -58.52 8.33 26.92
N ASN B 950 -49.63 35.11 32.15
CA ASN B 950 -49.86 33.67 32.18
C ASN B 950 -49.23 32.91 30.92
N LEU B 951 -50.08 32.50 29.93
CA LEU B 951 -49.70 32.13 28.53
C LEU B 951 -50.56 32.96 27.62
N SER B 952 -50.11 33.12 26.39
CA SER B 952 -50.89 33.80 25.38
C SER B 952 -52.21 33.02 25.07
N GLN B 953 -53.30 33.74 24.77
CA GLN B 953 -54.65 33.16 24.67
C GLN B 953 -54.99 32.52 23.33
N ALA B 954 -55.64 31.34 23.34
CA ALA B 954 -55.98 30.67 22.08
C ALA B 954 -57.23 31.33 21.50
N PRO B 955 -57.41 31.35 20.15
CA PRO B 955 -58.67 31.90 19.57
C PRO B 955 -59.75 30.84 19.67
N ALA B 956 -60.98 31.19 19.35
CA ALA B 956 -62.05 30.20 19.54
C ALA B 956 -62.11 29.39 18.26
N LEU B 957 -62.23 28.08 18.36
CA LEU B 957 -62.33 27.33 17.10
C LEU B 957 -63.72 26.68 16.83
N PRO B 958 -64.11 26.59 15.55
CA PRO B 958 -65.29 25.90 15.07
C PRO B 958 -65.35 24.38 15.45
N GLN B 959 -66.53 23.75 15.38
CA GLN B 959 -66.65 22.28 15.51
C GLN B 959 -66.04 21.68 14.28
N PRO B 960 -65.10 20.77 14.45
CA PRO B 960 -64.61 20.11 13.24
C PRO B 960 -65.58 19.04 12.81
N GLU B 961 -65.59 18.74 11.53
CA GLU B 961 -66.25 17.54 11.07
C GLU B 961 -65.28 16.41 11.33
N VAL B 962 -65.71 15.37 12.02
CA VAL B 962 -64.85 14.32 12.43
C VAL B 962 -64.96 13.19 11.39
N ILE B 963 -63.88 12.82 10.69
CA ILE B 963 -63.85 11.79 9.68
C ILE B 963 -64.10 10.49 10.38
N GLN B 964 -65.12 9.79 9.99
CA GLN B 964 -65.35 8.46 10.48
C GLN B 964 -64.71 7.36 9.63
N ASN B 965 -64.46 7.59 8.34
CA ASN B 965 -64.03 6.54 7.44
C ASN B 965 -63.24 7.19 6.33
N MET B 966 -61.98 6.76 6.13
CA MET B 966 -61.11 7.45 5.17
C MET B 966 -61.61 7.47 3.73
N THR B 967 -62.15 6.35 3.29
CA THR B 967 -62.67 6.22 1.97
C THR B 967 -63.84 7.13 1.82
N GLU B 968 -64.81 7.13 2.72
CA GLU B 968 -65.81 8.18 2.70
C GLU B 968 -65.29 9.60 2.61
N PHE B 969 -64.33 9.93 3.46
CA PHE B 969 -63.78 11.24 3.41
C PHE B 969 -63.22 11.52 2.04
N LYS B 970 -62.36 10.69 1.50
CA LYS B 970 -61.89 10.94 0.12
C LYS B 970 -63.02 11.02 -0.95
N ARG B 971 -64.01 10.15 -0.91
CA ARG B 971 -65.03 10.10 -1.92
C ARG B 971 -65.89 11.37 -1.94
N GLY B 972 -66.06 12.00 -0.77
CA GLY B 972 -66.83 13.22 -0.62
C GLY B 972 -66.07 14.47 -0.90
N LEU B 973 -64.83 14.42 -1.39
CA LEU B 973 -64.26 15.73 -1.82
C LEU B 973 -63.65 15.69 -3.21
N PRO B 974 -63.36 16.87 -3.77
CA PRO B 974 -62.75 16.87 -5.11
C PRO B 974 -61.24 16.45 -5.06
N LEU B 975 -60.61 16.13 -6.18
CA LEU B 975 -59.18 15.90 -6.24
C LEU B 975 -58.49 17.07 -6.96
N PHE B 976 -57.31 17.52 -6.53
CA PHE B 976 -56.61 18.57 -7.33
C PHE B 976 -56.28 18.10 -8.74
N PRO B 977 -56.03 19.07 -9.65
CA PRO B 977 -55.30 18.75 -10.97
C PRO B 977 -53.90 18.15 -10.71
N LEU B 978 -53.27 17.49 -11.67
CA LEU B 978 -51.84 17.19 -11.54
C LEU B 978 -51.00 18.42 -11.93
N VAL B 979 -49.90 18.67 -11.26
CA VAL B 979 -49.08 19.87 -11.64
C VAL B 979 -48.63 19.77 -13.11
N LYS B 980 -48.29 20.88 -13.76
CA LYS B 980 -47.79 20.79 -15.15
C LYS B 980 -46.23 20.65 -15.24
N PRO B 981 -45.73 19.69 -16.08
CA PRO B 981 -44.28 19.62 -16.43
C PRO B 981 -43.71 21.02 -16.78
N HIS B 982 -42.52 21.36 -16.32
CA HIS B 982 -41.99 22.71 -16.58
C HIS B 982 -41.38 22.77 -18.02
N ILE B 983 -41.06 23.84 -18.53
N GLY C 1 44.68 -19.26 -14.90
CA GLY C 1 44.25 -20.02 -16.06
C GLY C 1 43.11 -20.97 -15.74
N ILE C 2 42.80 -21.10 -14.45
CA ILE C 2 41.72 -21.98 -14.02
C ILE C 2 40.37 -21.28 -14.12
N VAL C 3 39.42 -21.91 -14.82
CA VAL C 3 38.09 -21.35 -14.99
C VAL C 3 37.47 -20.98 -13.63
N GLU C 4 36.91 -19.78 -13.56
CA GLU C 4 36.29 -19.30 -12.35
C GLU C 4 34.84 -19.77 -12.24
N GLN C 5 34.25 -19.62 -11.05
CA GLN C 5 32.88 -20.03 -10.81
C GLN C 5 31.93 -19.44 -11.86
N CYS C 6 32.15 -18.16 -12.18
CA CYS C 6 31.30 -17.47 -13.20
C CYS C 6 31.51 -17.80 -14.68
N CYS C 7 32.59 -18.53 -14.93
CA CYS C 7 32.93 -19.11 -16.21
C CYS C 7 32.39 -20.54 -16.40
N THR C 8 32.65 -21.34 -15.35
CA THR C 8 32.23 -22.74 -15.36
C THR C 8 30.69 -22.83 -15.36
N SER C 9 30.02 -22.14 -14.41
CA SER C 9 28.53 -21.91 -14.43
C SER C 9 28.04 -20.49 -14.79
N ILE C 10 26.72 -20.31 -14.96
CA ILE C 10 26.09 -19.02 -15.30
C ILE C 10 25.59 -18.45 -13.99
N CYS C 11 26.28 -17.38 -13.57
CA CYS C 11 26.06 -16.67 -12.27
C CYS C 11 24.84 -15.75 -12.24
N SER C 12 24.28 -15.54 -11.05
CA SER C 12 23.23 -14.53 -10.77
C SER C 12 23.76 -13.11 -10.88
N LEU C 13 22.92 -12.08 -10.88
CA LEU C 13 23.44 -10.70 -10.68
C LEU C 13 24.07 -10.60 -9.27
N TYR C 14 23.50 -11.31 -8.25
CA TYR C 14 24.07 -11.30 -6.84
C TYR C 14 25.51 -11.74 -6.48
N GLN C 15 25.91 -12.93 -6.97
CA GLN C 15 27.27 -13.44 -7.19
C GLN C 15 28.26 -12.46 -7.90
N LEU C 16 27.79 -11.64 -8.85
CA LEU C 16 28.64 -10.61 -9.53
C LEU C 16 28.99 -9.33 -8.72
N GLU C 17 27.98 -8.61 -8.22
CA GLU C 17 28.07 -7.57 -7.16
C GLU C 17 28.91 -7.96 -5.92
N ASN C 18 28.84 -9.22 -5.52
CA ASN C 18 29.63 -9.85 -4.48
C ASN C 18 31.18 -9.50 -4.43
N TYR C 19 31.85 -9.28 -5.58
CA TYR C 19 33.28 -8.80 -5.56
C TYR C 19 33.59 -7.29 -5.78
N CYS C 20 32.60 -6.43 -5.51
CA CYS C 20 32.68 -4.99 -5.83
C CYS C 20 33.03 -4.03 -4.65
N ASN C 21 32.19 -3.71 -3.78
N PHE D 1 17.00 -10.29 -15.85
CA PHE D 1 18.49 -10.68 -15.84
C PHE D 1 18.93 -12.03 -16.58
N VAL D 2 19.85 -12.00 -17.55
CA VAL D 2 20.06 -13.25 -18.29
C VAL D 2 21.14 -14.29 -17.94
N ASN D 3 22.28 -13.92 -17.33
CA ASN D 3 23.25 -13.67 -18.27
C ASN D 3 24.10 -15.04 -18.13
N GLN D 4 25.19 -15.12 -18.87
CA GLN D 4 26.00 -16.08 -19.61
C GLN D 4 27.35 -16.49 -18.85
N HIS D 5 28.24 -17.27 -19.48
CA HIS D 5 29.55 -17.73 -18.89
C HIS D 5 30.69 -16.65 -18.91
N LEU D 6 31.17 -16.24 -17.74
CA LEU D 6 32.15 -15.14 -17.61
C LEU D 6 33.60 -15.70 -17.46
N CYS D 7 34.33 -15.71 -18.58
CA CYS D 7 35.60 -16.43 -18.64
C CYS D 7 36.81 -15.53 -18.76
N GLY D 8 37.61 -15.51 -17.68
CA GLY D 8 38.90 -14.84 -17.70
C GLY D 8 38.75 -13.35 -17.83
N SER D 9 39.29 -12.79 -18.93
CA SER D 9 39.13 -11.34 -19.24
C SER D 9 37.66 -10.89 -19.60
N HIS D 10 36.75 -11.83 -19.83
CA HIS D 10 35.30 -11.50 -19.89
C HIS D 10 34.65 -11.23 -18.52
N LEU D 11 35.10 -11.93 -17.46
CA LEU D 11 34.71 -11.60 -16.07
C LEU D 11 35.27 -10.22 -15.58
N VAL D 12 36.56 -9.93 -15.76
CA VAL D 12 37.16 -8.57 -15.47
C VAL D 12 36.37 -7.41 -16.14
N GLU D 13 36.16 -7.53 -17.46
CA GLU D 13 35.38 -6.57 -18.28
C GLU D 13 33.89 -6.50 -17.95
N ALA D 14 33.16 -7.60 -18.10
CA ALA D 14 31.74 -7.66 -17.63
C ALA D 14 31.22 -7.09 -16.24
N LEU D 15 32.18 -7.06 -15.26
CA LEU D 15 32.13 -6.90 -13.77
C LEU D 15 32.58 -5.44 -13.43
N TYR D 16 33.28 -4.84 -14.40
CA TYR D 16 33.45 -3.36 -14.46
C TYR D 16 32.17 -2.65 -14.86
N LEU D 17 31.46 -3.21 -15.85
CA LEU D 17 30.16 -2.73 -16.25
C LEU D 17 29.12 -2.76 -15.10
N VAL D 18 29.24 -3.69 -14.13
CA VAL D 18 28.27 -3.72 -12.98
C VAL D 18 28.58 -2.68 -11.86
N CYS D 19 29.84 -2.17 -11.80
CA CYS D 19 30.48 -1.43 -10.64
C CYS D 19 31.17 -0.04 -10.89
N GLY D 20 30.41 1.06 -11.00
CA GLY D 20 30.98 2.42 -11.16
C GLY D 20 31.57 3.09 -9.90
N GLY E 1 -22.88 -8.27 8.72
CA GLY E 1 -21.71 -7.44 8.53
C GLY E 1 -21.03 -7.09 9.85
N ILE E 2 -20.09 -6.16 9.78
CA ILE E 2 -19.35 -5.73 10.96
C ILE E 2 -20.24 -4.63 11.54
N VAL E 3 -19.98 -4.25 12.79
CA VAL E 3 -20.76 -3.22 13.46
C VAL E 3 -20.62 -1.99 12.57
N GLU E 4 -21.73 -1.57 11.97
CA GLU E 4 -21.74 -0.40 11.09
C GLU E 4 -21.11 0.69 11.93
N GLN E 5 -20.59 1.77 11.31
CA GLN E 5 -19.98 2.93 12.08
C GLN E 5 -20.78 3.40 13.32
N CYS E 6 -22.09 3.64 13.12
CA CYS E 6 -23.03 4.10 14.15
C CYS E 6 -23.49 3.05 15.17
N CYS E 7 -23.00 1.83 14.96
CA CYS E 7 -23.08 0.71 15.91
C CYS E 7 -21.86 0.65 16.82
N THR E 8 -20.70 0.75 16.19
CA THR E 8 -19.36 0.54 16.78
C THR E 8 -19.06 1.71 17.74
N SER E 9 -19.40 2.94 17.30
CA SER E 9 -19.34 4.21 18.08
C SER E 9 -20.76 4.73 18.26
N ILE E 10 -20.96 5.71 19.13
CA ILE E 10 -22.31 6.27 19.31
C ILE E 10 -22.38 7.52 18.42
N CYS E 11 -23.50 7.81 17.72
CA CYS E 11 -23.53 8.98 16.77
C CYS E 11 -24.39 10.19 17.09
N SER E 12 -24.04 11.28 16.42
CA SER E 12 -24.78 12.51 16.54
C SER E 12 -26.10 12.29 15.83
N LEU E 13 -27.04 13.26 15.96
CA LEU E 13 -28.24 13.34 15.06
C LEU E 13 -27.83 13.62 13.59
N TYR E 14 -26.72 14.36 13.39
CA TYR E 14 -26.19 14.64 12.02
C TYR E 14 -25.85 13.43 11.11
N GLN E 15 -24.86 12.66 11.57
CA GLN E 15 -24.41 11.43 10.92
C GLN E 15 -25.58 10.54 10.58
N LEU E 16 -26.56 10.45 11.46
CA LEU E 16 -27.73 9.62 11.21
C LEU E 16 -28.74 9.93 10.11
N GLU E 17 -29.37 11.09 10.20
CA GLU E 17 -30.17 11.65 9.11
C GLU E 17 -29.40 11.93 7.82
N ASN E 18 -28.08 12.05 7.94
CA ASN E 18 -27.19 12.15 6.79
C ASN E 18 -27.32 10.96 5.86
N TYR E 19 -28.20 10.03 6.21
CA TYR E 19 -28.42 8.83 5.41
C TYR E 19 -29.63 8.98 4.50
N CYS E 20 -30.49 9.94 4.84
CA CYS E 20 -31.73 10.20 4.02
C CYS E 20 -31.51 11.05 2.75
N ASN E 21 -30.41 11.58 2.46
N PHE F 1 -28.04 15.30 22.62
CA PHE F 1 -29.40 14.81 22.81
C PHE F 1 -28.41 13.66 22.98
N VAL F 2 -28.91 12.53 23.46
CA VAL F 2 -28.06 11.39 23.79
C VAL F 2 -28.48 10.36 22.75
N ASN F 3 -27.81 9.20 22.77
CA ASN F 3 -28.04 8.16 21.78
C ASN F 3 -27.42 6.88 22.32
N GLN F 4 -27.61 5.78 21.61
CA GLN F 4 -26.90 4.53 21.85
C GLN F 4 -26.14 3.96 20.63
N HIS F 5 -25.64 2.73 20.80
CA HIS F 5 -25.06 1.91 19.72
C HIS F 5 -26.15 1.40 18.77
N LEU F 6 -26.20 1.92 17.53
CA LEU F 6 -27.22 1.46 16.57
C LEU F 6 -26.71 0.31 15.64
N CYS F 7 -26.94 -0.95 16.09
CA CYS F 7 -26.43 -2.17 15.40
C CYS F 7 -27.48 -2.91 14.64
N GLY F 8 -27.24 -2.99 13.33
CA GLY F 8 -28.08 -3.79 12.41
C GLY F 8 -29.44 -3.17 12.12
N SER F 9 -30.49 -3.93 12.40
CA SER F 9 -31.84 -3.43 12.13
C SER F 9 -32.25 -2.43 13.23
N HIS F 10 -31.40 -2.25 14.23
CA HIS F 10 -31.60 -1.18 15.20
C HIS F 10 -31.24 0.16 14.58
N LEU F 11 -30.14 0.20 13.80
CA LEU F 11 -29.87 1.29 12.81
C LEU F 11 -31.06 1.52 11.84
N VAL F 12 -31.68 0.44 11.33
CA VAL F 12 -32.85 0.51 10.40
C VAL F 12 -34.20 1.05 11.02
N GLU F 13 -34.56 0.57 12.23
CA GLU F 13 -35.60 1.13 13.14
C GLU F 13 -35.32 2.62 13.43
N ALA F 14 -34.04 2.96 13.71
CA ALA F 14 -33.62 4.38 14.02
C ALA F 14 -33.65 5.39 12.81
N LEU F 15 -33.20 4.95 11.61
CA LEU F 15 -33.29 5.72 10.32
C LEU F 15 -34.76 5.88 9.80
N TYR F 16 -35.55 4.81 9.89
CA TYR F 16 -36.97 4.87 9.56
C TYR F 16 -37.71 5.97 10.42
N LEU F 17 -37.32 6.19 11.70
CA LEU F 17 -37.88 7.24 12.62
C LEU F 17 -37.19 8.62 12.51
N VAL F 18 -35.87 8.64 12.35
CA VAL F 18 -35.11 9.93 12.19
C VAL F 18 -35.46 10.63 10.82
N CYS F 19 -35.84 9.86 9.78
CA CYS F 19 -36.13 10.38 8.39
C CYS F 19 -37.50 10.90 7.82
N GLY F 20 -38.60 10.11 7.94
CA GLY F 20 -39.94 10.50 7.46
C GLY F 20 -40.51 11.70 8.24
ZN ZN G . 15.91 -10.07 -17.22
C1 DIO H . 60.18 -14.74 6.66
C2 DIO H . 59.26 -13.32 5.13
C1' DIO H . 59.28 -14.31 7.82
C2' DIO H . 58.36 -12.71 6.21
O1 DIO H . 60.47 -13.62 5.80
O1' DIO H . 58.88 -12.98 7.53
C1 DIO I . 56.66 -20.59 -0.35
C2 DIO I . 58.51 -19.65 0.72
C1' DIO I . 55.98 -20.27 1.01
C2' DIO I . 58.11 -20.75 1.72
O1 DIO I . 57.83 -19.82 -0.53
O1' DIO I . 56.78 -20.52 2.17
C1 DIO J . 32.91 -20.39 -32.03
C2 DIO J . 33.71 -20.49 -29.73
C1' DIO J . 32.33 -18.99 -31.82
C2' DIO J . 33.39 -18.98 -29.60
O1 DIO J . 32.95 -21.10 -30.78
O1' DIO J . 32.25 -18.68 -30.42
C1 DIO K . 44.39 -23.41 -38.37
C2 DIO K . 45.29 -22.44 -36.38
C1' DIO K . 45.65 -22.81 -38.95
C2' DIO K . 46.12 -21.40 -37.11
O1 DIO K . 44.12 -22.72 -37.13
O1' DIO K . 45.69 -21.47 -38.45
ZN ZN L . -30.93 15.70 24.73
C1 DIO M . -28.49 -7.35 25.73
C2 DIO M . -26.90 -8.99 26.46
C1' DIO M . -28.97 -7.14 27.17
C2' DIO M . -27.22 -8.66 27.92
O1 DIO M . -27.12 -7.82 25.65
O1' DIO M . -28.57 -8.21 28.02
C1 DIO N . -12.09 1.12 8.19
C2 DIO N . -10.04 1.62 9.52
C1' DIO N . -13.00 1.62 9.31
C2' DIO N . -10.94 2.15 10.63
O1 DIO N . -10.83 0.67 8.74
O1' DIO N . -12.26 1.54 10.55
C1 DIO O . -28.65 -21.98 23.84
C2 DIO O . -29.88 -23.64 25.08
C1' DIO O . -27.80 -21.60 25.02
C2' DIO O . -29.12 -23.26 26.35
O1 DIO O . -29.92 -22.39 24.36
O1' DIO O . -28.63 -21.90 26.15
C1 DIO P . -29.68 -8.56 13.52
C2 DIO P . -29.95 -7.74 15.76
C1' DIO P . -29.24 -7.21 13.03
C2' DIO P . -29.41 -6.37 15.33
O1 DIO P . -30.59 -8.31 14.61
O1' DIO P . -29.80 -6.25 13.95
#